data_5TT3
#
_entry.id   5TT3
#
_cell.length_a   42.980
_cell.length_b   138.860
_cell.length_c   168.180
_cell.angle_alpha   90.000
_cell.angle_beta   90.040
_cell.angle_gamma   90.000
#
_symmetry.space_group_name_H-M   'P 1 21 1'
#
loop_
_entity.id
_entity.type
_entity.pdbx_description
1 polymer 'Alpha-carbonic anhydrase'
2 non-polymer 'ZINC ION'
3 non-polymer 'CHLORIDE ION'
4 non-polymer 6-ethoxy-1,3-benzothiazole-2-sulfonamide
5 non-polymer GLYCEROL
6 water water
#
_entity_poly.entity_id   1
_entity_poly.type   'polypeptide(L)'
_entity_poly.pdbx_seq_one_letter_code
;GIDPFTNTKWDYKNKENGPHRWDKLHKDFEVCKSGKSQSPINIEHYYHTQDKADLQFKYAASKPKAVFFTHHTLKASFEP
TNHINYRGHDYVLDNVHFHAPMEFLINNKTRPLSAHFVHKDAKGRLLVLAIGFEEGKENPNLDPILEGIQKKQNFKEVAL
DAFLPKSINYYHFNGSLTAPPCTEGVAWFVIEEPLEVSAKQLAEIKKRMKNSPNQRPVQPDYNTVIIKSSAETR
;
_entity_poly.pdbx_strand_id   A,B,C,D,E,F,G,H
#
loop_
_chem_comp.id
_chem_comp.type
_chem_comp.name
_chem_comp.formula
CL non-polymer 'CHLORIDE ION' 'Cl -1'
EZL non-polymer 6-ethoxy-1,3-benzothiazole-2-sulfonamide 'C9 H10 N2 O3 S2'
GOL non-polymer GLYCEROL 'C3 H8 O3'
ZN non-polymer 'ZINC ION' 'Zn 2'
#
# COMPACT_ATOMS: atom_id res chain seq x y z
N LYS A 9 12.39 5.47 -8.82
CA LYS A 9 12.01 6.23 -10.00
C LYS A 9 11.36 7.56 -9.66
N TRP A 10 11.58 8.09 -8.47
CA TRP A 10 10.78 9.25 -8.06
C TRP A 10 11.32 10.52 -8.65
N ASP A 11 10.39 11.38 -9.07
CA ASP A 11 10.75 12.67 -9.62
C ASP A 11 9.63 13.65 -9.31
N TYR A 12 9.75 14.89 -9.75
CA TYR A 12 8.73 15.85 -9.43
C TYR A 12 7.78 16.11 -10.62
N LYS A 13 7.96 15.35 -11.70
CA LYS A 13 7.15 15.55 -12.91
C LYS A 13 5.72 15.02 -12.75
N ASN A 14 4.85 15.46 -13.65
CA ASN A 14 3.41 15.20 -13.57
C ASN A 14 3.01 13.81 -14.08
N LYS A 15 3.98 12.92 -14.25
CA LYS A 15 3.68 11.63 -14.86
C LYS A 15 3.41 10.63 -13.70
N GLU A 16 3.71 9.36 -13.89
CA GLU A 16 3.41 8.39 -12.86
C GLU A 16 4.34 8.59 -11.62
N ASN A 17 5.45 9.29 -11.82
CA ASN A 17 6.48 9.38 -10.80
C ASN A 17 6.51 10.66 -9.94
N GLY A 18 5.45 11.45 -10.00
CA GLY A 18 5.34 12.64 -9.17
C GLY A 18 4.94 12.36 -7.73
N PRO A 19 4.93 13.42 -6.89
CA PRO A 19 4.67 13.38 -5.43
C PRO A 19 3.32 12.81 -5.05
N HIS A 20 2.30 13.06 -5.86
CA HIS A 20 0.98 12.55 -5.52
C HIS A 20 1.03 11.03 -5.63
N ARG A 21 2.05 10.50 -6.31
CA ARG A 21 2.20 9.05 -6.43
C ARG A 21 3.47 8.45 -5.80
N TRP A 22 4.26 9.23 -5.06
CA TRP A 22 5.52 8.71 -4.48
C TRP A 22 5.32 7.46 -3.61
N ASP A 23 4.20 7.36 -2.92
CA ASP A 23 3.98 6.17 -2.11
C ASP A 23 3.87 4.90 -2.98
N LYS A 24 3.44 5.03 -4.22
CA LYS A 24 3.31 3.85 -5.09
C LYS A 24 4.63 3.25 -5.63
N LEU A 25 5.68 4.05 -5.78
CA LEU A 25 6.92 3.56 -6.39
C LEU A 25 7.71 2.55 -5.57
N HIS A 26 7.75 2.69 -4.24
CA HIS A 26 8.45 1.73 -3.37
C HIS A 26 7.71 1.63 -2.04
N LYS A 27 7.74 0.46 -1.39
CA LYS A 27 7.03 0.31 -0.12
C LYS A 27 7.78 1.03 0.98
N ASP A 28 9.05 1.30 0.71
CA ASP A 28 9.90 2.09 1.57
C ASP A 28 9.44 3.56 1.64
N PHE A 29 8.63 3.98 0.67
CA PHE A 29 8.15 5.36 0.52
C PHE A 29 6.70 5.59 0.94
N GLU A 30 6.02 4.61 1.53
CA GLU A 30 4.60 4.84 1.77
C GLU A 30 4.37 5.87 2.86
N VAL A 31 5.32 6.03 3.78
CA VAL A 31 5.15 7.02 4.85
C VAL A 31 4.95 8.39 4.23
N CYS A 32 5.34 8.54 2.98
CA CYS A 32 5.10 9.79 2.26
C CYS A 32 3.62 10.11 2.24
N LYS A 33 2.79 9.08 2.26
CA LYS A 33 1.36 9.28 2.26
C LYS A 33 0.76 9.13 3.63
N SER A 34 1.14 8.08 4.32
CA SER A 34 0.49 7.71 5.58
C SER A 34 1.01 8.52 6.75
N GLY A 35 2.19 9.09 6.60
CA GLY A 35 2.81 9.85 7.66
C GLY A 35 2.00 11.07 8.10
N LYS A 36 2.05 11.35 9.39
CA LYS A 36 1.24 12.43 9.93
C LYS A 36 2.03 13.67 10.30
N SER A 37 3.33 13.69 10.06
CA SER A 37 4.11 14.91 10.21
CA SER A 37 4.09 14.92 10.21
C SER A 37 4.88 15.17 8.93
N GLN A 38 4.17 15.27 7.83
CA GLN A 38 4.84 15.38 6.53
C GLN A 38 5.21 16.82 6.21
N SER A 39 6.42 17.01 5.71
CA SER A 39 6.93 18.31 5.33
C SER A 39 7.03 18.37 3.82
N PRO A 40 6.97 19.57 3.23
CA PRO A 40 6.86 20.87 3.86
C PRO A 40 5.42 21.25 4.12
N ILE A 41 5.23 22.34 4.85
CA ILE A 41 3.92 22.90 5.16
C ILE A 41 3.97 24.43 5.12
N ASN A 42 2.81 25.05 5.25
CA ASN A 42 2.73 26.50 5.39
C ASN A 42 2.79 26.92 6.85
N ILE A 43 3.81 27.70 7.18
CA ILE A 43 4.02 28.09 8.55
C ILE A 43 3.30 29.40 8.85
N GLU A 44 2.11 29.30 9.40
CA GLU A 44 1.33 30.50 9.70
C GLU A 44 0.81 30.52 11.14
N HIS A 45 0.63 29.35 11.75
CA HIS A 45 0.17 29.33 13.14
C HIS A 45 1.32 28.82 14.02
N TYR A 46 1.70 29.59 15.03
CA TYR A 46 2.84 29.18 15.84
C TYR A 46 2.82 29.88 17.18
N TYR A 47 3.73 29.47 18.05
CA TYR A 47 3.81 30.01 19.38
C TYR A 47 5.05 30.87 19.58
N HIS A 48 4.88 32.09 20.08
CA HIS A 48 6.03 32.93 20.37
C HIS A 48 6.60 32.48 21.71
N THR A 49 7.92 32.48 21.84
CA THR A 49 8.50 31.91 23.05
C THR A 49 9.71 32.68 23.65
N GLN A 50 9.98 32.41 24.93
CA GLN A 50 11.13 32.96 25.61
C GLN A 50 12.36 32.61 24.80
N ASP A 51 13.31 33.51 24.69
CA ASP A 51 14.41 33.20 23.79
C ASP A 51 15.53 32.59 24.62
N LYS A 52 15.28 31.37 25.09
CA LYS A 52 16.24 30.65 25.92
C LYS A 52 17.57 30.42 25.20
N ALA A 53 17.62 30.77 23.91
CA ALA A 53 18.83 30.65 23.08
C ALA A 53 19.26 29.19 22.85
N ASP A 54 18.31 28.34 22.48
CA ASP A 54 18.55 26.91 22.32
C ASP A 54 19.58 26.39 21.30
N LEU A 55 19.89 27.20 20.30
CA LEU A 55 20.64 26.72 19.15
C LEU A 55 21.99 27.38 18.93
N GLN A 56 23.10 26.64 19.00
CA GLN A 56 24.38 27.29 18.76
C GLN A 56 25.16 26.72 17.57
N PHE A 57 25.57 27.62 16.69
CA PHE A 57 26.27 27.26 15.46
C PHE A 57 27.78 27.28 15.64
N LYS A 58 28.45 26.38 14.94
CA LYS A 58 29.91 26.33 14.97
C LYS A 58 30.44 26.06 13.57
N TYR A 59 30.23 27.01 12.68
CA TYR A 59 30.62 26.84 11.28
C TYR A 59 31.94 27.54 10.97
N ALA A 60 32.71 26.92 10.08
CA ALA A 60 33.88 27.54 9.52
C ALA A 60 33.78 27.45 8.00
N ALA A 61 34.60 28.22 7.31
CA ALA A 61 34.69 28.09 5.87
C ALA A 61 35.19 26.69 5.56
N SER A 62 34.57 26.03 4.59
CA SER A 62 34.93 24.65 4.32
C SER A 62 34.81 24.32 2.86
N LYS A 63 35.76 23.54 2.39
CA LYS A 63 35.75 23.05 1.03
C LYS A 63 34.96 21.76 0.95
N PRO A 64 34.05 21.70 -0.02
CA PRO A 64 33.20 20.53 -0.26
C PRO A 64 33.98 19.25 -0.52
N LYS A 65 33.57 18.15 0.11
CA LYS A 65 34.09 16.84 -0.29
C LYS A 65 33.68 16.59 -1.74
N ALA A 66 32.44 16.91 -2.07
CA ALA A 66 32.00 16.77 -3.44
C ALA A 66 30.83 17.69 -3.66
N VAL A 67 30.71 18.21 -4.87
CA VAL A 67 29.57 19.01 -5.25
C VAL A 67 29.02 18.43 -6.50
N PHE A 68 27.79 17.96 -6.40
CA PHE A 68 27.23 17.16 -7.46
C PHE A 68 25.75 17.20 -7.46
N PHE A 69 25.21 16.87 -8.61
CA PHE A 69 23.79 16.82 -8.81
C PHE A 69 23.33 15.39 -8.52
N THR A 70 22.42 15.25 -7.56
CA THR A 70 21.82 13.95 -7.26
C THR A 70 20.36 14.13 -6.83
N HIS A 71 19.46 13.35 -7.40
CA HIS A 71 18.05 13.42 -7.01
C HIS A 71 17.51 14.85 -7.02
N HIS A 72 17.75 15.52 -8.15
CA HIS A 72 17.16 16.82 -8.51
C HIS A 72 17.74 18.05 -7.83
N THR A 73 18.74 17.86 -6.97
CA THR A 73 19.31 18.98 -6.22
C THR A 73 20.79 19.12 -6.42
N LEU A 74 21.27 20.31 -6.17
CA LEU A 74 22.67 20.57 -6.15
C LEU A 74 23.14 20.31 -4.74
N LYS A 75 24.03 19.35 -4.56
CA LYS A 75 24.36 18.94 -3.21
C LYS A 75 25.82 19.16 -2.99
N ALA A 76 26.18 19.66 -1.83
CA ALA A 76 27.56 19.80 -1.47
C ALA A 76 27.87 19.00 -0.22
N SER A 77 28.79 18.06 -0.32
CA SER A 77 29.08 17.19 0.80
C SER A 77 30.19 17.82 1.58
N PHE A 78 30.26 17.54 2.87
CA PHE A 78 31.32 18.13 3.65
C PHE A 78 32.00 17.16 4.58
N GLU A 79 33.25 17.47 4.89
CA GLU A 79 33.95 16.79 5.95
C GLU A 79 33.19 17.19 7.20
N PRO A 80 33.27 16.37 8.26
CA PRO A 80 32.54 16.71 9.48
C PRO A 80 33.14 17.86 10.32
N THR A 81 33.38 19.02 9.70
CA THR A 81 34.02 20.16 10.39
C THR A 81 33.04 21.27 10.86
N ASN A 82 31.85 21.37 10.25
CA ASN A 82 30.83 22.37 10.62
C ASN A 82 29.69 21.76 11.44
N HIS A 83 29.27 22.43 12.50
CA HIS A 83 28.35 21.82 13.44
C HIS A 83 27.24 22.73 13.94
N ILE A 84 26.20 22.11 14.47
CA ILE A 84 25.15 22.80 15.20
C ILE A 84 24.92 22.16 16.56
N ASN A 85 24.78 22.99 17.58
CA ASN A 85 24.48 22.52 18.93
C ASN A 85 23.04 22.84 19.35
N TYR A 86 22.23 21.81 19.62
CA TYR A 86 20.83 22.07 20.00
C TYR A 86 20.43 21.44 21.34
N ARG A 87 20.21 22.31 22.35
CA ARG A 87 19.91 21.90 23.73
C ARG A 87 20.97 20.89 24.18
N GLY A 88 22.24 21.21 23.97
CA GLY A 88 23.33 20.37 24.43
C GLY A 88 23.61 19.12 23.59
N HIS A 89 22.95 19.01 22.43
CA HIS A 89 23.21 17.92 21.49
C HIS A 89 23.69 18.53 20.20
N ASP A 90 24.79 17.98 19.69
CA ASP A 90 25.45 18.49 18.51
C ASP A 90 25.11 17.73 17.21
N TYR A 91 24.76 18.47 16.17
CA TYR A 91 24.47 17.89 14.85
C TYR A 91 25.47 18.30 13.78
N VAL A 92 26.09 17.34 13.11
CA VAL A 92 27.10 17.68 12.10
C VAL A 92 26.46 18.01 10.75
N LEU A 93 26.80 19.17 10.20
CA LEU A 93 26.27 19.54 8.91
C LEU A 93 26.84 18.55 7.94
N ASP A 94 25.95 17.87 7.24
CA ASP A 94 26.36 16.85 6.31
C ASP A 94 26.46 17.43 4.93
N ASN A 95 25.44 18.20 4.55
CA ASN A 95 25.41 18.74 3.21
C ASN A 95 24.48 19.93 3.11
N VAL A 96 24.64 20.66 2.01
CA VAL A 96 23.77 21.78 1.69
CA VAL A 96 23.74 21.77 1.70
C VAL A 96 23.21 21.58 0.29
N HIS A 97 21.89 21.57 0.16
CA HIS A 97 21.33 21.39 -1.14
C HIS A 97 20.20 22.33 -1.33
N PHE A 98 19.69 22.34 -2.55
CA PHE A 98 18.80 23.41 -2.92
C PHE A 98 17.47 22.96 -3.45
N HIS A 99 16.46 23.78 -3.20
CA HIS A 99 15.13 23.55 -3.74
C HIS A 99 14.63 24.83 -4.37
N ALA A 100 14.03 24.73 -5.55
CA ALA A 100 13.48 25.91 -6.20
C ALA A 100 12.08 25.58 -6.68
N PRO A 101 11.08 26.30 -6.18
CA PRO A 101 11.14 27.35 -5.17
C PRO A 101 11.50 26.83 -3.77
N MET A 102 11.50 27.74 -2.79
CA MET A 102 11.63 27.35 -1.41
C MET A 102 10.46 26.45 -1.06
N GLU A 103 10.71 25.34 -0.39
CA GLU A 103 9.61 24.42 -0.11
C GLU A 103 8.71 24.83 1.06
N PHE A 104 9.26 25.20 2.21
CA PHE A 104 8.38 25.59 3.29
C PHE A 104 7.84 26.95 2.96
N LEU A 105 6.55 27.15 3.18
CA LEU A 105 5.96 28.44 2.92
C LEU A 105 5.78 29.08 4.28
N ILE A 106 6.26 30.31 4.39
CA ILE A 106 6.19 31.05 5.64
C ILE A 106 5.11 32.12 5.62
N ASN A 107 4.05 31.89 6.38
CA ASN A 107 2.87 32.74 6.36
C ASN A 107 2.33 32.87 4.93
N ASN A 108 2.23 31.73 4.27
CA ASN A 108 1.72 31.64 2.92
C ASN A 108 2.57 32.35 1.89
N LYS A 109 3.83 32.59 2.23
CA LYS A 109 4.77 33.21 1.30
C LYS A 109 5.73 32.20 0.67
N THR A 110 5.90 32.31 -0.64
CA THR A 110 6.71 31.38 -1.41
C THR A 110 7.97 32.11 -1.87
N ARG A 111 9.13 31.49 -1.75
CA ARG A 111 10.37 32.09 -2.25
C ARG A 111 10.96 31.31 -3.40
N PRO A 112 11.61 32.01 -4.32
CA PRO A 112 12.21 31.41 -5.51
C PRO A 112 13.21 30.32 -5.21
N LEU A 113 13.78 30.29 -4.01
CA LEU A 113 14.81 29.32 -3.70
C LEU A 113 15.03 29.13 -2.21
N SER A 114 15.51 27.96 -1.83
CA SER A 114 15.90 27.70 -0.44
C SER A 114 17.14 26.84 -0.34
N ALA A 115 17.76 26.81 0.83
CA ALA A 115 18.92 25.94 1.01
C ALA A 115 18.68 25.10 2.23
N HIS A 116 18.99 23.82 2.16
CA HIS A 116 18.81 22.95 3.31
C HIS A 116 20.10 22.47 3.93
N PHE A 117 20.24 22.72 5.22
CA PHE A 117 21.39 22.23 5.95
C PHE A 117 21.07 20.96 6.67
N VAL A 118 21.53 19.85 6.11
CA VAL A 118 21.19 18.54 6.63
C VAL A 118 22.22 18.15 7.65
N HIS A 119 21.75 17.83 8.84
CA HIS A 119 22.63 17.45 9.90
C HIS A 119 22.20 16.11 10.39
N LYS A 120 23.15 15.29 10.81
CA LYS A 120 22.80 14.03 11.40
C LYS A 120 23.68 13.91 12.62
N ASP A 121 23.12 13.50 13.73
CA ASP A 121 23.93 13.30 14.92
C ASP A 121 24.36 11.85 15.01
N ALA A 122 24.93 11.48 16.14
CA ALA A 122 25.41 10.12 16.36
C ALA A 122 24.29 9.09 16.25
N LYS A 123 23.12 9.41 16.80
CA LYS A 123 22.02 8.46 16.85
C LYS A 123 21.40 8.20 15.48
N GLY A 124 21.80 9.00 14.48
CA GLY A 124 21.27 8.90 13.14
C GLY A 124 20.05 9.78 13.04
N ARG A 125 19.78 10.52 14.12
CA ARG A 125 18.68 11.46 14.18
C ARG A 125 18.97 12.69 13.31
N LEU A 126 17.94 13.15 12.61
CA LEU A 126 18.07 14.20 11.60
C LEU A 126 17.60 15.57 12.03
N LEU A 127 18.39 16.56 11.64
CA LEU A 127 18.08 17.98 11.80
C LEU A 127 18.30 18.76 10.51
N VAL A 128 17.26 19.44 10.01
CA VAL A 128 17.46 20.21 8.78
C VAL A 128 17.11 21.66 8.95
N LEU A 129 17.96 22.49 8.41
CA LEU A 129 17.81 23.91 8.52
C LEU A 129 17.55 24.51 7.14
N ALA A 130 16.47 25.28 7.03
CA ALA A 130 16.08 25.87 5.75
C ALA A 130 16.06 27.39 5.76
N ILE A 131 16.60 27.98 4.71
CA ILE A 131 16.56 29.43 4.56
C ILE A 131 16.27 29.73 3.12
N GLY A 132 15.45 30.74 2.88
CA GLY A 132 14.99 31.05 1.54
C GLY A 132 15.80 32.10 0.82
N PHE A 133 15.66 32.16 -0.49
CA PHE A 133 16.34 33.19 -1.28
C PHE A 133 15.39 34.02 -2.10
N GLU A 134 15.61 35.32 -2.15
CA GLU A 134 14.87 36.10 -3.13
C GLU A 134 15.82 36.97 -3.93
N GLU A 135 15.39 37.29 -5.14
CA GLU A 135 16.20 37.94 -6.16
C GLU A 135 16.76 39.28 -5.73
N GLY A 136 18.09 39.42 -5.79
CA GLY A 136 18.71 40.70 -5.49
C GLY A 136 20.18 40.81 -5.81
N LYS A 137 20.95 41.11 -4.76
CA LYS A 137 22.39 41.31 -4.88
C LYS A 137 23.11 40.01 -5.15
N GLU A 138 24.25 40.14 -5.81
CA GLU A 138 25.11 39.01 -6.08
C GLU A 138 25.50 38.40 -4.74
N ASN A 139 25.49 37.07 -4.64
CA ASN A 139 25.94 36.49 -3.40
C ASN A 139 27.29 35.84 -3.57
N PRO A 140 28.31 36.39 -2.92
CA PRO A 140 29.64 35.81 -3.00
C PRO A 140 29.68 34.42 -2.38
N ASN A 141 28.83 34.15 -1.40
CA ASN A 141 28.85 32.84 -0.73
C ASN A 141 28.44 31.73 -1.66
N LEU A 142 27.60 32.09 -2.62
CA LEU A 142 27.06 31.15 -3.59
C LEU A 142 28.03 30.69 -4.69
N ASP A 143 28.83 31.64 -5.16
CA ASP A 143 29.68 31.46 -6.33
C ASP A 143 30.71 30.34 -6.29
N PRO A 144 31.26 30.00 -5.10
CA PRO A 144 32.20 28.88 -5.13
C PRO A 144 31.56 27.63 -5.71
N ILE A 145 30.28 27.46 -5.40
CA ILE A 145 29.56 26.27 -5.80
C ILE A 145 29.17 26.22 -7.28
N LEU A 146 28.66 27.32 -7.82
CA LEU A 146 28.22 27.34 -9.21
C LEU A 146 29.36 27.08 -10.18
N GLU A 147 30.57 27.48 -9.77
CA GLU A 147 31.78 27.14 -10.51
C GLU A 147 32.28 25.75 -10.10
N GLY A 148 32.17 25.45 -8.81
CA GLY A 148 32.68 24.20 -8.25
C GLY A 148 31.99 22.94 -8.75
N ILE A 149 30.78 23.11 -9.27
CA ILE A 149 30.05 22.01 -9.90
C ILE A 149 30.67 21.72 -11.27
N GLN A 150 31.32 22.75 -11.85
CA GLN A 150 32.02 22.59 -13.12
C GLN A 150 33.52 22.39 -12.90
N ASN A 154 40.54 20.31 -7.22
CA ASN A 154 39.94 20.63 -5.94
C ASN A 154 38.73 21.53 -6.03
N PHE A 155 38.06 21.65 -4.89
CA PHE A 155 36.91 22.53 -4.73
C PHE A 155 37.30 23.68 -3.81
N LYS A 156 36.86 24.89 -4.16
CA LYS A 156 37.12 26.04 -3.31
C LYS A 156 36.22 26.00 -2.08
N GLU A 157 36.74 26.45 -0.95
CA GLU A 157 35.98 26.42 0.29
C GLU A 157 34.73 27.30 0.30
N VAL A 158 33.77 26.89 1.10
CA VAL A 158 32.52 27.63 1.24
C VAL A 158 32.46 28.33 2.57
N ALA A 159 32.12 29.61 2.53
CA ALA A 159 32.09 30.40 3.73
C ALA A 159 30.88 30.05 4.54
N LEU A 160 30.88 28.87 5.14
CA LEU A 160 29.73 28.42 5.89
C LEU A 160 29.53 29.36 7.04
N ASP A 161 30.66 29.71 7.65
CA ASP A 161 30.67 30.61 8.77
C ASP A 161 30.15 32.00 8.39
N ALA A 162 30.12 32.29 7.09
CA ALA A 162 29.64 33.59 6.61
C ALA A 162 28.31 33.51 5.86
N PHE A 163 27.81 32.29 5.70
CA PHE A 163 26.66 32.06 4.84
C PHE A 163 25.38 32.66 5.40
N LEU A 164 25.11 32.35 6.66
CA LEU A 164 23.86 32.70 7.33
C LEU A 164 23.80 34.13 7.83
N PRO A 165 22.58 34.68 8.00
CA PRO A 165 22.43 35.97 8.67
C PRO A 165 23.01 35.95 10.08
N LYS A 166 23.46 37.10 10.56
CA LYS A 166 24.07 37.21 11.89
C LYS A 166 23.14 36.77 12.99
N SER A 167 21.96 37.36 13.00
CA SER A 167 20.91 36.98 13.92
C SER A 167 19.76 36.49 13.07
N ILE A 168 19.20 35.34 13.41
CA ILE A 168 18.16 34.74 12.59
C ILE A 168 16.85 34.57 13.33
N ASN A 169 15.73 34.80 12.63
CA ASN A 169 14.43 34.41 13.16
C ASN A 169 14.03 33.10 12.49
N TYR A 170 13.68 32.08 13.27
CA TYR A 170 13.36 30.80 12.66
C TYR A 170 12.15 30.10 13.30
N TYR A 171 11.51 29.20 12.57
CA TYR A 171 10.42 28.38 13.09
C TYR A 171 10.86 26.96 13.30
N HIS A 172 10.50 26.40 14.43
CA HIS A 172 10.99 25.07 14.81
C HIS A 172 9.86 24.13 15.15
N PHE A 173 9.93 22.93 14.59
CA PHE A 173 8.85 21.97 14.69
C PHE A 173 9.36 20.61 14.29
N ASN A 174 8.58 19.56 14.52
CA ASN A 174 8.95 18.23 14.05
C ASN A 174 8.23 17.87 12.75
N GLY A 175 8.98 17.32 11.81
CA GLY A 175 8.45 17.06 10.48
C GLY A 175 9.07 15.87 9.77
N SER A 176 9.04 15.90 8.45
CA SER A 176 9.59 14.80 7.67
C SER A 176 10.58 15.32 6.65
N LEU A 177 11.27 14.38 6.00
CA LEU A 177 12.13 14.70 4.86
C LEU A 177 11.25 15.13 3.72
N THR A 178 11.71 16.06 2.88
CA THR A 178 10.85 16.52 1.81
C THR A 178 11.00 15.70 0.55
N ALA A 179 11.89 14.73 0.56
CA ALA A 179 12.06 13.85 -0.60
C ALA A 179 11.92 12.42 -0.12
N PRO A 180 11.52 11.51 -1.03
CA PRO A 180 11.44 10.12 -0.61
C PRO A 180 12.78 9.72 -0.01
N PRO A 181 12.80 8.92 1.07
CA PRO A 181 11.74 8.15 1.72
C PRO A 181 10.81 8.89 2.70
N CYS A 182 10.90 10.22 2.75
CA CYS A 182 10.02 11.04 3.58
C CYS A 182 10.07 10.71 5.07
N THR A 183 11.23 10.28 5.56
CA THR A 183 11.40 9.90 6.96
C THR A 183 10.95 10.97 7.94
N GLU A 184 10.25 10.59 9.01
CA GLU A 184 9.81 11.55 10.03
C GLU A 184 10.78 11.59 11.20
N GLY A 185 10.45 12.37 12.23
CA GLY A 185 11.37 12.54 13.35
C GLY A 185 12.43 13.57 13.00
N VAL A 186 12.17 14.33 11.93
CA VAL A 186 13.08 15.37 11.50
C VAL A 186 12.79 16.68 12.23
N ALA A 187 13.82 17.21 12.87
CA ALA A 187 13.73 18.50 13.57
C ALA A 187 14.00 19.60 12.59
N TRP A 188 13.00 20.42 12.31
CA TRP A 188 13.17 21.45 11.29
C TRP A 188 13.47 22.81 11.92
N PHE A 189 14.40 23.55 11.34
CA PHE A 189 14.58 24.94 11.72
C PHE A 189 14.47 25.80 10.48
N VAL A 190 13.33 26.46 10.33
CA VAL A 190 13.11 27.23 9.14
C VAL A 190 13.31 28.71 9.42
N ILE A 191 14.35 29.29 8.86
CA ILE A 191 14.69 30.68 9.12
C ILE A 191 13.88 31.63 8.24
N GLU A 192 13.28 32.63 8.90
CA GLU A 192 12.43 33.61 8.24
C GLU A 192 13.19 34.54 7.30
N GLU A 193 14.39 34.96 7.71
CA GLU A 193 15.14 35.92 6.91
C GLU A 193 15.54 35.32 5.58
N PRO A 194 15.27 36.04 4.49
CA PRO A 194 15.74 35.63 3.17
C PRO A 194 17.15 36.12 2.89
N LEU A 195 17.98 35.25 2.33
CA LEU A 195 19.26 35.67 1.81
C LEU A 195 19.00 36.23 0.42
N GLU A 196 20.01 36.84 -0.19
CA GLU A 196 19.83 37.44 -1.51
C GLU A 196 20.65 36.73 -2.58
N VAL A 197 20.09 36.69 -3.77
CA VAL A 197 20.72 36.08 -4.91
C VAL A 197 20.49 36.96 -6.15
N SER A 198 21.49 37.07 -7.02
CA SER A 198 21.30 37.83 -8.26
C SER A 198 20.41 37.04 -9.22
N ALA A 199 19.72 37.75 -10.11
CA ALA A 199 18.81 37.09 -11.05
C ALA A 199 19.52 36.09 -11.94
N LYS A 200 20.76 36.40 -12.32
CA LYS A 200 21.57 35.47 -13.09
C LYS A 200 21.97 34.22 -12.33
N GLN A 201 22.48 34.39 -11.11
CA GLN A 201 22.90 33.25 -10.26
C GLN A 201 21.71 32.32 -10.10
N LEU A 202 20.56 32.94 -9.94
CA LEU A 202 19.31 32.24 -9.79
C LEU A 202 19.08 31.38 -11.00
N ALA A 203 19.16 31.98 -12.16
CA ALA A 203 18.91 31.24 -13.38
C ALA A 203 19.92 30.11 -13.57
N GLU A 204 21.16 30.29 -13.12
CA GLU A 204 22.16 29.23 -13.30
C GLU A 204 21.92 28.05 -12.37
N ILE A 205 21.69 28.33 -11.09
CA ILE A 205 21.37 27.27 -10.13
CA ILE A 205 21.40 27.26 -10.14
C ILE A 205 20.31 26.36 -10.71
N LYS A 206 19.24 26.98 -11.21
CA LYS A 206 18.13 26.25 -11.81
C LYS A 206 18.65 25.42 -12.99
N LYS A 207 19.57 26.01 -13.77
CA LYS A 207 20.18 25.30 -14.88
C LYS A 207 21.07 24.18 -14.40
N ARG A 208 21.86 24.44 -13.36
CA ARG A 208 22.66 23.36 -12.80
C ARG A 208 21.74 22.31 -12.20
N MET A 209 20.55 22.70 -11.75
CA MET A 209 19.62 21.71 -11.23
C MET A 209 18.59 21.43 -12.33
N LYS A 210 19.04 21.60 -13.57
CA LYS A 210 18.33 21.21 -14.80
C LYS A 210 17.01 21.89 -15.16
N ASN A 211 16.76 23.09 -14.63
CA ASN A 211 15.52 23.82 -14.95
C ASN A 211 14.30 22.92 -14.76
N SER A 212 14.45 22.00 -13.81
CA SER A 212 13.40 21.10 -13.40
C SER A 212 13.06 21.44 -11.95
N PRO A 213 11.79 21.78 -11.70
CA PRO A 213 11.33 22.07 -10.34
C PRO A 213 11.64 20.91 -9.41
N ASN A 214 12.17 21.19 -8.22
CA ASN A 214 12.32 20.16 -7.20
C ASN A 214 11.69 20.61 -5.87
N GLN A 215 10.43 21.00 -5.92
CA GLN A 215 9.73 21.43 -4.72
C GLN A 215 8.56 20.51 -4.39
N ARG A 216 8.62 19.83 -3.25
CA ARG A 216 7.46 19.05 -2.82
C ARG A 216 6.32 20.01 -2.49
N PRO A 217 5.10 19.68 -2.93
CA PRO A 217 3.95 20.52 -2.58
C PRO A 217 3.74 20.56 -1.08
N VAL A 218 3.00 21.55 -0.61
CA VAL A 218 2.66 21.59 0.79
C VAL A 218 1.86 20.34 1.14
N GLN A 219 2.26 19.69 2.23
CA GLN A 219 1.63 18.46 2.70
C GLN A 219 0.56 18.71 3.76
N PRO A 220 -0.30 17.71 4.03
CA PRO A 220 -1.34 17.83 5.05
C PRO A 220 -0.79 18.17 6.42
N ASP A 221 -1.46 19.10 7.09
CA ASP A 221 -1.07 19.57 8.43
C ASP A 221 -1.97 19.05 9.53
N TYR A 222 -1.41 18.26 10.43
CA TYR A 222 -2.16 17.77 11.56
C TYR A 222 -1.89 18.61 12.80
N ASN A 223 -2.18 19.91 12.71
CA ASN A 223 -2.00 20.87 13.81
C ASN A 223 -0.62 20.91 14.42
N THR A 224 0.41 20.97 13.57
CA THR A 224 1.78 20.96 14.02
C THR A 224 2.08 22.10 14.99
N VAL A 225 2.69 21.73 16.10
CA VAL A 225 3.16 22.69 17.09
C VAL A 225 4.44 23.30 16.58
N ILE A 226 4.42 24.60 16.32
CA ILE A 226 5.56 25.37 15.80
C ILE A 226 5.90 26.49 16.77
N ILE A 227 7.16 26.65 17.14
CA ILE A 227 7.54 27.79 17.97
C ILE A 227 8.38 28.76 17.17
N LYS A 228 8.23 30.06 17.39
CA LYS A 228 9.12 31.01 16.77
C LYS A 228 10.14 31.52 17.74
N SER A 229 11.41 31.51 17.34
CA SER A 229 12.51 31.99 18.20
C SER A 229 13.63 32.57 17.34
N SER A 230 14.75 32.91 17.97
CA SER A 230 15.86 33.53 17.25
C SER A 230 17.23 33.06 17.70
N ALA A 231 18.23 33.31 16.87
CA ALA A 231 19.59 32.95 17.21
C ALA A 231 20.63 33.76 16.43
N GLU A 232 21.88 33.67 16.90
CA GLU A 232 23.03 34.26 16.24
C GLU A 232 23.90 33.19 15.63
N THR A 233 24.07 33.26 14.31
CA THR A 233 24.87 32.30 13.58
C THR A 233 26.38 32.61 13.70
N ARG A 234 26.69 33.78 14.23
CA ARG A 234 28.08 34.26 14.30
C ARG A 234 28.45 34.74 15.71
N LYS B 9 -5.07 -11.05 20.47
CA LYS B 9 -5.84 -9.96 21.06
C LYS B 9 -4.95 -9.05 21.89
N TRP B 10 -5.10 -7.74 21.70
CA TRP B 10 -4.25 -6.77 22.37
C TRP B 10 -4.72 -6.40 23.77
N ASP B 11 -3.77 -6.38 24.69
CA ASP B 11 -4.05 -6.04 26.06
C ASP B 11 -2.81 -5.41 26.66
N TYR B 12 -2.88 -5.12 27.95
CA TYR B 12 -1.78 -4.45 28.61
C TYR B 12 -0.94 -5.45 29.38
N LYS B 13 -1.23 -6.74 29.20
CA LYS B 13 -0.64 -7.78 30.04
C LYS B 13 0.86 -7.92 29.75
N ASN B 14 1.62 -8.47 30.71
CA ASN B 14 3.08 -8.52 30.59
C ASN B 14 3.56 -9.69 29.74
N HIS B 20 4.46 -3.66 23.58
CA HIS B 20 5.72 -3.89 22.86
C HIS B 20 5.52 -4.89 21.72
N ARG B 21 4.41 -5.62 21.76
CA ARG B 21 4.10 -6.57 20.70
C ARG B 21 2.85 -6.20 19.92
N TRP B 22 2.29 -5.03 20.19
CA TRP B 22 1.07 -4.56 19.51
C TRP B 22 1.14 -4.54 18.01
N ASP B 23 2.30 -4.18 17.47
CA ASP B 23 2.48 -4.09 16.04
C ASP B 23 2.32 -5.46 15.36
N LYS B 24 2.57 -6.50 16.13
CA LYS B 24 2.58 -7.85 15.62
C LYS B 24 1.18 -8.40 15.36
N LEU B 25 0.24 -8.05 16.22
CA LEU B 25 -1.10 -8.67 16.23
C LEU B 25 -1.90 -8.36 14.98
N HIS B 26 -1.69 -7.17 14.44
CA HIS B 26 -2.29 -6.76 13.19
C HIS B 26 -1.29 -5.87 12.50
N LYS B 27 -1.26 -5.89 11.17
CA LYS B 27 -0.35 -5.00 10.44
C LYS B 27 -0.91 -3.58 10.44
N ASP B 28 -2.17 -3.45 10.78
CA ASP B 28 -2.76 -2.14 10.98
C ASP B 28 -2.10 -1.44 12.17
N PHE B 29 -1.45 -2.23 13.03
CA PHE B 29 -0.84 -1.71 14.24
C PHE B 29 0.65 -1.50 14.13
N GLU B 30 1.20 -1.60 12.92
CA GLU B 30 2.64 -1.53 12.81
C GLU B 30 3.18 -0.14 13.17
N VAL B 31 2.36 0.91 12.98
CA VAL B 31 2.79 2.27 13.28
C VAL B 31 3.19 2.41 14.75
N CYS B 32 2.66 1.54 15.60
CA CYS B 32 2.98 1.56 17.03
C CYS B 32 4.47 1.47 17.27
N LYS B 33 5.18 0.84 16.35
CA LYS B 33 6.63 0.75 16.43
C LYS B 33 7.30 1.77 15.52
N SER B 34 6.78 1.89 14.30
CA SER B 34 7.43 2.68 13.26
C SER B 34 7.25 4.19 13.34
N GLY B 35 6.18 4.64 13.99
CA GLY B 35 5.91 6.07 14.12
C GLY B 35 7.02 6.75 14.92
N LYS B 36 7.30 8.00 14.60
CA LYS B 36 8.33 8.78 15.29
C LYS B 36 7.68 9.78 16.25
N SER B 37 6.37 9.70 16.39
CA SER B 37 5.66 10.58 17.31
CA SER B 37 5.68 10.58 17.34
C SER B 37 4.59 9.83 18.09
N GLN B 38 4.95 8.69 18.66
CA GLN B 38 3.98 7.85 19.39
C GLN B 38 3.82 8.28 20.85
N SER B 39 2.59 8.22 21.37
CA SER B 39 2.29 8.61 22.75
C SER B 39 1.95 7.40 23.66
N PRO B 40 2.07 7.55 24.99
CA PRO B 40 2.36 8.72 25.84
C PRO B 40 3.84 8.96 26.00
N ILE B 41 4.19 10.10 26.59
CA ILE B 41 5.58 10.44 26.79
C ILE B 41 5.84 11.09 28.15
N ASN B 42 7.12 11.27 28.46
CA ASN B 42 7.53 12.04 29.61
C ASN B 42 7.84 13.47 29.21
N ILE B 43 7.11 14.42 29.79
CA ILE B 43 7.25 15.81 29.41
C ILE B 43 8.36 16.45 30.25
N GLU B 44 9.51 16.61 29.61
CA GLU B 44 10.73 17.04 30.30
C GLU B 44 11.41 18.29 29.67
N HIS B 45 11.34 18.43 28.35
CA HIS B 45 11.83 19.65 27.70
C HIS B 45 10.77 20.35 26.87
N TYR B 46 10.62 21.65 27.11
CA TYR B 46 9.58 22.44 26.47
C TYR B 46 9.84 23.94 26.42
N TYR B 47 8.91 24.61 25.76
CA TYR B 47 8.96 26.05 25.55
C TYR B 47 7.87 26.79 26.30
N HIS B 48 8.27 27.81 27.07
CA HIS B 48 7.27 28.66 27.68
C HIS B 48 6.83 29.71 26.72
N THR B 49 5.54 29.99 26.75
CA THR B 49 5.01 30.99 25.87
C THR B 49 3.97 31.77 26.65
N GLN B 50 3.66 32.98 26.19
CA GLN B 50 2.58 33.75 26.79
C GLN B 50 1.61 34.29 25.75
N ASP B 51 1.14 33.39 24.89
CA ASP B 51 0.23 33.71 23.81
C ASP B 51 -1.18 33.35 24.21
N LYS B 52 -2.15 34.00 23.57
CA LYS B 52 -3.57 33.76 23.80
C LYS B 52 -3.97 32.27 23.88
N ALA B 53 -4.88 31.95 24.79
CA ALA B 53 -5.33 30.58 24.99
C ALA B 53 -5.53 29.87 23.66
N ASP B 54 -6.31 30.46 22.77
CA ASP B 54 -6.62 29.86 21.48
C ASP B 54 -7.39 28.56 21.67
N LEU B 55 -7.68 28.24 22.92
CA LEU B 55 -8.42 27.03 23.25
C LEU B 55 -9.71 27.42 23.97
N GLN B 56 -10.84 27.13 23.32
CA GLN B 56 -12.13 27.45 23.89
C GLN B 56 -12.95 26.19 24.15
N PHE B 57 -13.53 26.12 25.33
CA PHE B 57 -14.31 24.99 25.69
C PHE B 57 -15.75 25.33 25.44
N LYS B 58 -16.53 24.36 24.99
CA LYS B 58 -17.97 24.56 24.85
C LYS B 58 -18.65 23.39 25.54
N TYR B 59 -18.44 23.32 26.86
CA TYR B 59 -18.90 22.20 27.67
C TYR B 59 -20.11 22.48 28.54
N ALA B 60 -20.93 21.45 28.69
CA ALA B 60 -22.09 21.49 29.56
C ALA B 60 -22.12 20.26 30.45
N ALA B 61 -22.95 20.28 31.47
CA ALA B 61 -23.20 19.05 32.20
C ALA B 61 -23.83 18.13 31.20
N SER B 62 -23.42 16.88 31.16
CA SER B 62 -23.91 16.04 30.08
C SER B 62 -24.13 14.59 30.47
N LYS B 63 -25.25 14.08 30.02
CA LYS B 63 -25.63 12.70 30.21
C LYS B 63 -25.21 11.89 28.99
N PRO B 64 -24.52 10.79 29.22
CA PRO B 64 -23.91 9.87 28.25
C PRO B 64 -24.83 9.26 27.21
N LYS B 65 -24.31 9.17 25.99
CA LYS B 65 -24.90 8.35 24.94
C LYS B 65 -24.93 6.92 25.44
N ALA B 66 -23.81 6.54 26.05
CA ALA B 66 -23.66 5.21 26.60
C ALA B 66 -22.53 5.17 27.62
N VAL B 67 -22.63 4.25 28.57
CA VAL B 67 -21.55 4.01 29.51
C VAL B 67 -21.16 2.52 29.53
N PHE B 68 -19.91 2.21 29.19
CA PHE B 68 -19.44 0.83 29.02
C PHE B 68 -17.92 0.62 29.16
N PHE B 69 -17.52 -0.63 29.41
CA PHE B 69 -16.12 -0.97 29.59
C PHE B 69 -15.49 -1.28 28.23
N HIS B 72 -10.54 -2.63 27.31
CA HIS B 72 -9.89 -2.82 28.61
C HIS B 72 -9.93 -1.61 29.50
N THR B 73 -10.63 -0.57 29.07
CA THR B 73 -10.66 0.66 29.83
C THR B 73 -12.10 1.04 30.14
N LEU B 74 -12.26 1.87 31.16
CA LEU B 74 -13.56 2.38 31.48
C LEU B 74 -13.83 3.63 30.67
N LYS B 75 -14.89 3.59 29.87
CA LYS B 75 -15.20 4.65 28.92
C LYS B 75 -16.60 5.18 29.09
N ALA B 76 -16.76 6.49 29.03
CA ALA B 76 -18.07 7.09 28.99
C ALA B 76 -18.18 7.87 27.69
N SER B 77 -19.13 7.52 26.85
CA SER B 77 -19.30 8.19 25.56
C SER B 77 -20.38 9.26 25.59
N PHE B 78 -20.33 10.21 24.67
CA PHE B 78 -21.35 11.26 24.61
C PHE B 78 -21.85 11.59 23.19
N GLU B 79 -23.04 12.14 23.15
CA GLU B 79 -23.63 12.76 21.97
C GLU B 79 -22.83 13.99 21.53
N PRO B 80 -23.09 14.50 20.32
CA PRO B 80 -22.36 15.70 19.86
C PRO B 80 -22.77 17.02 20.54
N THR B 81 -22.83 17.06 21.87
CA THR B 81 -23.30 18.26 22.57
C THR B 81 -22.15 19.14 23.10
N ASN B 82 -21.02 18.51 23.34
CA ASN B 82 -19.87 19.23 23.90
C ASN B 82 -18.79 19.47 22.83
N HIS B 83 -18.20 20.66 22.83
CA HIS B 83 -17.24 21.07 21.78
C HIS B 83 -15.98 21.74 22.33
N ILE B 84 -14.90 21.67 21.57
CA ILE B 84 -13.74 22.50 21.82
C ILE B 84 -13.35 23.16 20.53
N ASN B 85 -13.13 24.47 20.57
CA ASN B 85 -12.72 25.14 19.35
C ASN B 85 -11.26 25.62 19.42
N TYR B 86 -10.46 25.12 18.50
CA TYR B 86 -9.01 25.34 18.47
C TYR B 86 -8.52 25.94 17.15
N ARG B 87 -8.02 27.17 17.20
CA ARG B 87 -7.54 27.87 16.01
C ARG B 87 -8.53 27.81 14.86
N GLY B 88 -9.77 28.21 15.15
CA GLY B 88 -10.78 28.34 14.14
C GLY B 88 -11.43 27.07 13.67
N HIS B 89 -11.19 25.95 14.35
CA HIS B 89 -11.91 24.70 14.03
C HIS B 89 -12.61 24.11 15.24
N ASP B 90 -13.84 23.65 15.05
CA ASP B 90 -14.63 23.07 16.15
C ASP B 90 -14.34 21.58 16.23
N TYR B 91 -14.03 21.11 17.44
CA TYR B 91 -13.80 19.69 17.69
C TYR B 91 -14.93 19.14 18.58
N VAL B 92 -15.66 18.16 18.07
CA VAL B 92 -16.79 17.59 18.79
C VAL B 92 -16.35 16.55 19.80
N LEU B 93 -16.84 16.65 21.02
CA LEU B 93 -16.52 15.67 22.06
C LEU B 93 -17.14 14.29 21.80
N ASP B 94 -16.30 13.25 21.79
CA ASP B 94 -16.81 11.90 21.58
C ASP B 94 -16.91 11.08 22.86
N ASN B 95 -15.85 11.03 23.67
CA ASN B 95 -15.87 10.19 24.87
C ASN B 95 -14.81 10.47 25.92
N VAL B 96 -15.02 9.91 27.11
CA VAL B 96 -14.07 10.01 28.21
CA VAL B 96 -14.02 10.02 28.16
C VAL B 96 -13.65 8.64 28.70
N HIS B 97 -12.37 8.40 28.81
CA HIS B 97 -11.90 7.13 29.33
C HIS B 97 -10.71 7.30 30.26
N PHE B 98 -10.31 6.23 30.95
CA PHE B 98 -9.34 6.39 32.03
C PHE B 98 -8.12 5.50 31.88
N HIS B 99 -6.97 5.95 32.39
CA HIS B 99 -5.75 5.12 32.39
C HIS B 99 -5.10 5.13 33.75
N ALA B 100 -4.76 3.95 34.25
CA ALA B 100 -4.10 3.86 35.52
C ALA B 100 -2.90 2.92 35.43
N PRO B 101 -1.69 3.46 35.68
CA PRO B 101 -1.38 4.85 36.02
C PRO B 101 -1.57 5.87 34.90
N MET B 102 -1.24 7.11 35.23
CA MET B 102 -1.22 8.18 34.27
C MET B 102 -0.20 7.80 33.22
N GLU B 103 -0.60 7.92 31.96
CA GLU B 103 0.27 7.51 30.88
C GLU B 103 1.36 8.53 30.67
N PHE B 104 0.96 9.80 30.56
CA PHE B 104 1.93 10.86 30.33
C PHE B 104 2.68 11.24 31.58
N LEU B 105 3.98 11.39 31.42
CA LEU B 105 4.84 11.75 32.53
C LEU B 105 5.25 13.19 32.46
N ILE B 106 5.12 13.91 33.56
CA ILE B 106 5.62 15.28 33.58
C ILE B 106 6.89 15.33 34.42
N ASN B 107 8.02 15.36 33.71
CA ASN B 107 9.34 15.30 34.32
C ASN B 107 9.33 14.15 35.30
N ASN B 108 8.84 13.03 34.80
CA ASN B 108 8.77 11.81 35.55
C ASN B 108 7.80 11.84 36.72
N LYS B 109 6.83 12.76 36.72
CA LYS B 109 5.76 12.62 37.71
C LYS B 109 4.47 12.17 37.04
N THR B 110 3.93 11.08 37.57
CA THR B 110 2.72 10.45 37.06
C THR B 110 1.65 10.43 38.16
N ARG B 111 0.37 10.46 37.77
CA ARG B 111 -0.70 10.37 38.75
C ARG B 111 -1.43 9.05 38.63
N PRO B 112 -1.86 8.46 39.76
CA PRO B 112 -2.53 7.16 39.84
C PRO B 112 -3.69 6.99 38.89
N LEU B 113 -4.19 8.07 38.30
CA LEU B 113 -5.33 7.92 37.42
C LEU B 113 -5.31 9.03 36.38
N SER B 114 -5.93 8.81 35.23
CA SER B 114 -6.09 9.86 34.23
C SER B 114 -7.41 9.78 33.47
N ALA B 115 -7.76 10.85 32.79
CA ALA B 115 -8.96 10.87 31.93
C ALA B 115 -8.64 11.41 30.53
N HIS B 116 -9.21 10.80 29.48
CA HIS B 116 -9.02 11.30 28.11
C HIS B 116 -10.28 11.80 27.46
N PHE B 117 -10.24 13.04 27.00
CA PHE B 117 -11.39 13.65 26.33
C PHE B 117 -11.17 13.69 24.79
N VAL B 118 -11.83 12.81 24.03
CA VAL B 118 -11.55 12.66 22.59
C VAL B 118 -12.43 13.44 21.58
N HIS B 119 -11.80 14.20 20.68
CA HIS B 119 -12.53 15.07 19.72
C HIS B 119 -12.19 14.88 18.22
N LYS B 120 -13.13 15.21 17.33
CA LYS B 120 -12.89 15.12 15.87
C LYS B 120 -13.40 16.37 15.14
N ASP B 121 -12.60 16.97 14.25
CA ASP B 121 -13.12 18.13 13.50
C ASP B 121 -13.65 17.78 12.13
N ALA B 122 -13.93 18.83 11.34
CA ALA B 122 -14.46 18.64 10.00
C ALA B 122 -13.49 17.82 9.17
N LYS B 123 -12.21 18.14 9.32
CA LYS B 123 -11.17 17.52 8.53
C LYS B 123 -10.84 16.09 9.00
N GLY B 124 -11.43 15.69 10.12
CA GLY B 124 -11.20 14.37 10.71
C GLY B 124 -10.05 14.34 11.72
N ARG B 125 -9.48 15.50 11.97
CA ARG B 125 -8.35 15.63 12.90
C ARG B 125 -8.76 15.35 14.34
N LEU B 126 -7.83 14.76 15.10
CA LEU B 126 -8.05 14.34 16.50
C LEU B 126 -7.44 15.31 17.51
N LEU B 127 -8.17 15.61 18.58
CA LEU B 127 -7.66 16.42 19.70
C LEU B 127 -7.96 15.72 21.01
N VAL B 128 -6.96 15.45 21.82
CA VAL B 128 -7.23 14.73 23.06
C VAL B 128 -6.79 15.45 24.32
N LEU B 129 -7.65 15.37 25.34
CA LEU B 129 -7.46 16.08 26.58
C LEU B 129 -7.09 15.12 27.71
N ALA B 130 -5.94 15.35 28.35
CA ALA B 130 -5.48 14.49 29.42
C ALA B 130 -5.20 15.21 30.73
N ILE B 131 -5.70 14.65 31.83
CA ILE B 131 -5.48 15.26 33.15
C ILE B 131 -5.24 14.26 34.29
N GLY B 132 -4.35 14.62 35.21
CA GLY B 132 -3.99 13.72 36.27
C GLY B 132 -4.93 13.85 37.45
N PHE B 133 -4.91 12.84 38.31
CA PHE B 133 -5.78 12.81 39.47
C PHE B 133 -4.95 12.73 40.72
N GLU B 134 -5.44 13.36 41.78
CA GLU B 134 -4.73 13.29 43.03
C GLU B 134 -5.56 12.58 44.10
N GLU B 135 -4.90 11.67 44.82
CA GLU B 135 -5.53 10.88 45.84
C GLU B 135 -5.88 11.83 46.99
N GLY B 136 -7.16 12.03 47.23
CA GLY B 136 -7.59 12.90 48.30
C GLY B 136 -9.07 12.88 48.61
N LYS B 137 -9.68 14.03 48.38
CA LYS B 137 -11.08 14.27 48.67
C LYS B 137 -11.95 13.53 47.67
N GLU B 138 -13.16 13.14 48.06
CA GLU B 138 -14.08 12.52 47.10
C GLU B 138 -14.37 13.46 45.95
N ASN B 139 -14.36 12.93 44.74
CA ASN B 139 -14.65 13.73 43.59
C ASN B 139 -16.08 13.46 43.09
N PRO B 140 -16.97 14.46 43.20
CA PRO B 140 -18.39 14.41 42.83
C PRO B 140 -18.63 14.20 41.35
N ASN B 141 -17.71 14.63 40.51
CA ASN B 141 -17.85 14.51 39.07
C ASN B 141 -17.86 13.07 38.57
N LEU B 142 -17.19 12.18 39.31
CA LEU B 142 -17.11 10.78 38.92
C LEU B 142 -18.42 10.00 39.10
N ASP B 143 -19.12 10.34 40.17
CA ASP B 143 -20.27 9.57 40.63
C ASP B 143 -21.46 9.42 39.68
N PRO B 144 -21.80 10.45 38.86
CA PRO B 144 -22.97 10.26 38.01
C PRO B 144 -22.88 9.03 37.14
N ILE B 145 -21.70 8.78 36.62
CA ILE B 145 -21.52 7.59 35.83
C ILE B 145 -21.33 6.38 36.73
N LEU B 146 -20.43 6.45 37.71
CA LEU B 146 -20.24 5.31 38.59
C LEU B 146 -21.48 5.04 39.44
N ASN B 154 -31.42 4.87 31.68
CA ASN B 154 -31.01 6.23 32.02
C ASN B 154 -29.71 6.23 32.83
N PHE B 155 -28.84 7.16 32.46
CA PHE B 155 -27.54 7.35 33.07
C PHE B 155 -27.43 8.76 33.72
N LYS B 156 -26.78 8.96 34.87
CA LYS B 156 -26.72 10.34 35.38
C LYS B 156 -25.75 11.25 34.61
N GLU B 157 -26.15 12.52 34.47
CA GLU B 157 -25.39 13.54 33.73
C GLU B 157 -24.07 13.89 34.39
N VAL B 158 -23.08 14.23 33.59
CA VAL B 158 -21.74 14.55 34.09
C VAL B 158 -21.47 16.03 34.00
N ALA B 159 -20.95 16.61 35.09
CA ALA B 159 -20.67 18.05 35.15
C ALA B 159 -19.40 18.43 34.37
N LEU B 160 -19.48 18.41 33.05
CA LEU B 160 -18.28 18.63 32.25
C LEU B 160 -17.66 20.02 32.36
N ASP B 161 -18.50 21.04 32.23
CA ASP B 161 -18.04 22.42 32.32
C ASP B 161 -17.49 22.71 33.71
N ALA B 162 -17.82 21.83 34.65
CA ALA B 162 -17.34 21.92 36.03
C ALA B 162 -16.31 20.85 36.30
N PHE B 163 -16.13 19.97 35.33
CA PHE B 163 -15.27 18.81 35.51
C PHE B 163 -13.83 19.31 35.61
N LEU B 164 -13.51 20.19 34.69
CA LEU B 164 -12.16 20.71 34.52
C LEU B 164 -11.82 21.82 35.50
N PRO B 165 -10.53 21.98 35.81
CA PRO B 165 -10.05 23.13 36.58
C PRO B 165 -10.38 24.47 35.93
N LYS B 166 -10.52 25.51 36.74
CA LYS B 166 -10.82 26.85 36.24
C LYS B 166 -9.74 27.38 35.33
N SER B 167 -8.54 27.41 35.87
CA SER B 167 -7.40 27.86 35.11
C SER B 167 -6.51 26.68 34.96
N ILE B 168 -6.13 26.39 33.72
CA ILE B 168 -5.33 25.23 33.51
C ILE B 168 -4.03 25.67 32.93
N ASN B 169 -2.98 25.01 33.39
CA ASN B 169 -1.73 25.12 32.73
C ASN B 169 -1.70 23.86 31.92
N TYR B 170 -1.36 23.96 30.65
CA TYR B 170 -1.38 22.74 29.84
C TYR B 170 -0.15 22.60 29.03
N TYR B 171 0.11 21.36 28.65
CA TYR B 171 1.14 21.02 27.70
C TYR B 171 0.52 20.57 26.39
N HIS B 172 1.04 21.12 25.32
CA HIS B 172 0.49 20.88 24.02
C HIS B 172 1.61 20.45 23.09
N PHE B 173 1.37 19.39 22.33
CA PHE B 173 2.37 18.79 21.49
C PHE B 173 1.63 17.87 20.56
N ASN B 174 2.32 17.30 19.58
CA ASN B 174 1.73 16.32 18.66
C ASN B 174 2.04 14.86 19.04
N GLY B 175 1.06 13.97 18.93
CA GLY B 175 1.27 12.58 19.31
C GLY B 175 0.41 11.57 18.59
N SER B 176 0.20 10.42 19.22
CA SER B 176 -0.59 9.34 18.63
C SER B 176 -1.66 8.89 19.58
N LEU B 177 -2.54 8.00 19.13
CA LEU B 177 -3.46 7.33 20.02
C LEU B 177 -2.63 6.47 20.93
N THR B 178 -3.00 6.35 22.20
CA THR B 178 -2.21 5.50 23.08
C THR B 178 -2.73 4.07 23.01
N ALA B 179 -3.80 3.89 22.24
CA ALA B 179 -4.37 2.57 22.00
C ALA B 179 -4.42 2.33 20.49
N PRO B 180 -4.29 1.07 20.06
CA PRO B 180 -4.32 0.73 18.64
C PRO B 180 -5.54 1.25 17.92
N PRO B 181 -5.39 1.68 16.65
CA PRO B 181 -4.23 1.53 15.76
C PRO B 181 -3.07 2.51 15.96
N CYS B 182 -3.06 3.24 17.08
CA CYS B 182 -1.99 4.17 17.42
C CYS B 182 -1.85 5.21 16.33
N THR B 183 -2.95 5.50 15.67
CA THR B 183 -2.95 6.47 14.61
C THR B 183 -2.36 7.72 15.19
N GLU B 184 -1.54 8.39 14.39
CA GLU B 184 -0.93 9.63 14.81
C GLU B 184 -1.75 10.78 14.27
N GLY B 185 -1.22 11.98 14.39
CA GLY B 185 -1.95 13.16 13.99
C GLY B 185 -2.82 13.62 15.12
N VAL B 186 -2.51 13.16 16.33
CA VAL B 186 -3.24 13.58 17.52
C VAL B 186 -2.61 14.78 18.22
N ALA B 187 -3.42 15.81 18.45
CA ALA B 187 -3.04 16.98 19.24
C ALA B 187 -3.35 16.73 20.70
N TRP B 188 -2.32 16.62 21.52
CA TRP B 188 -2.49 16.34 22.93
C TRP B 188 -2.38 17.63 23.75
N PHE B 189 -3.27 17.85 24.71
CA PHE B 189 -3.05 18.97 25.62
C PHE B 189 -3.02 18.33 27.01
N VAL B 190 -1.86 18.29 27.64
CA VAL B 190 -1.82 17.60 28.93
C VAL B 190 -1.85 18.59 30.09
N ILE B 191 -2.90 18.55 30.91
CA ILE B 191 -3.07 19.53 31.99
C ILE B 191 -2.23 19.26 33.24
N GLU B 192 -1.55 20.31 33.69
CA GLU B 192 -0.64 20.25 34.83
C GLU B 192 -1.32 19.97 36.17
N GLU B 193 -2.47 20.62 36.37
CA GLU B 193 -3.17 20.51 37.63
C GLU B 193 -3.69 19.11 37.79
N PRO B 194 -3.49 18.52 38.96
CA PRO B 194 -4.10 17.21 39.22
C PRO B 194 -5.52 17.42 39.73
N LEU B 195 -6.49 16.63 39.29
CA LEU B 195 -7.80 16.64 39.91
C LEU B 195 -7.72 15.80 41.19
N GLU B 196 -8.77 15.77 41.99
CA GLU B 196 -8.65 15.00 43.22
C GLU B 196 -9.57 13.80 43.16
N VAL B 197 -9.09 12.68 43.72
CA VAL B 197 -9.92 11.48 43.78
C VAL B 197 -9.73 10.81 45.15
N SER B 198 -10.81 10.33 45.76
CA SER B 198 -10.70 9.63 47.04
C SER B 198 -10.12 8.24 46.81
N ALA B 199 -9.47 7.68 47.83
CA ALA B 199 -8.85 6.37 47.73
C ALA B 199 -9.81 5.20 47.43
N LYS B 200 -11.03 5.25 47.96
CA LYS B 200 -12.06 4.24 47.67
C LYS B 200 -12.46 4.29 46.19
N GLN B 201 -12.68 5.48 45.69
CA GLN B 201 -13.03 5.71 44.30
C GLN B 201 -11.97 5.15 43.36
N LEU B 202 -10.69 5.36 43.74
CA LEU B 202 -9.54 4.90 42.95
C LEU B 202 -9.50 3.39 42.78
N ALA B 203 -9.51 2.67 43.91
CA ALA B 203 -9.48 1.23 43.87
C ALA B 203 -10.74 0.74 43.18
N GLU B 204 -11.84 1.49 43.31
CA GLU B 204 -13.09 1.08 42.70
C GLU B 204 -12.98 1.08 41.20
N ILE B 205 -12.46 2.17 40.63
CA ILE B 205 -12.29 2.20 39.19
C ILE B 205 -11.19 1.23 38.83
N LYS B 206 -10.17 1.14 39.68
CA LYS B 206 -9.11 0.17 39.44
C LYS B 206 -9.76 -1.21 39.42
N LYS B 207 -10.73 -1.42 40.32
CA LYS B 207 -11.49 -2.66 40.33
C LYS B 207 -12.37 -2.71 39.08
N ARG B 208 -12.91 -1.55 38.69
CA ARG B 208 -13.75 -1.44 37.51
C ARG B 208 -13.03 -1.84 36.24
N MET B 209 -11.71 -1.71 36.25
CA MET B 209 -10.89 -2.09 35.11
C MET B 209 -10.23 -3.46 35.37
N LYS B 210 -10.92 -4.29 36.15
CA LYS B 210 -10.49 -5.67 36.43
C LYS B 210 -9.20 -5.71 37.19
N ASN B 211 -8.88 -4.61 37.88
CA ASN B 211 -7.66 -4.51 38.68
C ASN B 211 -6.47 -4.89 37.83
N SER B 212 -6.65 -4.61 36.55
CA SER B 212 -5.63 -4.77 35.51
C SER B 212 -5.30 -3.38 35.00
N PRO B 213 -4.04 -2.98 35.15
CA PRO B 213 -3.51 -1.69 34.66
C PRO B 213 -3.77 -1.48 33.18
N ASN B 214 -4.17 -0.29 32.76
CA ASN B 214 -4.29 0.00 31.33
C ASN B 214 -3.47 1.22 30.93
N GLN B 215 -2.19 1.19 31.29
CA GLN B 215 -1.29 2.27 30.96
C GLN B 215 -0.24 1.81 29.99
N ARG B 216 -0.27 2.35 28.79
CA ARG B 216 0.82 2.11 27.85
C ARG B 216 2.08 2.75 28.43
N PRO B 217 3.21 2.04 28.37
CA PRO B 217 4.46 2.65 28.84
C PRO B 217 4.81 3.85 27.99
N VAL B 218 5.71 4.67 28.52
CA VAL B 218 6.22 5.81 27.80
C VAL B 218 6.86 5.31 26.50
N GLN B 219 6.50 5.96 25.40
CA GLN B 219 6.93 5.57 24.06
C GLN B 219 8.21 6.34 23.72
N PRO B 220 8.93 5.92 22.67
CA PRO B 220 10.12 6.69 22.27
C PRO B 220 9.82 8.15 21.89
N ASP B 221 10.57 9.08 22.47
CA ASP B 221 10.40 10.51 22.23
C ASP B 221 11.60 11.04 21.44
N TYR B 222 11.37 11.47 20.21
CA TYR B 222 12.43 12.01 19.37
C TYR B 222 12.52 13.51 19.54
N ASN B 223 12.68 13.96 20.78
CA ASN B 223 12.77 15.39 21.06
C ASN B 223 11.58 16.20 20.53
N THR B 224 10.38 15.78 20.93
CA THR B 224 9.13 16.42 20.57
C THR B 224 9.08 17.90 20.95
N VAL B 225 8.67 18.75 20.01
CA VAL B 225 8.52 20.18 20.29
C VAL B 225 7.27 20.37 21.14
N ILE B 226 7.49 20.87 22.35
CA ILE B 226 6.47 21.04 23.38
C ILE B 226 6.34 22.49 23.87
N ILE B 227 5.12 23.00 23.92
CA ILE B 227 4.89 24.32 24.49
C ILE B 227 4.12 24.22 25.80
N LYS B 228 4.51 25.03 26.79
CA LYS B 228 3.71 25.10 27.99
C LYS B 228 2.90 26.39 27.96
N SER B 229 1.60 26.27 28.16
CA SER B 229 0.77 27.46 28.10
C SER B 229 -0.43 27.30 29.03
N SER B 230 -1.35 28.26 28.99
CA SER B 230 -2.48 28.24 29.90
C SER B 230 -3.75 28.68 29.21
N ALA B 231 -4.87 28.36 29.84
CA ALA B 231 -6.16 28.73 29.31
C ALA B 231 -7.17 28.81 30.43
N GLU B 232 -8.35 29.34 30.10
CA GLU B 232 -9.45 29.38 31.03
C GLU B 232 -10.48 28.42 30.51
N THR B 233 -10.76 27.37 31.27
CA THR B 233 -11.66 26.34 30.78
C THR B 233 -13.10 26.79 30.89
N ARG B 234 -13.33 27.77 31.75
CA ARG B 234 -14.68 28.29 31.99
C ARG B 234 -14.53 29.75 32.42
N THR C 8 21.77 -3.23 -4.62
CA THR C 8 21.49 -2.50 -3.38
C THR C 8 22.43 -3.00 -2.28
N LYS C 9 21.95 -3.02 -1.05
CA LYS C 9 22.83 -3.41 0.03
C LYS C 9 22.66 -4.89 0.30
N TRP C 10 21.89 -5.60 -0.51
CA TRP C 10 21.64 -7.01 -0.24
C TRP C 10 22.76 -7.86 -0.81
N ASP C 11 23.14 -8.91 -0.11
CA ASP C 11 24.22 -9.75 -0.61
C ASP C 11 24.05 -11.21 -0.22
N TYR C 12 25.01 -12.04 -0.60
CA TYR C 12 24.96 -13.44 -0.25
C TYR C 12 25.85 -13.80 0.91
N LYS C 13 26.49 -12.80 1.48
CA LYS C 13 27.42 -13.01 2.60
C LYS C 13 26.76 -13.25 3.95
N ASN C 14 27.57 -13.75 4.88
CA ASN C 14 27.12 -14.18 6.19
C ASN C 14 26.94 -13.07 7.22
N LYS C 15 26.98 -11.82 6.77
CA LYS C 15 26.93 -10.70 7.69
C LYS C 15 25.55 -10.05 7.79
N GLU C 16 25.51 -8.73 7.87
CA GLU C 16 24.27 -7.98 8.10
C GLU C 16 23.29 -8.02 6.93
N ASN C 17 23.84 -8.17 5.73
CA ASN C 17 23.04 -8.00 4.53
C ASN C 17 22.67 -9.26 3.76
N GLY C 18 22.82 -10.43 4.37
CA GLY C 18 22.55 -11.69 3.71
C GLY C 18 21.09 -12.08 3.55
N PRO C 19 20.83 -13.22 2.88
CA PRO C 19 19.50 -13.74 2.52
C PRO C 19 18.55 -13.97 3.72
N HIS C 20 19.08 -14.40 4.86
CA HIS C 20 18.25 -14.60 6.03
C HIS C 20 17.74 -13.27 6.56
N ARG C 21 18.35 -12.16 6.12
CA ARG C 21 17.91 -10.82 6.52
C ARG C 21 17.41 -9.94 5.37
N TRP C 22 17.30 -10.47 4.16
CA TRP C 22 16.93 -9.67 2.98
C TRP C 22 15.64 -8.93 3.19
N ASP C 23 14.72 -9.57 3.90
CA ASP C 23 13.41 -9.01 4.13
C ASP C 23 13.50 -7.70 4.91
N LYS C 24 14.56 -7.54 5.72
CA LYS C 24 14.71 -6.37 6.56
C LYS C 24 15.14 -5.07 5.86
N LEU C 25 15.92 -5.18 4.79
CA LEU C 25 16.56 -4.04 4.14
C LEU C 25 15.67 -3.01 3.45
N HIS C 26 14.61 -3.49 2.81
CA HIS C 26 13.69 -2.58 2.15
C HIS C 26 12.32 -3.21 2.28
N LYS C 27 11.30 -2.37 2.35
CA LYS C 27 9.93 -2.83 2.54
C LYS C 27 9.39 -3.48 1.26
N ASP C 28 10.06 -3.23 0.14
CA ASP C 28 9.76 -3.95 -1.08
C ASP C 28 10.11 -5.44 -0.98
N PHE C 29 11.01 -5.78 -0.05
CA PHE C 29 11.59 -7.11 0.06
C PHE C 29 10.93 -7.96 1.14
N GLU C 30 9.85 -7.49 1.74
CA GLU C 30 9.29 -8.21 2.88
C GLU C 30 8.73 -9.55 2.44
N VAL C 31 8.25 -9.63 1.22
CA VAL C 31 7.71 -10.88 0.70
C VAL C 31 8.78 -12.02 0.68
N CYS C 32 10.06 -11.66 0.74
CA CYS C 32 11.14 -12.66 0.84
C CYS C 32 11.05 -13.56 2.06
N LYS C 33 10.48 -13.02 3.15
CA LYS C 33 10.25 -13.75 4.40
C LYS C 33 8.84 -14.32 4.53
N SER C 34 7.87 -13.52 4.17
CA SER C 34 6.46 -13.82 4.34
C SER C 34 5.86 -14.73 3.27
N GLY C 35 6.51 -14.79 2.12
CA GLY C 35 5.97 -15.50 0.98
C GLY C 35 5.71 -16.96 1.17
N LYS C 36 4.70 -17.48 0.47
CA LYS C 36 4.37 -18.90 0.55
C LYS C 36 4.81 -19.68 -0.69
N SER C 37 5.43 -19.01 -1.66
CA SER C 37 5.90 -19.65 -2.89
CA SER C 37 5.92 -19.70 -2.85
C SER C 37 7.34 -19.25 -3.19
N GLN C 38 8.20 -19.27 -2.19
CA GLN C 38 9.55 -18.76 -2.36
C GLN C 38 10.45 -19.82 -2.96
N SER C 39 11.32 -19.37 -3.85
CA SER C 39 12.28 -20.22 -4.52
C SER C 39 13.64 -19.82 -4.04
N PRO C 40 14.64 -20.72 -4.10
CA PRO C 40 14.58 -22.09 -4.60
C PRO C 40 14.17 -23.08 -3.55
N ILE C 41 13.94 -24.30 -4.00
CA ILE C 41 13.58 -25.39 -3.14
C ILE C 41 14.31 -26.62 -3.59
N ASN C 42 14.27 -27.65 -2.75
CA ASN C 42 14.79 -28.95 -3.12
C ASN C 42 13.66 -29.74 -3.71
N ILE C 43 13.84 -30.17 -4.95
CA ILE C 43 12.78 -30.85 -5.66
C ILE C 43 12.82 -32.35 -5.35
N GLU C 44 11.92 -32.83 -4.53
CA GLU C 44 11.96 -34.21 -4.08
C GLU C 44 10.71 -35.02 -4.41
N HIS C 45 9.55 -34.39 -4.38
CA HIS C 45 8.30 -35.09 -4.66
C HIS C 45 7.59 -34.50 -5.89
N TYR C 46 7.19 -35.30 -6.86
CA TYR C 46 6.61 -34.68 -8.05
C TYR C 46 5.56 -35.55 -8.71
N TYR C 47 4.84 -34.96 -9.65
CA TYR C 47 3.76 -35.63 -10.36
C TYR C 47 4.14 -35.88 -11.81
N HIS C 48 3.94 -37.13 -12.24
CA HIS C 48 4.16 -37.57 -13.63
C HIS C 48 2.92 -37.24 -14.47
N THR C 49 3.06 -36.90 -15.75
CA THR C 49 1.91 -36.40 -16.52
C THR C 49 1.73 -37.00 -17.89
N GLN C 50 0.56 -36.72 -18.48
CA GLN C 50 0.24 -37.16 -19.83
C GLN C 50 0.64 -35.93 -20.62
N ASP C 51 1.33 -36.23 -21.72
CA ASP C 51 2.11 -35.29 -22.52
C ASP C 51 1.46 -33.95 -22.74
N LYS C 52 2.32 -32.94 -22.80
CA LYS C 52 1.88 -31.59 -23.00
C LYS C 52 2.85 -30.90 -23.90
N ALA C 53 2.34 -29.98 -24.70
CA ALA C 53 3.18 -29.18 -25.51
C ALA C 53 3.25 -27.83 -24.81
N ASP C 54 3.25 -27.90 -23.48
CA ASP C 54 3.48 -26.74 -22.63
C ASP C 54 4.27 -25.70 -23.39
N LEU C 55 5.46 -26.15 -23.74
CA LEU C 55 6.58 -25.28 -23.99
C LEU C 55 7.14 -25.41 -25.42
N GLN C 56 7.01 -24.36 -26.22
CA GLN C 56 7.56 -24.43 -27.56
C GLN C 56 8.57 -23.31 -27.71
N PHE C 57 9.77 -23.64 -28.18
CA PHE C 57 10.84 -22.65 -28.23
C PHE C 57 10.95 -21.97 -29.57
N LYS C 58 11.13 -20.65 -29.53
CA LYS C 58 11.36 -19.85 -30.72
C LYS C 58 12.55 -18.93 -30.52
N TYR C 59 13.71 -19.55 -30.42
CA TYR C 59 14.95 -18.86 -30.16
C TYR C 59 15.77 -18.75 -31.43
N ALA C 60 16.54 -17.67 -31.56
CA ALA C 60 17.50 -17.58 -32.65
C ALA C 60 18.87 -17.11 -32.15
N ALA C 61 19.88 -17.26 -33.00
CA ALA C 61 21.18 -16.72 -32.67
C ALA C 61 21.03 -15.22 -32.47
N SER C 62 21.62 -14.70 -31.42
CA SER C 62 21.39 -13.31 -31.05
C SER C 62 22.62 -12.67 -30.44
N LYS C 63 22.92 -11.44 -30.83
CA LYS C 63 23.99 -10.74 -30.14
C LYS C 63 23.39 -10.03 -28.95
N PRO C 64 24.02 -10.21 -27.79
CA PRO C 64 23.53 -9.53 -26.58
C PRO C 64 23.50 -8.02 -26.74
N LYS C 65 22.43 -7.39 -26.25
CA LYS C 65 22.40 -5.95 -26.07
C LYS C 65 23.49 -5.58 -25.10
N ALA C 66 23.65 -6.40 -24.07
CA ALA C 66 24.71 -6.14 -23.13
C ALA C 66 25.07 -7.37 -22.38
N VAL C 67 26.34 -7.46 -22.00
CA VAL C 67 26.84 -8.52 -21.17
C VAL C 67 27.53 -7.83 -20.01
N PHE C 68 27.03 -8.02 -18.80
CA PHE C 68 27.53 -7.22 -17.70
C PHE C 68 27.33 -7.87 -16.34
N PHE C 69 28.09 -7.39 -15.36
CA PHE C 69 27.96 -7.85 -13.99
C PHE C 69 26.97 -6.98 -13.23
N THR C 70 25.91 -7.59 -12.73
CA THR C 70 24.92 -6.87 -11.95
C THR C 70 24.37 -7.74 -10.83
N HIS C 71 24.29 -7.15 -9.64
CA HIS C 71 23.63 -7.77 -8.50
C HIS C 71 24.18 -9.18 -8.24
N HIS C 72 25.51 -9.30 -8.19
CA HIS C 72 26.22 -10.54 -7.83
C HIS C 72 26.24 -11.62 -8.94
N THR C 73 25.66 -11.34 -10.10
CA THR C 73 25.59 -12.32 -11.18
C THR C 73 26.11 -11.82 -12.52
N LEU C 74 26.49 -12.76 -13.37
CA LEU C 74 26.88 -12.45 -14.74
C LEU C 74 25.69 -12.49 -15.66
N LYS C 75 25.40 -11.40 -16.34
CA LYS C 75 24.16 -11.35 -17.08
C LYS C 75 24.38 -10.96 -18.53
N ALA C 76 23.67 -11.65 -19.42
CA ALA C 76 23.69 -11.27 -20.81
C ALA C 76 22.29 -10.90 -21.21
N SER C 77 22.09 -9.67 -21.65
CA SER C 77 20.78 -9.21 -22.02
C SER C 77 20.57 -9.35 -23.50
N PHE C 78 19.32 -9.45 -23.91
CA PHE C 78 19.00 -9.54 -25.32
C PHE C 78 17.87 -8.61 -25.72
N GLU C 79 17.83 -8.24 -26.99
CA GLU C 79 16.68 -7.59 -27.59
C GLU C 79 15.49 -8.56 -27.63
N PRO C 80 14.27 -8.04 -27.67
CA PRO C 80 13.07 -8.87 -27.64
C PRO C 80 12.74 -9.70 -28.89
N THR C 81 13.67 -10.48 -29.41
CA THR C 81 13.37 -11.26 -30.60
C THR C 81 13.12 -12.71 -30.29
N ASN C 82 13.56 -13.16 -29.11
CA ASN C 82 13.44 -14.56 -28.73
C ASN C 82 12.29 -14.83 -27.79
N HIS C 83 11.60 -15.94 -28.02
CA HIS C 83 10.36 -16.19 -27.33
C HIS C 83 10.21 -17.62 -26.84
N ILE C 84 9.38 -17.79 -25.83
CA ILE C 84 8.92 -19.11 -25.46
C ILE C 84 7.42 -19.02 -25.45
N ASN C 85 6.76 -19.98 -26.05
CA ASN C 85 5.31 -19.99 -26.02
C ASN C 85 4.81 -21.08 -25.11
N TYR C 86 4.11 -20.64 -24.09
CA TYR C 86 3.58 -21.53 -23.07
C TYR C 86 2.08 -21.30 -23.02
N ARG C 87 1.32 -22.29 -23.49
CA ARG C 87 -0.14 -22.18 -23.49
C ARG C 87 -0.70 -20.84 -24.03
N GLY C 88 -0.34 -20.51 -25.28
CA GLY C 88 -0.92 -19.35 -25.94
C GLY C 88 -0.36 -17.99 -25.57
N HIS C 89 0.73 -17.99 -24.84
CA HIS C 89 1.41 -16.74 -24.54
C HIS C 89 2.85 -16.78 -24.97
N ASP C 90 3.29 -15.70 -25.59
CA ASP C 90 4.67 -15.56 -25.96
C ASP C 90 5.31 -14.87 -24.78
N TYR C 91 6.41 -15.43 -24.29
CA TYR C 91 7.17 -14.79 -23.24
C TYR C 91 8.48 -14.41 -23.87
N VAL C 92 8.80 -13.13 -23.82
CA VAL C 92 10.01 -12.64 -24.43
C VAL C 92 11.17 -12.88 -23.48
N LEU C 93 12.23 -13.50 -23.98
CA LEU C 93 13.44 -13.68 -23.17
C LEU C 93 14.17 -12.35 -22.94
N ASP C 94 14.39 -11.98 -21.68
CA ASP C 94 15.06 -10.72 -21.39
C ASP C 94 16.53 -10.96 -21.17
N ASN C 95 16.86 -12.03 -20.47
CA ASN C 95 18.25 -12.26 -20.18
C ASN C 95 18.54 -13.67 -19.82
N VAL C 96 19.82 -14.00 -19.80
CA VAL C 96 20.33 -15.25 -19.25
CA VAL C 96 20.27 -15.23 -19.19
C VAL C 96 21.36 -14.86 -18.21
N HIS C 97 21.23 -15.33 -16.99
CA HIS C 97 22.22 -14.95 -16.03
C HIS C 97 22.58 -16.20 -15.27
N PHE C 98 23.60 -16.11 -14.43
CA PHE C 98 24.18 -17.29 -13.84
C PHE C 98 24.12 -17.27 -12.34
N HIS C 99 24.13 -18.47 -11.78
CA HIS C 99 24.25 -18.69 -10.36
C HIS C 99 25.31 -19.76 -10.08
N ALA C 100 26.15 -19.51 -9.10
CA ALA C 100 27.10 -20.53 -8.70
C ALA C 100 27.14 -20.67 -7.17
N PRO C 101 26.79 -21.86 -6.64
CA PRO C 101 26.29 -23.09 -7.28
C PRO C 101 24.87 -22.95 -7.77
N MET C 102 24.34 -24.03 -8.33
CA MET C 102 22.96 -24.06 -8.78
C MET C 102 22.02 -23.82 -7.62
N GLU C 103 21.01 -22.95 -7.80
CA GLU C 103 20.12 -22.66 -6.70
C GLU C 103 19.12 -23.79 -6.48
N PHE C 104 18.48 -24.25 -7.54
CA PHE C 104 17.55 -25.36 -7.36
C PHE C 104 18.29 -26.68 -7.23
N LEU C 105 17.86 -27.50 -6.28
CA LEU C 105 18.37 -28.85 -6.11
C LEU C 105 17.33 -29.87 -6.49
N ILE C 106 17.71 -30.84 -7.32
CA ILE C 106 16.83 -31.92 -7.73
C ILE C 106 17.20 -33.20 -7.00
N ASN C 107 16.35 -33.62 -6.07
CA ASN C 107 16.64 -34.76 -5.21
C ASN C 107 17.93 -34.53 -4.48
N ASN C 108 18.05 -33.35 -3.90
CA ASN C 108 19.18 -33.00 -3.06
C ASN C 108 20.50 -32.96 -3.77
N LYS C 109 20.45 -32.91 -5.10
CA LYS C 109 21.69 -32.79 -5.85
C LYS C 109 21.88 -31.39 -6.42
N THR C 110 23.05 -30.81 -6.19
CA THR C 110 23.35 -29.46 -6.69
C THR C 110 24.55 -29.51 -7.63
N ARG C 111 24.54 -28.58 -8.57
CA ARG C 111 25.57 -28.40 -9.56
C ARG C 111 26.36 -27.16 -9.25
N PRO C 112 27.63 -27.15 -9.66
CA PRO C 112 28.52 -26.01 -9.47
C PRO C 112 28.02 -24.76 -10.17
N LEU C 113 27.13 -24.88 -11.15
CA LEU C 113 26.68 -23.72 -11.91
C LEU C 113 25.33 -23.92 -12.52
N SER C 114 24.59 -22.84 -12.70
CA SER C 114 23.34 -22.90 -13.45
C SER C 114 23.11 -21.65 -14.27
N ALA C 115 22.16 -21.70 -15.20
CA ALA C 115 21.78 -20.53 -15.96
C ALA C 115 20.28 -20.33 -15.84
N HIS C 116 19.84 -19.08 -15.72
CA HIS C 116 18.41 -18.80 -15.70
C HIS C 116 18.07 -18.02 -16.95
N PHE C 117 17.12 -18.53 -17.71
CA PHE C 117 16.63 -17.86 -18.90
C PHE C 117 15.39 -17.13 -18.49
N VAL C 118 15.47 -15.81 -18.31
CA VAL C 118 14.35 -15.04 -17.77
C VAL C 118 13.40 -14.49 -18.87
N HIS C 119 12.11 -14.80 -18.76
CA HIS C 119 11.13 -14.36 -19.75
C HIS C 119 9.99 -13.53 -19.16
N LYS C 120 9.47 -12.62 -19.97
CA LYS C 120 8.35 -11.77 -19.59
C LYS C 120 7.30 -11.68 -20.68
N ASP C 121 6.03 -11.80 -20.32
CA ASP C 121 4.95 -11.58 -21.27
C ASP C 121 4.51 -10.13 -21.13
N ALA C 122 3.46 -9.75 -21.84
CA ALA C 122 2.96 -8.37 -21.87
C ALA C 122 2.58 -7.83 -20.51
N LYS C 123 1.93 -8.69 -19.72
CA LYS C 123 1.44 -8.29 -18.42
C LYS C 123 2.57 -8.15 -17.41
N GLY C 124 3.76 -8.59 -17.80
CA GLY C 124 4.86 -8.55 -16.85
C GLY C 124 4.98 -9.86 -16.08
N ARG C 125 4.21 -10.86 -16.52
CA ARG C 125 4.28 -12.20 -15.95
C ARG C 125 5.61 -12.83 -16.35
N LEU C 126 6.26 -13.46 -15.40
CA LEU C 126 7.62 -13.94 -15.61
C LEU C 126 7.65 -15.44 -15.78
N LEU C 127 8.45 -15.89 -16.74
CA LEU C 127 8.70 -17.31 -16.93
C LEU C 127 10.20 -17.52 -16.94
N VAL C 128 10.68 -18.38 -16.05
CA VAL C 128 12.11 -18.63 -15.99
C VAL C 128 12.48 -20.11 -16.13
N LEU C 129 13.52 -20.31 -16.89
CA LEU C 129 14.01 -21.61 -17.21
C LEU C 129 15.34 -21.81 -16.49
N ALA C 130 15.48 -22.90 -15.76
CA ALA C 130 16.73 -23.15 -15.06
C ALA C 130 17.41 -24.41 -15.63
N ILE C 131 18.69 -24.33 -15.88
CA ILE C 131 19.40 -25.51 -16.38
C ILE C 131 20.77 -25.59 -15.75
N GLY C 132 21.19 -26.79 -15.36
CA GLY C 132 22.45 -26.97 -14.67
C GLY C 132 23.60 -27.30 -15.59
N PHE C 133 24.81 -27.11 -15.08
CA PHE C 133 26.02 -27.41 -15.81
C PHE C 133 26.78 -28.43 -14.98
N GLU C 134 27.41 -29.35 -15.67
CA GLU C 134 28.26 -30.36 -15.07
C GLU C 134 29.63 -30.08 -15.65
N GLU C 135 30.69 -30.27 -14.87
CA GLU C 135 32.02 -30.04 -15.43
C GLU C 135 32.38 -31.06 -16.52
N GLY C 136 32.74 -30.56 -17.68
CA GLY C 136 33.21 -31.40 -18.74
C GLY C 136 33.85 -30.67 -19.89
N LYS C 137 33.29 -30.90 -21.07
CA LYS C 137 33.80 -30.36 -22.32
C LYS C 137 33.49 -28.86 -22.42
N GLU C 138 34.38 -28.09 -23.04
CA GLU C 138 34.12 -26.66 -23.22
C GLU C 138 32.83 -26.38 -23.98
N ASN C 139 32.06 -25.42 -23.49
CA ASN C 139 30.80 -25.06 -24.09
C ASN C 139 31.04 -23.83 -24.92
N PRO C 140 30.97 -23.96 -26.24
CA PRO C 140 31.23 -22.84 -27.16
C PRO C 140 30.22 -21.72 -27.04
N ASN C 141 29.01 -22.11 -26.69
CA ASN C 141 27.91 -21.17 -26.57
C ASN C 141 28.20 -20.21 -25.42
N LEU C 142 29.02 -20.64 -24.47
CA LEU C 142 29.40 -19.81 -23.34
C LEU C 142 30.38 -18.70 -23.75
N ASP C 143 31.22 -18.97 -24.74
CA ASP C 143 32.32 -18.07 -25.08
C ASP C 143 31.99 -16.64 -25.49
N PRO C 144 30.91 -16.41 -26.25
CA PRO C 144 30.59 -15.02 -26.56
C PRO C 144 30.41 -14.23 -25.29
N ILE C 145 29.93 -14.90 -24.26
CA ILE C 145 29.66 -14.27 -22.98
C ILE C 145 30.91 -14.00 -22.14
N LEU C 146 31.79 -14.99 -21.98
CA LEU C 146 33.03 -14.82 -21.23
C LEU C 146 33.93 -13.80 -21.88
N GLU C 147 33.83 -13.74 -23.19
CA GLU C 147 34.51 -12.77 -24.01
C GLU C 147 33.82 -11.41 -24.03
N GLY C 148 32.49 -11.43 -24.09
CA GLY C 148 31.70 -10.21 -24.21
C GLY C 148 31.72 -9.27 -23.04
N ILE C 149 32.07 -9.80 -21.89
CA ILE C 149 32.14 -9.00 -20.68
C ILE C 149 33.33 -8.04 -20.74
N GLN C 150 34.31 -8.35 -21.59
CA GLN C 150 35.49 -7.50 -21.78
C GLN C 150 35.31 -6.49 -22.93
N LYS C 151 34.11 -6.45 -23.49
CA LYS C 151 33.81 -5.58 -24.61
C LYS C 151 32.60 -4.74 -24.28
N LYS C 152 32.71 -3.44 -24.47
CA LYS C 152 31.58 -2.56 -24.28
C LYS C 152 30.79 -2.48 -25.59
N GLN C 153 31.42 -2.95 -26.66
CA GLN C 153 30.89 -2.68 -27.98
C GLN C 153 30.34 -3.89 -28.73
N ASN C 154 31.22 -4.64 -29.36
CA ASN C 154 30.72 -5.65 -30.25
C ASN C 154 30.54 -6.93 -29.49
N PHE C 155 29.29 -7.30 -29.21
CA PHE C 155 29.08 -8.55 -28.51
C PHE C 155 28.81 -9.64 -29.51
N LYS C 156 29.51 -10.73 -29.32
CA LYS C 156 29.43 -11.84 -30.24
C LYS C 156 28.14 -12.58 -30.08
N GLU C 157 27.69 -13.17 -31.17
CA GLU C 157 26.42 -13.84 -31.25
C GLU C 157 26.37 -15.02 -30.30
N VAL C 158 25.24 -15.19 -29.61
CA VAL C 158 25.03 -16.36 -28.76
C VAL C 158 23.94 -17.18 -29.41
N ALA C 159 24.27 -18.42 -29.73
CA ALA C 159 23.38 -19.32 -30.47
C ALA C 159 22.30 -19.92 -29.58
N LEU C 160 21.26 -19.16 -29.30
CA LEU C 160 20.23 -19.54 -28.36
C LEU C 160 19.51 -20.81 -28.75
N ASP C 161 19.22 -20.96 -30.04
CA ASP C 161 18.59 -22.19 -30.51
C ASP C 161 19.49 -23.44 -30.35
N ALA C 162 20.76 -23.26 -30.02
CA ALA C 162 21.69 -24.36 -29.83
C ALA C 162 22.07 -24.57 -28.38
N PHE C 163 21.62 -23.67 -27.52
CA PHE C 163 22.11 -23.63 -26.15
C PHE C 163 21.66 -24.82 -25.30
N LEU C 164 20.36 -25.11 -25.34
CA LEU C 164 19.76 -26.16 -24.52
C LEU C 164 19.89 -27.53 -25.18
N PRO C 165 19.80 -28.61 -24.40
CA PRO C 165 19.72 -29.96 -24.95
C PRO C 165 18.50 -30.05 -25.84
N LYS C 166 18.55 -30.91 -26.85
CA LYS C 166 17.42 -31.10 -27.76
C LYS C 166 16.21 -31.68 -27.05
N SER C 167 16.42 -32.70 -26.26
CA SER C 167 15.34 -33.32 -25.52
C SER C 167 15.51 -32.96 -24.07
N ILE C 168 14.49 -32.36 -23.48
CA ILE C 168 14.61 -31.93 -22.10
C ILE C 168 13.48 -32.48 -21.24
N ASN C 169 13.84 -32.91 -20.04
CA ASN C 169 12.87 -33.20 -19.00
C ASN C 169 12.97 -32.13 -17.93
N TYR C 170 11.84 -31.60 -17.49
CA TYR C 170 11.84 -30.48 -16.55
C TYR C 170 10.86 -30.65 -15.42
N TYR C 171 11.07 -29.93 -14.33
CA TYR C 171 10.11 -29.90 -13.24
C TYR C 171 9.46 -28.55 -13.27
N HIS C 172 8.14 -28.51 -13.21
CA HIS C 172 7.45 -27.25 -13.42
C HIS C 172 6.50 -26.96 -12.26
N PHE C 173 6.57 -25.75 -11.75
CA PHE C 173 5.90 -25.42 -10.49
C PHE C 173 5.80 -23.92 -10.37
N ASN C 174 5.03 -23.43 -9.39
CA ASN C 174 4.91 -22.00 -9.21
C ASN C 174 5.89 -21.50 -8.17
N GLY C 175 6.61 -20.43 -8.45
CA GLY C 175 7.67 -20.01 -7.56
C GLY C 175 7.95 -18.53 -7.50
N SER C 176 9.13 -18.16 -7.06
CA SER C 176 9.45 -16.78 -6.87
C SER C 176 10.79 -16.46 -7.44
N LEU C 177 11.14 -15.19 -7.51
CA LEU C 177 12.51 -14.84 -7.81
C LEU C 177 13.40 -15.21 -6.65
N THR C 178 14.61 -15.63 -6.98
CA THR C 178 15.55 -16.10 -6.00
C THR C 178 16.40 -14.95 -5.47
N ALA C 179 16.15 -13.76 -5.98
CA ALA C 179 16.85 -12.55 -5.57
C ALA C 179 15.82 -11.49 -5.20
N PRO C 180 16.16 -10.53 -4.30
CA PRO C 180 15.20 -9.48 -3.95
C PRO C 180 14.72 -8.80 -5.20
N PRO C 181 13.44 -8.43 -5.28
CA PRO C 181 12.39 -8.41 -4.27
C PRO C 181 11.67 -9.70 -4.01
N CYS C 182 12.17 -10.82 -4.52
CA CYS C 182 11.59 -12.16 -4.29
C CYS C 182 10.15 -12.29 -4.72
N THR C 183 9.81 -11.54 -5.75
CA THR C 183 8.46 -11.49 -6.31
C THR C 183 7.96 -12.88 -6.67
N GLU C 184 6.70 -13.16 -6.36
CA GLU C 184 6.11 -14.45 -6.68
C GLU C 184 5.27 -14.44 -7.95
N GLY C 185 4.64 -15.56 -8.27
CA GLY C 185 3.87 -15.64 -9.49
C GLY C 185 4.75 -15.96 -10.69
N VAL C 186 5.94 -16.49 -10.41
CA VAL C 186 6.89 -16.89 -11.44
C VAL C 186 6.64 -18.31 -11.88
N ALA C 187 6.49 -18.53 -13.18
CA ALA C 187 6.34 -19.87 -13.70
C ALA C 187 7.74 -20.46 -13.91
N TRP C 188 8.08 -21.50 -13.15
CA TRP C 188 9.41 -22.12 -13.20
C TRP C 188 9.48 -23.40 -14.03
N PHE C 189 10.51 -23.50 -14.85
CA PHE C 189 10.83 -24.74 -15.50
C PHE C 189 12.25 -25.11 -15.19
N VAL C 190 12.44 -26.15 -14.38
CA VAL C 190 13.76 -26.59 -13.99
C VAL C 190 14.17 -27.85 -14.75
N ILE C 191 15.17 -27.72 -15.61
CA ILE C 191 15.59 -28.81 -16.48
C ILE C 191 16.54 -29.85 -15.84
N GLU C 192 16.21 -31.13 -16.06
CA GLU C 192 16.89 -32.28 -15.52
C GLU C 192 18.28 -32.50 -16.13
N GLU C 193 18.39 -32.41 -17.45
CA GLU C 193 19.65 -32.63 -18.14
C GLU C 193 20.67 -31.55 -17.86
N PRO C 194 21.89 -31.94 -17.49
CA PRO C 194 22.98 -30.98 -17.32
C PRO C 194 23.69 -30.63 -18.63
N LEU C 195 24.04 -29.36 -18.81
CA LEU C 195 24.97 -28.95 -19.85
C LEU C 195 26.41 -29.17 -19.36
N GLU C 196 27.40 -28.99 -20.22
CA GLU C 196 28.78 -29.20 -19.79
C GLU C 196 29.53 -27.88 -19.82
N VAL C 197 30.44 -27.74 -18.86
CA VAL C 197 31.26 -26.57 -18.79
C VAL C 197 32.64 -27.08 -18.48
N SER C 198 33.67 -26.54 -19.13
CA SER C 198 35.03 -26.95 -18.79
C SER C 198 35.50 -26.35 -17.50
N ALA C 199 36.55 -26.94 -16.96
CA ALA C 199 37.14 -26.42 -15.72
C ALA C 199 37.68 -24.99 -15.90
N LYS C 200 38.23 -24.68 -17.06
CA LYS C 200 38.66 -23.30 -17.29
C LYS C 200 37.47 -22.33 -17.37
N GLN C 201 36.46 -22.63 -18.19
CA GLN C 201 35.31 -21.73 -18.33
C GLN C 201 34.65 -21.52 -16.97
N LEU C 202 34.57 -22.56 -16.17
CA LEU C 202 34.00 -22.44 -14.82
C LEU C 202 34.73 -21.44 -13.94
N ALA C 203 36.04 -21.59 -13.82
CA ALA C 203 36.81 -20.63 -13.04
C ALA C 203 36.77 -19.25 -13.66
N GLU C 204 36.69 -19.17 -14.99
CA GLU C 204 36.65 -17.88 -15.66
C GLU C 204 35.31 -17.22 -15.36
N ILE C 205 34.24 -18.00 -15.39
CA ILE C 205 32.91 -17.51 -15.04
C ILE C 205 32.78 -17.16 -13.53
N LYS C 206 33.33 -17.98 -12.65
CA LYS C 206 33.30 -17.66 -11.22
C LYS C 206 34.07 -16.39 -10.95
N LYS C 207 35.15 -16.18 -11.71
CA LYS C 207 35.93 -14.96 -11.60
C LYS C 207 35.13 -13.72 -11.99
N ARG C 208 34.33 -13.83 -13.05
CA ARG C 208 33.51 -12.72 -13.45
C ARG C 208 32.46 -12.43 -12.38
N MET C 209 32.10 -13.43 -11.61
CA MET C 209 31.15 -13.21 -10.55
C MET C 209 31.89 -13.03 -9.23
N LYS C 210 33.11 -12.54 -9.34
CA LYS C 210 33.90 -12.10 -8.19
C LYS C 210 34.24 -13.23 -7.23
N ASN C 211 34.13 -14.47 -7.70
CA ASN C 211 34.43 -15.65 -6.87
C ASN C 211 33.72 -15.60 -5.52
N SER C 212 32.57 -14.94 -5.56
CA SER C 212 31.64 -14.87 -4.46
C SER C 212 30.36 -15.56 -4.89
N PRO C 213 29.96 -16.61 -4.16
CA PRO C 213 28.73 -17.39 -4.46
C PRO C 213 27.49 -16.50 -4.56
N ASN C 214 26.63 -16.76 -5.55
CA ASN C 214 25.35 -16.05 -5.62
C ASN C 214 24.18 -17.03 -5.69
N GLN C 215 24.09 -17.87 -4.66
CA GLN C 215 23.03 -18.84 -4.52
C GLN C 215 22.11 -18.51 -3.34
N ARG C 216 20.82 -18.27 -3.60
CA ARG C 216 19.88 -18.14 -2.50
C ARG C 216 19.69 -19.49 -1.81
N PRO C 217 19.72 -19.54 -0.47
CA PRO C 217 19.46 -20.83 0.15
C PRO C 217 18.05 -21.37 -0.10
N VAL C 218 17.91 -22.69 0.02
CA VAL C 218 16.66 -23.42 -0.13
C VAL C 218 15.63 -22.91 0.85
N GLN C 219 14.46 -22.57 0.34
CA GLN C 219 13.37 -21.96 1.07
C GLN C 219 12.34 -23.01 1.53
N PRO C 220 11.49 -22.65 2.50
CA PRO C 220 10.38 -23.51 2.92
C PRO C 220 9.43 -23.82 1.79
N ASP C 221 9.01 -25.07 1.70
CA ASP C 221 8.10 -25.57 0.66
C ASP C 221 6.72 -25.86 1.20
N TYR C 222 5.72 -25.11 0.76
CA TYR C 222 4.37 -25.33 1.26
C TYR C 222 3.61 -26.29 0.37
N ASN C 223 4.15 -27.50 0.25
CA ASN C 223 3.57 -28.56 -0.56
C ASN C 223 3.34 -28.07 -2.00
N THR C 224 4.39 -27.52 -2.59
CA THR C 224 4.32 -27.00 -3.94
C THR C 224 3.88 -28.10 -4.90
N VAL C 225 2.91 -27.76 -5.72
CA VAL C 225 2.47 -28.67 -6.75
C VAL C 225 3.43 -28.63 -7.93
N ILE C 226 4.11 -29.74 -8.14
CA ILE C 226 5.15 -29.86 -9.15
C ILE C 226 4.85 -30.92 -10.20
N ILE C 227 4.91 -30.54 -11.48
CA ILE C 227 4.74 -31.52 -12.53
C ILE C 227 6.08 -31.75 -13.21
N LYS C 228 6.29 -33.01 -13.60
CA LYS C 228 7.43 -33.37 -14.41
C LYS C 228 6.91 -33.54 -15.83
N SER C 229 7.57 -32.93 -16.80
CA SER C 229 7.15 -33.09 -18.18
C SER C 229 8.37 -32.97 -19.09
N SER C 230 8.14 -32.89 -20.39
CA SER C 230 9.23 -32.80 -21.34
C SER C 230 8.91 -31.89 -22.51
N ALA C 231 9.93 -31.51 -23.25
CA ALA C 231 9.72 -30.70 -24.44
C ALA C 231 10.89 -30.90 -25.37
N GLU C 232 10.73 -30.49 -26.62
CA GLU C 232 11.82 -30.49 -27.56
C GLU C 232 12.19 -29.06 -27.85
N THR C 233 13.41 -28.74 -27.49
CA THR C 233 13.96 -27.40 -27.59
C THR C 233 14.37 -27.10 -29.03
N ARG C 234 14.41 -28.18 -29.81
CA ARG C 234 14.98 -28.19 -31.16
C ARG C 234 14.25 -29.15 -32.11
N TRP D 10 -15.06 -6.44 7.14
CA TRP D 10 -15.13 -6.86 5.74
C TRP D 10 -16.33 -7.77 5.50
N ASP D 11 -16.96 -7.63 4.35
CA ASP D 11 -18.13 -8.45 4.02
C ASP D 11 -18.15 -8.76 2.51
N TYR D 12 -19.17 -9.45 2.05
CA TYR D 12 -19.22 -9.82 0.64
C TYR D 12 -20.08 -8.86 -0.16
N LYS D 13 -20.54 -7.83 0.53
CA LYS D 13 -21.41 -6.83 -0.05
C LYS D 13 -20.55 -5.95 -0.95
N ASN D 14 -21.15 -5.20 -1.86
CA ASN D 14 -20.36 -4.53 -2.89
C ASN D 14 -19.72 -3.20 -2.47
N LYS D 15 -19.80 -2.81 -1.21
CA LYS D 15 -19.28 -1.47 -0.87
C LYS D 15 -17.93 -1.43 -0.17
N GLU D 16 -17.80 -0.54 0.82
CA GLU D 16 -16.49 -0.19 1.36
C GLU D 16 -15.78 -1.35 2.04
N ASN D 17 -16.54 -2.25 2.63
CA ASN D 17 -15.95 -3.38 3.36
C ASN D 17 -16.10 -4.62 2.52
N GLY D 18 -16.41 -4.42 1.24
CA GLY D 18 -16.65 -5.51 0.32
C GLY D 18 -15.41 -6.23 -0.15
N PRO D 19 -15.59 -7.31 -0.92
CA PRO D 19 -14.49 -8.19 -1.30
C PRO D 19 -13.36 -7.45 -2.01
N HIS D 20 -13.74 -6.50 -2.86
CA HIS D 20 -12.80 -5.72 -3.65
C HIS D 20 -11.92 -4.76 -2.85
N ARG D 21 -12.31 -4.45 -1.63
CA ARG D 21 -11.53 -3.52 -0.81
C ARG D 21 -10.87 -4.14 0.41
N TRP D 22 -10.88 -5.46 0.50
CA TRP D 22 -10.37 -6.14 1.68
C TRP D 22 -8.96 -5.67 2.04
N ASP D 23 -8.17 -5.40 1.02
CA ASP D 23 -6.78 -5.00 1.19
C ASP D 23 -6.55 -3.67 1.90
N LYS D 24 -7.42 -2.69 1.70
CA LYS D 24 -7.26 -1.39 2.36
C LYS D 24 -7.78 -1.38 3.80
N LEU D 25 -8.77 -2.21 4.08
CA LEU D 25 -9.46 -2.17 5.36
C LEU D 25 -8.50 -2.46 6.50
N HIS D 26 -7.54 -3.35 6.25
CA HIS D 26 -6.53 -3.67 7.24
C HIS D 26 -5.23 -3.96 6.53
N LYS D 27 -4.11 -3.68 7.20
CA LYS D 27 -2.81 -3.96 6.63
C LYS D 27 -2.45 -5.45 6.72
N ASP D 28 -3.15 -6.20 7.57
CA ASP D 28 -3.02 -7.65 7.58
C ASP D 28 -3.61 -8.30 6.36
N PHE D 29 -4.48 -7.56 5.68
CA PHE D 29 -5.20 -8.12 4.54
C PHE D 29 -4.62 -7.71 3.20
N GLU D 30 -3.43 -7.12 3.21
CA GLU D 30 -2.85 -6.57 1.99
C GLU D 30 -2.52 -7.64 0.95
N VAL D 31 -2.24 -8.86 1.40
CA VAL D 31 -1.92 -9.94 0.47
C VAL D 31 -3.08 -10.24 -0.47
N CYS D 32 -4.29 -9.90 -0.04
CA CYS D 32 -5.49 -10.07 -0.85
C CYS D 32 -5.35 -9.36 -2.18
N LYS D 33 -4.54 -8.31 -2.19
CA LYS D 33 -4.26 -7.58 -3.42
C LYS D 33 -2.92 -8.01 -4.00
N SER D 34 -1.93 -8.14 -3.12
CA SER D 34 -0.56 -8.39 -3.55
C SER D 34 -0.29 -9.87 -3.88
N GLY D 35 -1.17 -10.78 -3.43
CA GLY D 35 -0.93 -12.19 -3.71
C GLY D 35 -0.93 -12.58 -5.19
N LYS D 36 -0.06 -13.53 -5.53
CA LYS D 36 0.06 -13.99 -6.92
C LYS D 36 -0.44 -15.42 -7.07
N SER D 37 -0.95 -15.96 -5.98
CA SER D 37 -1.56 -17.28 -5.99
C SER D 37 -2.86 -17.20 -5.19
N GLN D 38 -3.67 -16.20 -5.51
CA GLN D 38 -4.91 -15.93 -4.80
C GLN D 38 -6.05 -16.80 -5.29
N SER D 39 -6.87 -17.22 -4.33
CA SER D 39 -8.03 -18.00 -4.64
C SER D 39 -9.30 -17.19 -4.37
N PRO D 40 -10.39 -17.53 -5.06
CA PRO D 40 -10.53 -18.61 -6.01
C PRO D 40 -10.18 -18.27 -7.46
N ILE D 41 -10.07 -19.31 -8.30
CA ILE D 41 -9.82 -19.20 -9.74
C ILE D 41 -10.64 -20.22 -10.50
N ASN D 42 -10.59 -20.10 -11.82
CA ASN D 42 -11.14 -21.10 -12.72
C ASN D 42 -10.14 -22.15 -13.17
N ILE D 43 -10.48 -23.42 -12.96
CA ILE D 43 -9.60 -24.53 -13.29
C ILE D 43 -9.79 -24.82 -14.77
N GLU D 44 -8.94 -24.21 -15.59
CA GLU D 44 -9.03 -24.31 -17.04
C GLU D 44 -8.08 -25.37 -17.58
N HIS D 45 -6.80 -25.30 -17.23
CA HIS D 45 -5.91 -26.38 -17.67
C HIS D 45 -5.19 -27.04 -16.53
N TYR D 46 -4.91 -28.31 -16.73
CA TYR D 46 -4.39 -29.15 -15.69
C TYR D 46 -3.58 -30.23 -16.33
N TYR D 47 -2.87 -30.99 -15.50
CA TYR D 47 -2.04 -32.08 -15.95
C TYR D 47 -2.69 -33.33 -15.45
N HIS D 48 -2.86 -34.33 -16.31
CA HIS D 48 -3.38 -35.60 -15.84
C HIS D 48 -2.27 -36.40 -15.21
N THR D 49 -2.53 -37.08 -14.09
CA THR D 49 -1.49 -37.89 -13.48
C THR D 49 -2.07 -39.21 -12.95
N GLN D 50 -1.20 -40.21 -12.78
CA GLN D 50 -1.56 -41.47 -12.11
C GLN D 50 -0.93 -41.59 -10.74
N ASP D 51 -1.54 -40.98 -9.74
CA ASP D 51 -0.97 -41.10 -8.41
C ASP D 51 -2.08 -41.00 -7.39
N LYS D 52 -1.68 -41.04 -6.14
CA LYS D 52 -2.59 -40.90 -5.04
C LYS D 52 -2.00 -39.87 -4.06
N ALA D 53 -0.68 -39.65 -4.18
CA ALA D 53 0.06 -38.66 -3.38
C ALA D 53 -0.01 -38.98 -1.90
N ASP D 54 0.14 -40.25 -1.51
CA ASP D 54 0.07 -40.61 -0.10
C ASP D 54 -1.16 -40.02 0.51
N LEU D 55 -2.33 -40.29 -0.03
CA LEU D 55 -3.49 -39.59 0.52
C LEU D 55 -4.43 -40.62 1.13
N GLN D 56 -4.46 -40.68 2.46
CA GLN D 56 -5.28 -41.62 3.20
C GLN D 56 -6.22 -40.96 4.21
N PHE D 57 -7.48 -41.38 4.24
CA PHE D 57 -8.46 -40.83 5.16
C PHE D 57 -8.62 -41.66 6.44
N LYS D 58 -8.72 -40.94 7.56
CA LYS D 58 -8.92 -41.53 8.88
C LYS D 58 -10.04 -40.81 9.65
N TYR D 59 -11.27 -40.93 9.15
CA TYR D 59 -12.40 -40.26 9.77
C TYR D 59 -13.31 -41.19 10.58
N ALA D 60 -13.91 -40.63 11.62
CA ALA D 60 -14.89 -41.35 12.40
C ALA D 60 -16.14 -40.47 12.57
N LYS D 65 -17.16 -30.18 18.53
CA LYS D 65 -17.15 -29.36 19.74
C LYS D 65 -18.20 -28.27 19.71
N ALA D 66 -18.40 -27.65 18.55
CA ALA D 66 -19.37 -26.57 18.45
C ALA D 66 -19.94 -26.39 17.06
N VAL D 67 -21.17 -25.92 16.99
CA VAL D 67 -21.82 -25.62 15.72
C VAL D 67 -22.36 -24.22 15.68
N PHE D 68 -21.82 -23.37 14.81
CA PHE D 68 -22.19 -21.99 14.88
C PHE D 68 -21.92 -21.20 13.61
N PHE D 69 -22.63 -20.09 13.50
CA PHE D 69 -22.46 -19.12 12.44
C PHE D 69 -21.44 -18.11 12.97
N THR D 70 -20.32 -17.97 12.27
CA THR D 70 -19.30 -16.98 12.64
C THR D 70 -18.69 -16.39 11.39
N HIS D 71 -18.42 -15.10 11.39
CA HIS D 71 -17.67 -14.50 10.28
C HIS D 71 -18.31 -14.82 8.95
N HIS D 72 -19.62 -14.63 8.84
CA HIS D 72 -20.38 -14.80 7.60
C HIS D 72 -20.56 -16.27 7.27
N THR D 73 -19.92 -17.14 8.05
CA THR D 73 -20.00 -18.58 7.77
C THR D 73 -20.45 -19.38 8.97
N LEU D 74 -21.06 -20.52 8.68
CA LEU D 74 -21.44 -21.48 9.70
C LEU D 74 -20.35 -22.50 9.95
N LYS D 75 -19.96 -22.63 11.20
CA LYS D 75 -18.82 -23.47 11.53
C LYS D 75 -19.31 -24.62 12.38
N ALA D 76 -18.85 -25.82 12.03
CA ALA D 76 -19.07 -26.98 12.86
C ALA D 76 -17.70 -27.47 13.26
N SER D 77 -17.39 -27.39 14.54
CA SER D 77 -16.05 -27.68 15.01
C SER D 77 -15.94 -29.11 15.48
N PHE D 78 -14.72 -29.63 15.44
CA PHE D 78 -14.49 -31.01 15.81
C PHE D 78 -13.32 -31.04 16.75
N GLU D 79 -13.25 -32.08 17.55
CA GLU D 79 -12.07 -32.34 18.36
C GLU D 79 -10.92 -32.71 17.41
N PRO D 80 -9.67 -32.60 17.87
CA PRO D 80 -8.60 -32.97 16.95
C PRO D 80 -8.56 -34.47 16.70
N THR D 81 -9.69 -35.06 16.34
CA THR D 81 -9.80 -36.51 16.18
C THR D 81 -9.69 -36.97 14.74
N ASN D 82 -10.05 -36.10 13.80
CA ASN D 82 -10.04 -36.48 12.39
C ASN D 82 -8.86 -35.86 11.62
N HIS D 83 -8.18 -36.69 10.85
CA HIS D 83 -6.91 -36.38 10.20
C HIS D 83 -6.84 -36.80 8.75
N ILE D 84 -5.95 -36.16 7.99
CA ILE D 84 -5.62 -36.58 6.62
C ILE D 84 -4.11 -36.66 6.54
N ASN D 85 -3.58 -37.73 5.93
CA ASN D 85 -2.13 -37.87 5.80
C ASN D 85 -1.65 -37.51 4.41
N TYR D 86 -0.83 -36.46 4.33
CA TYR D 86 -0.29 -36.00 3.06
C TYR D 86 1.21 -35.82 3.06
N ARG D 87 1.88 -36.69 2.32
CA ARG D 87 3.33 -36.68 2.18
C ARG D 87 4.12 -36.73 3.50
N GLY D 88 3.82 -37.70 4.36
CA GLY D 88 4.58 -37.86 5.58
C GLY D 88 4.17 -36.86 6.64
N HIS D 89 3.08 -36.15 6.37
CA HIS D 89 2.52 -35.19 7.32
C HIS D 89 1.06 -35.49 7.66
N ASP D 90 0.75 -35.39 8.94
CA ASP D 90 -0.61 -35.58 9.47
C ASP D 90 -1.28 -34.23 9.55
N TYR D 91 -2.49 -34.09 9.01
CA TYR D 91 -3.21 -32.82 9.11
C TYR D 91 -4.52 -32.91 9.90
N VAL D 92 -4.63 -32.17 11.00
CA VAL D 92 -5.84 -32.27 11.81
CA VAL D 92 -5.82 -32.16 11.83
C VAL D 92 -7.00 -31.46 11.21
N LEU D 93 -8.09 -32.16 10.98
CA LEU D 93 -9.30 -31.48 10.56
C LEU D 93 -9.72 -30.60 11.69
N ASP D 94 -9.86 -29.32 11.39
CA ASP D 94 -10.23 -28.36 12.40
C ASP D 94 -11.71 -28.06 12.39
N ASN D 95 -12.22 -27.80 11.20
CA ASN D 95 -13.58 -27.35 11.09
C ASN D 95 -14.10 -27.53 9.69
N VAL D 96 -15.41 -27.40 9.58
CA VAL D 96 -16.07 -27.39 8.29
CA VAL D 96 -16.07 -27.39 8.29
C VAL D 96 -16.99 -26.18 8.24
N HIS D 97 -16.94 -25.48 7.13
CA HIS D 97 -17.78 -24.33 6.92
C HIS D 97 -18.28 -24.39 5.50
N PHE D 98 -19.18 -23.49 5.13
CA PHE D 98 -19.89 -23.64 3.86
C PHE D 98 -19.82 -22.40 2.99
N HIS D 99 -19.89 -22.62 1.69
CA HIS D 99 -19.93 -21.52 0.71
C HIS D 99 -21.04 -21.73 -0.30
N ALA D 100 -21.76 -20.65 -0.57
CA ALA D 100 -22.83 -20.64 -1.57
C ALA D 100 -22.73 -19.39 -2.43
N PRO D 101 -22.61 -19.57 -3.76
CA PRO D 101 -22.51 -20.77 -4.58
C PRO D 101 -21.16 -21.48 -4.43
N MET D 102 -20.92 -22.50 -5.23
CA MET D 102 -19.63 -23.17 -5.24
C MET D 102 -18.64 -22.10 -5.61
N GLU D 103 -17.53 -22.07 -4.91
CA GLU D 103 -16.60 -20.97 -5.09
C GLU D 103 -15.79 -21.02 -6.37
N PHE D 104 -15.13 -22.14 -6.58
CA PHE D 104 -14.26 -22.34 -7.73
C PHE D 104 -15.04 -22.65 -9.00
N LEU D 105 -14.59 -22.11 -10.12
CA LEU D 105 -15.20 -22.41 -11.42
C LEU D 105 -14.39 -23.46 -12.16
N ILE D 106 -15.07 -24.50 -12.61
CA ILE D 106 -14.43 -25.53 -13.39
C ILE D 106 -14.85 -25.33 -14.82
N ASN D 107 -13.97 -24.70 -15.58
CA ASN D 107 -14.28 -24.32 -16.94
C ASN D 107 -15.58 -23.52 -16.92
N ASN D 108 -15.60 -22.52 -16.05
CA ASN D 108 -16.72 -21.59 -15.91
C ASN D 108 -17.96 -22.25 -15.34
N LYS D 109 -17.77 -23.38 -14.65
CA LYS D 109 -18.90 -24.07 -14.00
C LYS D 109 -18.97 -23.93 -12.47
N THR D 110 -20.17 -23.60 -12.00
CA THR D 110 -20.44 -23.33 -10.60
C THR D 110 -21.46 -24.33 -10.03
N ARG D 111 -21.33 -24.61 -8.74
CA ARG D 111 -22.29 -25.42 -8.01
C ARG D 111 -22.95 -24.51 -6.96
N PRO D 112 -24.19 -24.83 -6.56
CA PRO D 112 -24.94 -24.02 -5.60
C PRO D 112 -24.32 -23.84 -4.21
N LEU D 113 -23.43 -24.73 -3.80
CA LEU D 113 -22.89 -24.70 -2.45
C LEU D 113 -21.54 -25.38 -2.35
N SER D 114 -20.74 -24.99 -1.35
CA SER D 114 -19.51 -25.70 -1.06
C SER D 114 -19.25 -25.85 0.43
N ALA D 115 -18.38 -26.79 0.77
CA ALA D 115 -17.94 -27.03 2.13
C ALA D 115 -16.42 -27.11 2.18
N HIS D 116 -15.82 -26.54 3.22
CA HIS D 116 -14.37 -26.62 3.30
C HIS D 116 -13.91 -27.48 4.42
N PHE D 117 -13.12 -28.48 4.09
CA PHE D 117 -12.63 -29.36 5.12
C PHE D 117 -11.24 -28.89 5.45
N VAL D 118 -11.18 -28.15 6.54
CA VAL D 118 -9.98 -27.44 6.91
C VAL D 118 -9.10 -28.29 7.80
N HIS D 119 -7.85 -28.41 7.38
CA HIS D 119 -6.87 -29.19 8.13
C HIS D 119 -5.63 -28.40 8.47
N LYS D 120 -5.01 -28.74 9.60
CA LYS D 120 -3.77 -28.11 10.03
C LYS D 120 -2.78 -29.18 10.48
N ASP D 121 -1.51 -29.03 10.14
CA ASP D 121 -0.52 -29.97 10.69
C ASP D 121 0.16 -29.40 11.94
N ALA D 122 1.22 -30.08 12.38
CA ALA D 122 1.96 -29.66 13.57
C ALA D 122 2.54 -28.25 13.35
N LYS D 123 3.09 -28.05 12.16
CA LYS D 123 3.74 -26.78 11.80
C LYS D 123 2.75 -25.64 11.52
N GLY D 124 1.45 -25.96 11.54
CA GLY D 124 0.40 -24.99 11.28
C GLY D 124 -0.04 -24.93 9.83
N ARG D 125 0.48 -25.85 9.02
CA ARG D 125 0.16 -25.93 7.60
C ARG D 125 -1.28 -26.25 7.29
N LEU D 126 -1.79 -25.62 6.24
CA LEU D 126 -3.20 -25.74 5.93
C LEU D 126 -3.47 -26.68 4.76
N LEU D 127 -4.48 -27.53 4.94
CA LEU D 127 -4.99 -28.39 3.88
C LEU D 127 -6.51 -28.23 3.85
N VAL D 128 -7.05 -27.85 2.70
CA VAL D 128 -8.49 -27.66 2.61
C VAL D 128 -9.10 -28.46 1.48
N LEU D 129 -10.25 -29.05 1.77
CA LEU D 129 -10.97 -29.94 0.88
C LEU D 129 -12.29 -29.33 0.44
N ALA D 130 -12.55 -29.33 -0.85
CA ALA D 130 -13.79 -28.77 -1.34
C ALA D 130 -14.60 -29.88 -2.01
N ILE D 131 -15.90 -29.90 -1.75
CA ILE D 131 -16.80 -30.90 -2.34
C ILE D 131 -18.10 -30.27 -2.85
N GLY D 132 -18.55 -30.72 -4.02
CA GLY D 132 -19.72 -30.13 -4.64
C GLY D 132 -21.03 -30.78 -4.28
N LYS D 137 -30.72 -35.30 -3.09
CA LYS D 137 -31.23 -36.20 -2.07
C LYS D 137 -31.05 -35.59 -0.68
N GLU D 138 -31.98 -35.84 0.25
CA GLU D 138 -31.79 -35.36 1.61
C GLU D 138 -30.52 -36.02 2.18
N ASN D 139 -29.68 -35.24 2.85
CA ASN D 139 -28.44 -35.80 3.38
C ASN D 139 -28.47 -36.10 4.87
N PRO D 140 -28.34 -37.39 5.21
CA PRO D 140 -28.37 -37.86 6.59
C PRO D 140 -27.20 -37.39 7.48
N ASN D 141 -26.01 -37.20 6.91
CA ASN D 141 -24.84 -36.76 7.70
C ASN D 141 -24.99 -35.31 8.16
N LEU D 142 -25.79 -34.55 7.43
CA LEU D 142 -26.12 -33.19 7.84
C LEU D 142 -27.07 -33.23 9.04
N ASP D 143 -27.90 -34.26 9.13
CA ASP D 143 -28.92 -34.25 10.15
C ASP D 143 -28.32 -34.04 11.56
N PRO D 144 -27.17 -34.67 11.87
CA PRO D 144 -26.62 -34.35 13.19
C PRO D 144 -26.32 -32.87 13.40
N ILE D 145 -25.84 -32.18 12.38
CA ILE D 145 -25.55 -30.75 12.49
C ILE D 145 -26.86 -30.00 12.41
N LEU D 146 -27.79 -30.53 11.62
CA LEU D 146 -29.10 -29.92 11.48
C LEU D 146 -29.75 -29.88 12.88
N GLU D 147 -29.30 -30.78 13.74
CA GLU D 147 -29.60 -30.75 15.17
C GLU D 147 -28.77 -29.73 15.93
N GLY D 148 -27.48 -29.71 15.63
CA GLY D 148 -26.53 -28.88 16.34
C GLY D 148 -26.78 -27.40 16.18
N ILE D 149 -27.55 -27.06 15.15
CA ILE D 149 -27.87 -25.66 14.85
C ILE D 149 -28.76 -25.05 15.92
N GLN D 150 -29.52 -25.89 16.62
CA GLN D 150 -30.39 -25.40 17.68
C GLN D 150 -29.71 -25.52 19.05
N LYS D 151 -29.09 -26.67 19.30
CA LYS D 151 -28.53 -26.96 20.61
C LYS D 151 -27.15 -26.37 20.81
N LYS D 152 -26.95 -25.69 21.93
CA LYS D 152 -25.62 -25.23 22.26
C LYS D 152 -24.93 -26.33 23.05
N ALA D 159 -21.39 -37.62 11.17
CA ALA D 159 -20.87 -38.86 10.60
C ALA D 159 -19.88 -38.57 9.47
N LEU D 160 -18.66 -38.22 9.85
CA LEU D 160 -17.65 -37.84 8.89
C LEU D 160 -17.31 -39.01 7.99
N ASP D 161 -17.25 -40.18 8.61
CA ASP D 161 -16.88 -41.42 7.93
C ASP D 161 -17.81 -41.78 6.79
N ALA D 162 -19.01 -41.20 6.76
CA ALA D 162 -19.94 -41.47 5.65
C ALA D 162 -20.22 -40.27 4.74
N PHE D 163 -19.71 -39.09 5.10
CA PHE D 163 -20.05 -37.91 4.31
C PHE D 163 -19.46 -37.95 2.93
N LEU D 164 -18.17 -38.23 2.86
CA LEU D 164 -17.50 -38.21 1.58
C LEU D 164 -17.64 -39.53 0.85
N PRO D 165 -17.57 -39.47 -0.49
CA PRO D 165 -17.47 -40.66 -1.34
C PRO D 165 -16.24 -41.49 -1.03
N LYS D 166 -16.34 -42.80 -1.27
CA LYS D 166 -15.24 -43.73 -1.01
C LYS D 166 -14.03 -43.47 -1.92
N SER D 167 -14.29 -43.45 -3.21
CA SER D 167 -13.25 -43.19 -4.18
C SER D 167 -13.51 -41.83 -4.81
N ILE D 168 -12.48 -40.99 -4.81
CA ILE D 168 -12.60 -39.61 -5.27
C ILE D 168 -11.67 -39.21 -6.40
N ASN D 169 -12.16 -38.39 -7.33
CA ASN D 169 -11.27 -37.70 -8.27
C ASN D 169 -11.10 -36.24 -7.87
N TYR D 170 -9.85 -35.77 -7.79
CA TYR D 170 -9.60 -34.42 -7.28
C TYR D 170 -8.59 -33.62 -8.07
N TYR D 171 -8.70 -32.29 -7.93
CA TYR D 171 -7.72 -31.35 -8.46
C TYR D 171 -6.97 -30.75 -7.30
N HIS D 172 -5.67 -30.72 -7.43
CA HIS D 172 -4.84 -30.27 -6.35
C HIS D 172 -3.86 -29.19 -6.83
N PHE D 173 -3.73 -28.13 -6.05
CA PHE D 173 -2.91 -27.00 -6.44
C PHE D 173 -2.71 -26.15 -5.20
N ASN D 174 -1.80 -25.18 -5.28
CA ASN D 174 -1.59 -24.26 -4.17
C ASN D 174 -2.38 -22.99 -4.38
N GLY D 175 -3.05 -22.54 -3.33
CA GLY D 175 -3.87 -21.37 -3.44
C GLY D 175 -3.96 -20.65 -2.12
N SER D 176 -5.00 -19.83 -1.98
CA SER D 176 -5.16 -19.00 -0.81
C SER D 176 -6.51 -19.18 -0.15
N LEU D 177 -6.66 -18.59 1.03
CA LEU D 177 -7.94 -18.52 1.70
C LEU D 177 -8.86 -17.63 0.92
N THR D 178 -10.14 -17.98 0.91
CA THR D 178 -11.11 -17.20 0.19
C THR D 178 -11.60 -16.09 1.11
N ALA D 179 -11.13 -16.15 2.35
CA ALA D 179 -11.51 -15.14 3.34
C ALA D 179 -10.27 -14.53 3.96
N PRO D 180 -10.37 -13.25 4.39
CA PRO D 180 -9.26 -12.58 5.06
C PRO D 180 -8.82 -13.40 6.24
N PRO D 181 -7.50 -13.46 6.51
CA PRO D 181 -6.44 -12.63 5.93
C PRO D 181 -5.93 -13.08 4.55
N CYS D 182 -6.66 -14.00 3.91
CA CYS D 182 -6.35 -14.48 2.57
C CYS D 182 -4.98 -15.10 2.51
N THR D 183 -4.58 -15.73 3.61
CA THR D 183 -3.27 -16.36 3.71
C THR D 183 -3.03 -17.34 2.57
N GLU D 184 -1.84 -17.29 1.98
CA GLU D 184 -1.51 -18.21 0.90
C GLU D 184 -0.73 -19.40 1.46
N GLY D 185 -0.31 -20.30 0.59
CA GLY D 185 0.35 -21.51 1.06
C GLY D 185 -0.66 -22.58 1.41
N VAL D 186 -1.89 -22.42 0.93
CA VAL D 186 -2.94 -23.40 1.16
C VAL D 186 -2.97 -24.49 0.08
N ALA D 187 -2.92 -25.75 0.52
CA ALA D 187 -3.04 -26.88 -0.40
C ALA D 187 -4.51 -27.19 -0.61
N TRP D 188 -5.00 -26.95 -1.81
CA TRP D 188 -6.40 -27.15 -2.15
C TRP D 188 -6.63 -28.46 -2.86
N PHE D 189 -7.64 -29.21 -2.43
CA PHE D 189 -8.01 -30.40 -3.16
C PHE D 189 -9.48 -30.24 -3.47
N VAL D 190 -9.79 -29.98 -4.74
CA VAL D 190 -11.16 -29.72 -5.19
C VAL D 190 -11.77 -30.96 -5.81
N ILE D 191 -12.84 -31.46 -5.18
CA ILE D 191 -13.46 -32.69 -5.62
C ILE D 191 -14.36 -32.50 -6.83
N GLU D 192 -14.14 -33.35 -7.85
CA GLU D 192 -14.87 -33.31 -9.11
C GLU D 192 -16.32 -33.66 -8.87
N GLU D 193 -16.53 -34.72 -8.10
CA GLU D 193 -17.87 -35.23 -7.85
C GLU D 193 -18.68 -34.24 -7.02
N PRO D 194 -19.89 -33.90 -7.50
CA PRO D 194 -20.76 -33.09 -6.65
C PRO D 194 -21.63 -33.99 -5.75
N LEU D 195 -21.73 -33.68 -4.46
CA LEU D 195 -22.63 -34.41 -3.58
C LEU D 195 -24.07 -33.91 -3.64
N GLU D 196 -24.98 -34.65 -2.99
CA GLU D 196 -26.38 -34.24 -2.97
C GLU D 196 -26.90 -33.83 -1.60
N VAL D 197 -27.73 -32.81 -1.63
CA VAL D 197 -28.38 -32.23 -0.47
C VAL D 197 -29.82 -31.90 -0.87
N SER D 198 -30.77 -31.99 0.06
CA SER D 198 -32.15 -31.63 -0.28
C SER D 198 -32.36 -30.13 -0.47
N ALA D 199 -33.29 -29.80 -1.35
CA ALA D 199 -33.66 -28.41 -1.64
C ALA D 199 -34.29 -27.68 -0.46
N LYS D 200 -34.99 -28.43 0.38
CA LYS D 200 -35.67 -27.85 1.54
C LYS D 200 -34.65 -27.17 2.47
N GLN D 201 -33.56 -27.89 2.73
CA GLN D 201 -32.45 -27.42 3.54
C GLN D 201 -31.81 -26.15 2.93
N LEU D 202 -31.74 -26.12 1.59
CA LEU D 202 -31.00 -25.12 0.82
C LEU D 202 -31.37 -23.63 0.96
N ALA D 203 -32.63 -23.29 0.76
CA ALA D 203 -33.04 -21.90 0.95
C ALA D 203 -32.89 -21.53 2.42
N GLU D 204 -33.10 -22.54 3.27
CA GLU D 204 -32.99 -22.41 4.72
C GLU D 204 -31.54 -22.24 5.15
N PRO D 213 -24.63 -13.72 -0.96
CA PRO D 213 -23.56 -14.56 -1.51
C PRO D 213 -22.27 -14.47 -0.70
N ASN D 214 -21.64 -15.62 -0.46
CA ASN D 214 -20.33 -15.62 0.19
C ASN D 214 -19.32 -16.41 -0.66
N GLN D 215 -19.22 -15.99 -1.92
CA GLN D 215 -18.29 -16.54 -2.88
C GLN D 215 -17.29 -15.43 -3.18
N ARG D 216 -16.01 -15.63 -2.87
CA ARG D 216 -15.04 -14.62 -3.25
C ARG D 216 -14.98 -14.61 -4.78
N PRO D 217 -14.97 -13.41 -5.40
CA PRO D 217 -14.91 -13.43 -6.86
C PRO D 217 -13.62 -14.06 -7.37
N VAL D 218 -13.64 -14.50 -8.61
CA VAL D 218 -12.47 -15.11 -9.24
C VAL D 218 -11.23 -14.19 -9.30
N GLN D 219 -10.08 -14.72 -8.89
CA GLN D 219 -8.85 -13.97 -8.83
C GLN D 219 -7.98 -14.13 -10.10
N PRO D 220 -6.99 -13.24 -10.29
CA PRO D 220 -5.99 -13.37 -11.38
C PRO D 220 -5.16 -14.64 -11.26
N ASP D 221 -4.97 -15.38 -12.34
CA ASP D 221 -4.22 -16.63 -12.26
C ASP D 221 -2.87 -16.51 -12.93
N TYR D 222 -1.82 -16.73 -12.15
CA TYR D 222 -0.46 -16.68 -12.67
C TYR D 222 0.08 -18.07 -13.11
N ASN D 223 -0.54 -18.69 -14.12
CA ASN D 223 -0.12 -20.01 -14.57
C ASN D 223 -0.13 -21.04 -13.45
N THR D 224 -1.22 -21.12 -12.68
CA THR D 224 -1.28 -22.09 -11.59
C THR D 224 -1.07 -23.48 -12.15
N VAL D 225 -0.15 -24.22 -11.55
CA VAL D 225 0.07 -25.64 -11.84
C VAL D 225 -0.90 -26.51 -11.03
N ILE D 226 -1.80 -27.19 -11.74
CA ILE D 226 -2.89 -27.96 -11.14
C ILE D 226 -2.88 -29.44 -11.57
N ILE D 227 -2.96 -30.38 -10.64
CA ILE D 227 -3.05 -31.78 -11.04
C ILE D 227 -4.39 -32.45 -10.75
N LYS D 228 -4.80 -33.34 -11.66
CA LYS D 228 -5.96 -34.20 -11.50
C LYS D 228 -5.51 -35.58 -11.08
N SER D 229 -6.06 -36.06 -9.97
CA SER D 229 -5.67 -37.34 -9.41
C SER D 229 -6.83 -37.98 -8.66
N SER D 230 -6.59 -39.11 -8.02
CA SER D 230 -7.66 -39.77 -7.29
C SER D 230 -7.20 -40.38 -5.97
N ALA D 231 -8.15 -40.63 -5.10
CA ALA D 231 -7.81 -41.21 -3.82
C ALA D 231 -8.99 -42.02 -3.25
N GLU D 232 -8.68 -42.79 -2.22
CA GLU D 232 -9.61 -43.64 -1.51
C GLU D 232 -9.89 -43.29 -0.01
N THR D 233 -11.14 -42.96 0.34
CA THR D 233 -11.48 -42.63 1.74
C THR D 233 -11.69 -43.90 2.55
N LYS E 9 -17.56 77.69 33.26
CA LYS E 9 -17.65 78.29 31.95
C LYS E 9 -17.82 77.28 30.83
N TRP E 10 -17.00 76.23 30.81
CA TRP E 10 -16.95 75.38 29.62
C TRP E 10 -18.13 74.44 29.47
N ASP E 11 -18.56 74.27 28.24
CA ASP E 11 -19.70 73.42 27.94
C ASP E 11 -19.54 72.76 26.58
N TYR E 12 -20.56 72.02 26.17
CA TYR E 12 -20.56 71.27 24.91
C TYR E 12 -21.33 71.98 23.80
N LYS E 13 -21.72 73.23 24.06
CA LYS E 13 -22.51 74.03 23.11
C LYS E 13 -21.65 74.49 21.94
N ASN E 14 -22.27 74.86 20.84
CA ASN E 14 -21.48 75.32 19.71
C ASN E 14 -21.17 76.80 19.85
N LYS E 15 -21.43 77.35 21.03
CA LYS E 15 -21.28 78.77 21.24
C LYS E 15 -19.97 79.18 21.93
N GLU E 16 -20.05 80.13 22.85
CA GLU E 16 -18.87 80.79 23.42
C GLU E 16 -17.93 79.89 24.23
N ASN E 17 -18.48 78.92 24.96
CA ASN E 17 -17.67 78.12 25.86
C ASN E 17 -17.56 76.67 25.44
N GLY E 18 -17.96 76.42 24.19
CA GLY E 18 -17.99 75.08 23.67
C GLY E 18 -16.65 74.45 23.33
N PRO E 19 -16.70 73.19 22.88
CA PRO E 19 -15.53 72.36 22.61
C PRO E 19 -14.56 73.00 21.62
N HIS E 20 -15.08 73.72 20.64
CA HIS E 20 -14.20 74.39 19.72
C HIS E 20 -13.48 75.55 20.41
N ARG E 21 -14.00 75.98 21.56
CA ARG E 21 -13.38 77.11 22.24
C ARG E 21 -12.74 76.72 23.56
N TRP E 22 -12.62 75.42 23.84
CA TRP E 22 -12.06 75.04 25.13
C TRP E 22 -10.68 75.59 25.39
N ASP E 23 -9.80 75.61 24.40
CA ASP E 23 -8.48 76.12 24.69
C ASP E 23 -8.50 77.62 25.02
N LYS E 24 -9.51 78.35 24.54
CA LYS E 24 -9.65 79.80 24.77
C LYS E 24 -10.12 80.17 26.17
N LEU E 25 -10.91 79.30 26.81
CA LEU E 25 -11.51 79.64 28.11
C LEU E 25 -10.51 79.78 29.24
N HIS E 26 -9.50 78.93 29.21
CA HIS E 26 -8.48 78.93 30.24
C HIS E 26 -7.22 78.46 29.53
N LYS E 27 -6.03 78.88 29.96
CA LYS E 27 -4.81 78.43 29.32
C LYS E 27 -4.39 77.00 29.67
N ASP E 28 -4.91 76.46 30.77
CA ASP E 28 -4.67 75.07 31.11
C ASP E 28 -5.31 74.12 30.10
N PHE E 29 -6.22 74.66 29.29
CA PHE E 29 -7.01 73.89 28.34
C PHE E 29 -6.35 73.94 26.97
N GLU E 30 -5.08 74.33 26.93
CA GLU E 30 -4.39 74.49 25.63
C GLU E 30 -4.29 73.19 24.89
N VAL E 31 -4.04 72.12 25.64
CA VAL E 31 -3.85 70.81 25.05
C VAL E 31 -5.11 70.33 24.37
N CYS E 32 -6.25 70.89 24.72
CA CYS E 32 -7.50 70.55 24.07
C CYS E 32 -7.38 70.85 22.58
N LYS E 33 -6.57 71.84 22.23
CA LYS E 33 -6.23 72.08 20.83
C LYS E 33 -4.80 71.66 20.46
N SER E 34 -3.81 71.97 21.28
CA SER E 34 -2.41 71.78 20.91
C SER E 34 -1.92 70.32 20.96
N GLY E 35 -2.61 69.46 21.71
CA GLY E 35 -2.23 68.06 21.83
C GLY E 35 -2.34 67.27 20.53
N LYS E 36 -1.48 66.27 20.35
CA LYS E 36 -1.54 65.43 19.15
C LYS E 36 -2.10 64.02 19.41
N SER E 37 -2.54 63.75 20.64
CA SER E 37 -3.19 62.48 20.97
CA SER E 37 -3.19 62.48 20.97
C SER E 37 -4.46 62.74 21.79
N GLN E 38 -5.35 63.54 21.20
CA GLN E 38 -6.60 63.99 21.82
C GLN E 38 -7.74 63.01 21.65
N SER E 39 -8.57 62.83 22.67
CA SER E 39 -9.71 61.94 22.56
C SER E 39 -11.02 62.69 22.67
N PRO E 40 -12.11 62.15 22.09
CA PRO E 40 -12.21 60.85 21.39
C PRO E 40 -11.83 60.86 19.93
N ILE E 41 -11.73 59.65 19.36
CA ILE E 41 -11.44 59.46 17.95
C ILE E 41 -12.33 58.38 17.40
N ASN E 42 -12.33 58.25 16.08
CA ASN E 42 -13.04 57.15 15.45
C ASN E 42 -12.09 56.01 15.18
N ILE E 43 -12.42 54.85 15.72
CA ILE E 43 -11.53 53.70 15.66
C ILE E 43 -11.70 52.87 14.39
N GLU E 44 -10.79 53.02 13.44
CA GLU E 44 -10.89 52.32 12.16
C GLU E 44 -9.67 51.50 11.74
N HIS E 45 -8.48 51.93 12.13
CA HIS E 45 -7.26 51.18 11.81
C HIS E 45 -6.56 50.70 13.11
N TYR E 46 -6.36 49.39 13.19
CA TYR E 46 -5.84 48.77 14.41
C TYR E 46 -5.11 47.49 14.12
N TYR E 47 -4.39 47.00 15.11
CA TYR E 47 -3.55 45.83 14.94
C TYR E 47 -4.16 44.68 15.72
N HIS E 48 -4.35 43.55 15.06
CA HIS E 48 -4.85 42.36 15.74
C HIS E 48 -3.69 41.72 16.42
N THR E 49 -3.90 41.18 17.62
CA THR E 49 -2.81 40.62 18.37
C THR E 49 -3.15 39.37 19.15
N GLN E 50 -2.13 38.64 19.58
CA GLN E 50 -2.33 37.42 20.36
C GLN E 50 -2.51 37.72 21.84
N ASP E 51 -3.75 37.63 22.31
CA ASP E 51 -4.04 37.90 23.72
C ASP E 51 -3.19 37.04 24.63
N LYS E 52 -2.79 37.61 25.77
CA LYS E 52 -1.96 36.90 26.74
C LYS E 52 -2.36 37.25 28.17
N ALA E 53 -3.66 37.43 28.39
CA ALA E 53 -4.16 37.77 29.71
C ALA E 53 -3.33 38.87 30.35
N ASP E 54 -3.54 40.11 29.91
CA ASP E 54 -2.81 41.26 30.45
C ASP E 54 -3.60 42.12 31.40
N LEU E 55 -4.91 41.90 31.43
CA LEU E 55 -5.82 42.78 32.13
C LEU E 55 -6.60 42.06 33.22
N GLN E 56 -6.40 42.48 34.46
CA GLN E 56 -7.10 41.87 35.57
C GLN E 56 -8.05 42.78 36.28
N PHE E 57 -9.26 42.30 36.52
CA PHE E 57 -10.23 43.10 37.24
C PHE E 57 -10.23 42.64 38.68
N LYS E 58 -10.25 43.58 39.62
CA LYS E 58 -10.35 43.27 41.03
C LYS E 58 -11.47 44.07 41.64
N TYR E 59 -12.68 43.79 41.20
CA TYR E 59 -13.85 44.54 41.59
C TYR E 59 -14.71 43.75 42.58
N ALA E 60 -15.35 44.48 43.48
CA ALA E 60 -16.39 43.97 44.36
C ALA E 60 -17.55 44.98 44.39
N ALA E 61 -18.70 44.58 44.92
CA ALA E 61 -19.80 45.52 45.13
C ALA E 61 -19.38 46.63 46.09
N SER E 62 -19.73 47.86 45.79
CA SER E 62 -19.27 49.00 46.58
C SER E 62 -20.33 50.06 46.60
N LYS E 63 -20.51 50.70 47.76
CA LYS E 63 -21.50 51.74 47.87
C LYS E 63 -20.80 52.97 47.39
N PRO E 64 -21.42 53.71 46.47
CA PRO E 64 -20.75 54.94 46.08
C PRO E 64 -20.52 55.81 47.31
N LYS E 65 -19.35 56.41 47.34
CA LYS E 65 -19.01 57.51 48.23
C LYS E 65 -19.91 58.69 47.90
N ALA E 66 -20.19 58.87 46.61
CA ALA E 66 -21.08 59.95 46.17
C ALA E 66 -21.69 59.66 44.80
N VAL E 67 -22.90 60.16 44.57
CA VAL E 67 -23.55 60.13 43.25
C VAL E 67 -24.18 61.48 42.92
N PHE E 68 -23.69 62.17 41.89
CA PHE E 68 -24.13 63.53 41.60
C PHE E 68 -23.83 64.06 40.19
N PHE E 69 -24.57 65.09 39.80
CA PHE E 69 -24.33 65.71 38.51
C PHE E 69 -23.29 66.78 38.68
N THR E 70 -22.17 66.66 37.99
CA THR E 70 -21.12 67.65 38.03
C THR E 70 -20.52 67.80 36.67
N HIS E 71 -20.28 69.04 36.25
CA HIS E 71 -19.58 69.29 34.99
C HIS E 71 -20.21 68.50 33.89
N HIS E 72 -21.53 68.59 33.80
CA HIS E 72 -22.29 68.07 32.68
C HIS E 72 -22.46 66.55 32.71
N THR E 73 -21.91 65.88 33.72
CA THR E 73 -22.02 64.43 33.81
C THR E 73 -22.63 63.93 35.10
N LEU E 74 -23.24 62.76 35.00
CA LEU E 74 -23.73 62.09 36.18
C LEU E 74 -22.61 61.19 36.65
N LYS E 75 -22.13 61.41 37.86
CA LYS E 75 -20.91 60.77 38.23
C LYS E 75 -21.06 60.03 39.54
N ALA E 76 -20.51 58.84 39.62
CA ALA E 76 -20.50 58.09 40.87
C ALA E 76 -19.08 57.81 41.35
N SER E 77 -18.75 58.32 42.53
CA SER E 77 -17.41 58.17 43.10
C SER E 77 -17.37 57.02 44.05
N PHE E 78 -16.20 56.41 44.19
CA PHE E 78 -16.08 55.26 45.05
C PHE E 78 -14.91 55.46 45.97
N GLU E 79 -14.92 54.78 47.11
CA GLU E 79 -13.76 54.68 47.97
C GLU E 79 -12.73 53.91 47.15
N PRO E 80 -11.43 54.08 47.45
CA PRO E 80 -10.37 53.42 46.69
C PRO E 80 -10.20 51.93 46.96
N THR E 81 -11.28 51.17 46.90
CA THR E 81 -11.26 49.75 47.22
C THR E 81 -11.23 48.85 45.97
N ASN E 82 -11.58 49.40 44.81
CA ASN E 82 -11.62 48.64 43.57
C ASN E 82 -10.40 48.87 42.66
N HIS E 83 -9.86 47.81 42.07
CA HIS E 83 -8.60 47.90 41.33
C HIS E 83 -8.67 47.24 39.97
N ILE E 84 -7.81 47.72 39.07
CA ILE E 84 -7.56 47.10 37.80
C ILE E 84 -6.05 46.91 37.72
N ASN E 85 -5.63 45.73 37.29
CA ASN E 85 -4.22 45.46 37.08
C ASN E 85 -3.87 45.35 35.61
N TYR E 86 -3.01 46.24 35.14
CA TYR E 86 -2.57 46.26 33.75
C TYR E 86 -1.05 46.16 33.71
N ARG E 87 -0.56 45.07 33.13
CA ARG E 87 0.86 44.73 33.11
C ARG E 87 1.43 44.66 34.52
N GLY E 88 0.75 43.98 35.44
CA GLY E 88 1.33 43.81 36.76
C GLY E 88 1.31 45.09 37.56
N HIS E 89 0.63 46.13 37.07
CA HIS E 89 0.54 47.39 37.80
C HIS E 89 -0.93 47.69 38.13
N ASP E 90 -1.17 48.15 39.36
CA ASP E 90 -2.52 48.44 39.81
C ASP E 90 -3.00 49.85 39.56
N TYR E 91 -4.20 49.96 38.98
CA TYR E 91 -4.90 51.23 38.86
C TYR E 91 -6.19 51.15 39.67
N VAL E 92 -6.36 52.07 40.60
CA VAL E 92 -7.55 52.03 41.45
C VAL E 92 -8.69 52.75 40.74
N LEU E 93 -9.86 52.11 40.72
CA LEU E 93 -11.03 52.73 40.13
C LEU E 93 -11.44 53.94 40.93
N ASP E 94 -11.57 55.08 40.26
CA ASP E 94 -11.93 56.32 40.91
C ASP E 94 -13.42 56.64 40.80
N ASN E 95 -13.98 56.51 39.61
CA ASN E 95 -15.37 56.80 39.43
C ASN E 95 -15.91 56.24 38.13
N VAL E 96 -17.22 56.16 38.03
CA VAL E 96 -17.90 55.81 36.78
CA VAL E 96 -17.86 55.83 36.76
C VAL E 96 -18.79 56.98 36.40
N HIS E 97 -18.69 57.47 35.18
CA HIS E 97 -19.63 58.51 34.80
C HIS E 97 -20.08 58.25 33.39
N PHE E 98 -21.06 59.00 32.93
CA PHE E 98 -21.72 58.65 31.69
C PHE E 98 -21.67 59.75 30.67
N HIS E 99 -21.74 59.36 29.40
CA HIS E 99 -21.81 60.32 28.31
C HIS E 99 -22.96 59.97 27.42
N ALA E 100 -23.71 60.97 27.00
CA ALA E 100 -24.75 60.70 26.03
C ALA E 100 -24.72 61.73 24.90
N PRO E 101 -24.44 61.29 23.67
CA PRO E 101 -24.09 59.93 23.25
C PRO E 101 -22.70 59.47 23.66
N MET E 102 -22.38 58.23 23.32
CA MET E 102 -21.05 57.65 23.51
C MET E 102 -20.04 58.44 22.71
N GLU E 103 -18.90 58.71 23.33
CA GLU E 103 -17.87 59.53 22.69
C GLU E 103 -16.99 58.84 21.67
N PHE E 104 -16.45 57.68 22.00
CA PHE E 104 -15.61 56.99 21.05
C PHE E 104 -16.45 56.33 20.02
N LEU E 105 -15.99 56.44 18.78
CA LEU E 105 -16.67 55.79 17.67
C LEU E 105 -15.88 54.59 17.18
N ILE E 106 -16.58 53.48 16.98
CA ILE E 106 -15.98 52.30 16.39
C ILE E 106 -16.53 52.17 14.99
N ASN E 107 -15.71 52.49 14.00
CA ASN E 107 -16.16 52.49 12.62
C ASN E 107 -17.39 53.33 12.37
N ASN E 108 -17.37 54.56 12.87
CA ASN E 108 -18.40 55.51 12.55
C ASN E 108 -19.76 55.06 13.08
N LYS E 109 -19.73 54.12 14.02
CA LYS E 109 -20.94 53.56 14.60
C LYS E 109 -21.19 54.16 15.97
N THR E 110 -22.45 54.43 16.27
CA THR E 110 -22.80 55.12 17.51
C THR E 110 -23.62 54.36 18.53
N ARG E 111 -23.38 54.68 19.81
CA ARG E 111 -24.22 54.22 20.91
C ARG E 111 -24.85 55.43 21.57
N PRO E 112 -26.08 55.30 22.07
CA PRO E 112 -26.82 56.34 22.81
C PRO E 112 -26.20 56.74 24.16
N LEU E 113 -25.34 55.90 24.71
CA LEU E 113 -24.79 56.18 26.04
C LEU E 113 -23.50 55.43 26.23
N SER E 114 -22.60 55.97 27.03
CA SER E 114 -21.42 55.20 27.40
C SER E 114 -21.07 55.46 28.83
N ALA E 115 -20.22 54.64 29.41
CA ALA E 115 -19.75 54.94 30.76
C ALA E 115 -18.26 54.89 30.78
N HIS E 116 -17.66 55.82 31.52
CA HIS E 116 -16.22 55.83 31.65
C HIS E 116 -15.85 55.34 33.04
N PHE E 117 -15.04 54.29 33.08
CA PHE E 117 -14.51 53.77 34.32
C PHE E 117 -13.14 54.33 34.44
N VAL E 118 -13.00 55.37 35.28
CA VAL E 118 -11.75 56.12 35.37
C VAL E 118 -10.83 55.59 36.48
N HIS E 119 -9.60 55.22 36.11
CA HIS E 119 -8.64 54.70 37.07
C HIS E 119 -7.40 55.57 37.11
N LYS E 120 -6.80 55.64 38.29
CA LYS E 120 -5.56 56.39 38.55
C LYS E 120 -4.66 55.47 39.35
N ASP E 121 -3.38 55.40 39.01
CA ASP E 121 -2.50 54.58 39.83
C ASP E 121 -1.83 55.40 40.93
N ALA E 122 -0.97 54.77 41.71
CA ALA E 122 -0.35 55.46 42.83
C ALA E 122 0.45 56.62 42.31
N LYS E 123 1.17 56.35 41.22
CA LYS E 123 2.08 57.27 40.60
C LYS E 123 1.31 58.37 39.85
N GLY E 124 0.00 58.19 39.72
CA GLY E 124 -0.88 59.13 39.04
C GLY E 124 -1.17 58.90 37.56
N ARG E 125 -0.69 57.81 36.99
CA ARG E 125 -1.01 57.49 35.61
C ARG E 125 -2.47 57.06 35.45
N LEU E 126 -3.07 57.49 34.35
CA LEU E 126 -4.50 57.29 34.12
C LEU E 126 -4.79 56.14 33.18
N LEU E 127 -5.77 55.34 33.58
CA LEU E 127 -6.29 54.30 32.73
C LEU E 127 -7.80 54.43 32.72
N VAL E 128 -8.37 54.62 31.54
CA VAL E 128 -9.79 54.78 31.47
C VAL E 128 -10.39 53.76 30.52
N LEU E 129 -11.52 53.27 30.94
CA LEU E 129 -12.21 52.22 30.29
C LEU E 129 -13.55 52.71 29.76
N ALA E 130 -13.83 52.53 28.47
CA ALA E 130 -15.11 52.97 27.93
C ALA E 130 -15.96 51.81 27.37
N ILE E 131 -17.24 51.77 27.71
CA ILE E 131 -18.13 50.75 27.17
C ILE E 131 -19.44 51.43 26.86
N GLY E 132 -20.03 51.10 25.72
CA GLY E 132 -21.24 51.77 25.28
C GLY E 132 -22.49 51.08 25.74
N PHE E 133 -23.62 51.77 25.64
CA PHE E 133 -24.88 51.16 25.99
C PHE E 133 -25.78 51.18 24.77
N GLU E 134 -26.52 50.10 24.58
CA GLU E 134 -27.53 50.01 23.55
C GLU E 134 -28.87 49.81 24.23
N GLU E 135 -29.94 50.29 23.62
CA GLU E 135 -31.28 50.10 24.17
C GLU E 135 -31.68 48.62 24.22
N GLY E 136 -32.03 48.18 25.42
CA GLY E 136 -32.53 46.83 25.63
C GLY E 136 -33.17 46.58 26.99
N LYS E 137 -32.70 45.56 27.69
CA LYS E 137 -33.34 45.17 28.95
C LYS E 137 -33.00 46.17 30.05
N GLU E 138 -33.87 46.29 31.04
CA GLU E 138 -33.56 47.17 32.14
C GLU E 138 -32.23 46.71 32.73
N ASN E 139 -31.35 47.64 33.10
CA ASN E 139 -30.05 47.32 33.69
C ASN E 139 -30.07 47.46 35.19
N PRO E 140 -29.90 46.35 35.89
CA PRO E 140 -29.94 46.30 37.36
C PRO E 140 -28.85 47.13 38.04
N ASN E 141 -27.72 47.26 37.37
CA ASN E 141 -26.60 48.07 37.85
C ASN E 141 -26.79 49.60 37.69
N LEU E 142 -27.61 50.04 36.76
CA LEU E 142 -27.85 51.46 36.61
C LEU E 142 -28.73 51.98 37.73
N ASP E 143 -29.67 51.19 38.16
CA ASP E 143 -30.64 51.65 39.14
C ASP E 143 -30.07 52.08 40.50
N PRO E 144 -29.02 51.39 41.04
CA PRO E 144 -28.42 51.87 42.29
C PRO E 144 -27.91 53.28 42.18
N ILE E 145 -27.39 53.59 41.00
CA ILE E 145 -26.83 54.91 40.69
C ILE E 145 -27.95 55.91 40.49
N LEU E 146 -28.97 55.51 39.73
CA LEU E 146 -30.15 56.33 39.49
C LEU E 146 -30.97 56.54 40.77
N GLU E 147 -30.88 55.62 41.70
CA GLU E 147 -31.55 55.83 42.97
C GLU E 147 -30.72 56.84 43.73
N GLY E 148 -29.40 56.69 43.59
CA GLY E 148 -28.42 57.52 44.26
C GLY E 148 -28.38 58.99 43.87
N ILE E 149 -28.90 59.31 42.70
CA ILE E 149 -28.91 60.70 42.27
C ILE E 149 -29.87 61.49 43.19
N GLN E 150 -30.65 60.78 44.02
CA GLN E 150 -31.57 61.36 45.04
C GLN E 150 -31.07 61.50 46.49
N LYS E 151 -29.85 61.12 46.80
CA LYS E 151 -29.51 60.99 48.22
C LYS E 151 -28.29 61.79 48.65
N LYS E 152 -28.24 62.11 49.94
CA LYS E 152 -27.08 62.80 50.50
C LYS E 152 -26.05 61.89 51.23
N GLN E 153 -26.50 60.78 51.82
CA GLN E 153 -25.57 60.00 52.65
C GLN E 153 -25.31 58.59 52.11
N ASN E 154 -26.22 57.65 52.39
CA ASN E 154 -25.92 56.27 52.06
C ASN E 154 -26.47 55.91 50.70
N PHE E 155 -25.62 55.32 49.87
CA PHE E 155 -26.04 54.87 48.55
C PHE E 155 -26.04 53.35 48.44
N LYS E 156 -27.00 52.83 47.69
CA LYS E 156 -27.10 51.40 47.53
C LYS E 156 -25.85 50.91 46.83
N GLU E 157 -25.40 49.73 47.23
CA GLU E 157 -24.19 49.14 46.73
C GLU E 157 -24.36 48.87 45.23
N VAL E 158 -23.28 49.09 44.48
CA VAL E 158 -23.24 48.83 43.04
C VAL E 158 -22.36 47.64 42.81
N ALA E 159 -22.90 46.64 42.12
CA ALA E 159 -22.19 45.42 41.87
C ALA E 159 -21.19 45.61 40.73
N LEU E 160 -20.05 46.21 41.03
CA LEU E 160 -19.04 46.52 40.02
C LEU E 160 -18.55 45.27 39.35
N ASP E 161 -18.42 44.21 40.13
CA ASP E 161 -17.99 42.91 39.62
C ASP E 161 -18.93 42.25 38.58
N ALA E 162 -20.19 42.68 38.51
CA ALA E 162 -21.16 42.14 37.55
C ALA E 162 -21.52 43.12 36.43
N PHE E 163 -20.96 44.31 36.54
CA PHE E 163 -21.33 45.39 35.67
C PHE E 163 -20.88 45.09 34.24
N LEU E 164 -19.61 44.78 34.06
CA LEU E 164 -19.09 44.58 32.73
C LEU E 164 -19.41 43.20 32.24
N PRO E 165 -19.39 43.00 30.92
CA PRO E 165 -19.54 41.66 30.38
C PRO E 165 -18.44 40.72 30.87
N LYS E 166 -18.76 39.43 30.93
CA LYS E 166 -17.83 38.41 31.36
C LYS E 166 -16.62 38.39 30.46
N SER E 167 -16.87 38.38 29.15
CA SER E 167 -15.80 38.45 28.19
C SER E 167 -15.92 39.72 27.39
N ILE E 168 -14.83 40.48 27.33
CA ILE E 168 -14.83 41.75 26.62
C ILE E 168 -13.70 41.73 25.57
N ASN E 169 -13.97 42.23 24.39
CA ASN E 169 -12.94 42.56 23.39
C ASN E 169 -12.71 44.04 23.40
N TYR E 170 -11.46 44.47 23.41
CA TYR E 170 -11.19 45.90 23.53
C TYR E 170 -10.14 46.42 22.55
N TYR E 171 -10.16 47.74 22.34
CA TYR E 171 -9.12 48.43 21.59
C TYR E 171 -8.34 49.23 22.60
N HIS E 172 -7.01 49.16 22.56
CA HIS E 172 -6.19 49.81 23.56
C HIS E 172 -5.19 50.73 22.84
N PHE E 173 -5.11 51.95 23.33
CA PHE E 173 -4.28 52.97 22.69
C PHE E 173 -4.09 54.07 23.70
N ASN E 174 -3.19 54.98 23.38
CA ASN E 174 -2.97 56.13 24.22
C ASN E 174 -3.73 57.36 23.72
N GLY E 175 -4.36 58.09 24.64
CA GLY E 175 -5.23 59.20 24.29
C GLY E 175 -5.21 60.29 25.34
N SER E 176 -6.27 61.08 25.41
CA SER E 176 -6.35 62.19 26.34
C SER E 176 -7.62 62.12 27.12
N LEU E 177 -7.78 63.01 28.08
CA LEU E 177 -9.09 63.20 28.68
C LEU E 177 -9.99 63.79 27.63
N THR E 178 -11.26 63.46 27.72
CA THR E 178 -12.24 63.93 26.77
C THR E 178 -12.87 65.25 27.23
N ALA E 179 -12.52 65.71 28.42
CA ALA E 179 -13.03 66.97 28.98
C ALA E 179 -11.87 67.85 29.40
N PRO E 180 -12.06 69.19 29.45
CA PRO E 180 -10.95 70.00 29.89
C PRO E 180 -10.51 69.56 31.28
N PRO E 181 -9.21 69.59 31.57
CA PRO E 181 -8.11 70.21 30.81
C PRO E 181 -7.53 69.36 29.69
N CYS E 182 -8.20 68.27 29.33
CA CYS E 182 -7.79 67.40 28.24
C CYS E 182 -6.39 66.81 28.40
N THR E 183 -6.03 66.52 29.64
CA THR E 183 -4.71 65.97 29.97
C THR E 183 -4.42 64.73 29.13
N GLU E 184 -3.22 64.61 28.61
CA GLU E 184 -2.86 63.46 27.78
C GLU E 184 -2.16 62.42 28.58
N GLY E 185 -1.73 61.32 27.95
CA GLY E 185 -1.12 60.25 28.72
C GLY E 185 -2.16 59.30 29.29
N VAL E 186 -3.37 59.32 28.73
CA VAL E 186 -4.44 58.42 29.14
C VAL E 186 -4.44 57.11 28.38
N ALA E 187 -4.43 55.99 29.12
CA ALA E 187 -4.56 54.66 28.52
C ALA E 187 -6.02 54.35 28.35
N TRP E 188 -6.46 54.27 27.10
CA TRP E 188 -7.87 54.06 26.81
C TRP E 188 -8.07 52.60 26.51
N PHE E 189 -9.13 52.03 27.09
CA PHE E 189 -9.58 50.70 26.71
C PHE E 189 -11.05 50.83 26.34
N VAL E 190 -11.35 50.75 25.06
CA VAL E 190 -12.72 50.91 24.59
C VAL E 190 -13.30 49.53 24.31
N ILE E 191 -14.31 49.16 25.08
CA ILE E 191 -14.90 47.84 24.97
C ILE E 191 -15.89 47.77 23.80
N GLU E 192 -15.72 46.78 22.93
CA GLU E 192 -16.56 46.67 21.74
C GLU E 192 -17.99 46.25 22.06
N GLU E 193 -18.15 45.25 22.91
CA GLU E 193 -19.48 44.77 23.23
C GLU E 193 -20.23 45.78 24.07
N PRO E 194 -21.51 46.00 23.74
CA PRO E 194 -22.42 46.86 24.49
C PRO E 194 -23.10 46.22 25.71
N LEU E 195 -23.27 47.00 26.77
CA LEU E 195 -24.16 46.69 27.87
C LEU E 195 -25.56 47.11 27.43
N GLU E 196 -26.57 46.84 28.23
CA GLU E 196 -27.91 47.28 27.89
C GLU E 196 -28.49 48.26 28.92
N VAL E 197 -29.35 49.12 28.43
CA VAL E 197 -30.06 50.08 29.25
C VAL E 197 -31.52 50.11 28.79
N SER E 198 -32.49 50.18 29.70
CA SER E 198 -33.86 50.32 29.24
C SER E 198 -34.11 51.75 28.82
N ALA E 199 -35.06 51.93 27.91
CA ALA E 199 -35.39 53.26 27.41
C ALA E 199 -35.89 54.19 28.51
N LYS E 200 -36.60 53.64 29.49
CA LYS E 200 -37.01 54.46 30.60
C LYS E 200 -35.72 54.96 31.25
N GLN E 201 -34.82 54.01 31.54
CA GLN E 201 -33.54 54.32 32.18
C GLN E 201 -32.73 55.25 31.34
N LEU E 202 -32.75 55.07 30.02
CA LEU E 202 -32.05 56.00 29.11
C LEU E 202 -32.57 57.44 29.14
N ALA E 203 -33.87 57.61 29.05
CA ALA E 203 -34.48 58.93 29.09
C ALA E 203 -34.20 59.62 30.42
N GLU E 204 -34.13 58.84 31.49
CA GLU E 204 -33.87 59.35 32.82
C GLU E 204 -32.46 59.87 33.00
N ILE E 205 -31.49 59.11 32.52
CA ILE E 205 -30.09 59.52 32.61
C ILE E 205 -29.86 60.72 31.72
N LYS E 206 -30.48 60.72 30.55
CA LYS E 206 -30.34 61.88 29.67
C LYS E 206 -30.94 63.07 30.39
N LYS E 207 -32.04 62.83 31.08
CA LYS E 207 -32.72 63.87 31.81
C LYS E 207 -31.85 64.39 32.96
N ARG E 208 -31.22 63.47 33.69
CA ARG E 208 -30.36 63.85 34.81
C ARG E 208 -29.20 64.71 34.30
N MET E 209 -28.85 64.55 33.04
CA MET E 209 -27.77 65.32 32.44
C MET E 209 -28.33 66.51 31.63
N LYS E 210 -29.49 66.99 32.07
CA LYS E 210 -30.11 68.23 31.59
C LYS E 210 -30.50 68.20 30.11
N ASN E 211 -30.68 66.99 29.58
CA ASN E 211 -31.07 66.78 28.20
C ASN E 211 -30.20 67.54 27.22
N SER E 212 -28.96 67.78 27.65
CA SER E 212 -27.96 68.33 26.77
C SER E 212 -26.86 67.29 26.63
N PRO E 213 -26.57 66.90 25.39
CA PRO E 213 -25.51 65.94 25.11
C PRO E 213 -24.21 66.38 25.75
N ASN E 214 -23.45 65.44 26.28
CA ASN E 214 -22.13 65.77 26.76
C ASN E 214 -21.13 64.87 26.06
N GLN E 215 -21.15 64.92 24.73
CA GLN E 215 -20.26 64.12 23.93
C GLN E 215 -19.29 65.01 23.20
N ARG E 216 -18.00 64.91 23.52
CA ARG E 216 -17.01 65.66 22.75
C ARG E 216 -16.90 65.10 21.34
N PRO E 217 -16.85 65.97 20.33
CA PRO E 217 -16.66 65.50 18.96
C PRO E 217 -15.33 64.81 18.80
N VAL E 218 -15.25 63.95 17.80
CA VAL E 218 -14.04 63.24 17.45
C VAL E 218 -12.95 64.20 17.02
N GLN E 219 -11.76 63.97 17.56
CA GLN E 219 -10.59 64.82 17.38
C GLN E 219 -9.71 64.40 16.19
N PRO E 220 -8.78 65.27 15.77
CA PRO E 220 -7.85 64.85 14.73
C PRO E 220 -7.11 63.63 15.20
N ASP E 221 -6.99 62.65 14.32
CA ASP E 221 -6.34 61.40 14.66
C ASP E 221 -5.01 61.32 13.94
N TYR E 222 -3.91 61.40 14.70
CA TYR E 222 -2.58 61.38 14.13
C TYR E 222 -1.99 59.98 14.09
N ASN E 223 -2.70 59.08 13.42
CA ASN E 223 -2.31 57.69 13.30
C ASN E 223 -2.08 57.02 14.64
N THR E 224 -3.06 57.16 15.52
CA THR E 224 -2.99 56.52 16.82
C THR E 224 -2.78 55.03 16.60
N VAL E 225 -1.82 54.45 17.31
CA VAL E 225 -1.62 53.01 17.28
C VAL E 225 -2.61 52.31 18.22
N ILE E 226 -3.48 51.50 17.64
CA ILE E 226 -4.56 50.81 18.34
C ILE E 226 -4.45 49.29 18.26
N ILE E 227 -4.50 48.60 19.39
CA ILE E 227 -4.51 47.15 19.32
C ILE E 227 -5.85 46.61 19.76
N LYS E 228 -6.31 45.54 19.12
CA LYS E 228 -7.49 44.86 19.56
C LYS E 228 -7.09 43.62 20.31
N SER E 229 -7.65 43.42 21.47
CA SER E 229 -7.33 42.27 22.29
C SER E 229 -8.60 41.93 23.01
N SER E 230 -8.53 40.95 23.91
CA SER E 230 -9.72 40.52 24.60
C SER E 230 -9.38 40.18 26.03
N ALA E 231 -10.38 40.10 26.91
CA ALA E 231 -10.09 39.78 28.31
C ALA E 231 -11.28 39.21 29.09
N GLU E 232 -10.99 38.70 30.28
CA GLU E 232 -11.98 38.17 31.24
C GLU E 232 -12.19 39.07 32.42
N THR E 233 -13.40 39.56 32.60
CA THR E 233 -13.67 40.36 33.77
C THR E 233 -14.04 39.43 34.94
N ARG E 234 -14.38 38.17 34.61
CA ARG E 234 -14.83 37.17 35.59
C ARG E 234 -15.06 35.79 34.93
N TRP F 10 21.11 74.84 24.24
CA TRP F 10 20.78 73.63 24.96
C TRP F 10 21.83 72.55 24.77
N ASP F 11 22.10 71.81 25.83
CA ASP F 11 23.11 70.77 25.77
C ASP F 11 22.75 69.57 26.61
N TYR F 12 23.67 68.62 26.67
CA TYR F 12 23.49 67.40 27.44
C TYR F 12 24.30 67.45 28.71
N LYS F 13 24.92 68.59 28.96
CA LYS F 13 25.80 68.70 30.13
C LYS F 13 24.90 68.77 31.35
N ASN F 14 25.45 68.43 32.51
CA ASN F 14 24.62 68.32 33.71
C ASN F 14 24.35 69.66 34.37
N LYS F 15 24.70 70.76 33.70
CA LYS F 15 24.52 72.07 34.29
C LYS F 15 23.25 72.77 33.82
N GLU F 16 23.37 74.08 33.63
CA GLU F 16 22.20 74.94 33.49
C GLU F 16 21.36 74.75 32.23
N ASN F 17 21.98 74.37 31.14
CA ASN F 17 21.23 74.29 29.91
C ASN F 17 21.00 72.85 29.45
N GLY F 18 21.13 71.90 30.38
CA GLY F 18 20.98 70.48 30.09
C GLY F 18 19.53 70.03 29.85
N PRO F 19 19.33 68.74 29.52
CA PRO F 19 18.01 68.24 29.09
C PRO F 19 16.81 68.45 30.04
N HIS F 20 16.96 68.33 31.36
CA HIS F 20 15.79 68.53 32.20
C HIS F 20 15.36 70.00 32.23
N ARG F 21 16.24 70.91 31.78
CA ARG F 21 15.91 72.32 31.82
C ARG F 21 15.71 72.86 30.41
N TRP F 22 15.68 71.95 29.43
CA TRP F 22 15.43 72.29 28.03
C TRP F 22 14.12 73.07 28.00
N ASP F 23 13.21 72.68 28.90
CA ASP F 23 11.91 73.32 28.99
C ASP F 23 12.02 74.77 29.41
N LYS F 24 13.02 75.10 30.22
CA LYS F 24 13.15 76.44 30.74
C LYS F 24 13.72 77.42 29.70
N LEU F 25 14.56 76.91 28.82
CA LEU F 25 15.36 77.75 27.92
C LEU F 25 14.53 78.54 26.95
N HIS F 26 13.45 77.95 26.46
CA HIS F 26 12.57 78.65 25.54
C HIS F 26 11.17 78.13 25.79
N LYS F 27 10.16 78.96 25.54
CA LYS F 27 8.77 78.50 25.71
C LYS F 27 8.34 77.58 24.56
N ASP F 28 9.11 77.60 23.48
CA ASP F 28 8.89 76.71 22.35
C ASP F 28 9.21 75.27 22.72
N PHE F 29 9.98 75.11 23.78
CA PHE F 29 10.47 73.81 24.21
C PHE F 29 9.64 73.25 25.37
N GLU F 30 8.46 73.82 25.61
CA GLU F 30 7.69 73.47 26.80
C GLU F 30 7.25 72.01 26.80
N VAL F 31 6.93 71.49 25.63
CA VAL F 31 6.42 70.15 25.53
C VAL F 31 7.47 69.18 26.01
N CYS F 32 8.73 69.61 26.01
CA CYS F 32 9.82 68.76 26.47
C CYS F 32 9.62 68.30 27.91
N LYS F 33 8.96 69.12 28.72
CA LYS F 33 8.63 68.70 30.08
C LYS F 33 7.19 68.28 30.17
N SER F 34 6.35 69.10 29.57
CA SER F 34 4.92 68.96 29.77
C SER F 34 4.35 67.80 28.97
N GLY F 35 5.04 67.39 27.91
CA GLY F 35 4.54 66.34 27.06
C GLY F 35 4.33 65.02 27.78
N LYS F 36 3.31 64.29 27.33
CA LYS F 36 2.96 62.98 27.88
C LYS F 36 3.32 61.86 26.90
N SER F 37 3.95 62.22 25.78
CA SER F 37 4.41 61.24 24.81
C SER F 37 5.84 61.55 24.33
N GLN F 38 6.72 61.79 25.29
CA GLN F 38 8.10 62.18 25.02
C GLN F 38 9.02 60.99 24.80
N SER F 39 9.93 61.15 23.86
CA SER F 39 10.93 60.12 23.59
C SER F 39 12.27 60.66 24.06
N PRO F 40 13.21 59.76 24.40
CA PRO F 40 13.18 58.30 24.37
C PRO F 40 12.64 57.64 25.65
N ILE F 41 12.42 56.33 25.59
CA ILE F 41 12.01 55.51 26.73
C ILE F 41 12.71 54.15 26.68
N ASN F 42 12.55 53.37 27.75
CA ASN F 42 13.00 51.99 27.71
C ASN F 42 11.88 51.09 27.23
N ILE F 43 12.17 50.34 26.17
CA ILE F 43 11.21 49.48 25.52
C ILE F 43 11.16 48.11 26.19
N GLU F 44 10.13 47.88 26.99
CA GLU F 44 10.05 46.63 27.71
C GLU F 44 8.77 45.87 27.38
N HIS F 45 7.66 46.59 27.18
CA HIS F 45 6.39 45.95 26.92
C HIS F 45 5.75 46.33 25.61
N TYR F 46 5.40 45.33 24.82
CA TYR F 46 4.88 45.58 23.48
C TYR F 46 4.01 44.42 23.05
N TYR F 47 3.31 44.62 21.94
CA TYR F 47 2.36 43.64 21.44
C TYR F 47 2.84 43.02 20.15
N HIS F 48 2.78 41.70 20.09
CA HIS F 48 3.17 40.96 18.92
C HIS F 48 2.01 40.93 17.93
N THR F 49 2.30 41.07 16.64
CA THR F 49 1.24 41.03 15.64
C THR F 49 1.63 40.27 14.37
N GLN F 50 0.64 39.86 13.58
CA GLN F 50 0.89 39.24 12.27
C GLN F 50 0.09 39.92 11.17
N ASP F 51 0.04 41.23 11.21
CA ASP F 51 -0.72 42.04 10.26
C ASP F 51 0.22 42.51 9.13
N LYS F 52 -0.31 42.77 7.94
CA LYS F 52 0.49 43.23 6.80
C LYS F 52 1.59 44.22 7.17
N ALA F 53 2.83 43.95 6.75
CA ALA F 53 3.93 44.89 6.99
C ALA F 53 3.54 46.26 6.45
N ASP F 54 3.20 47.17 7.34
CA ASP F 54 2.70 48.49 6.97
C ASP F 54 3.70 49.45 6.31
N LEU F 55 4.93 48.99 6.15
CA LEU F 55 6.01 49.88 5.76
C LEU F 55 6.72 49.54 4.44
N GLN F 56 6.62 50.40 3.44
CA GLN F 56 7.40 50.19 2.20
C GLN F 56 8.37 51.32 1.86
N PHE F 57 9.57 50.89 1.49
CA PHE F 57 10.73 51.72 1.23
C PHE F 57 11.02 52.11 -0.23
N LYS F 58 11.44 53.35 -0.41
CA LYS F 58 11.95 53.78 -1.69
C LYS F 58 13.27 54.53 -1.54
N TYR F 59 14.32 53.77 -1.22
CA TYR F 59 15.65 54.33 -1.02
C TYR F 59 16.52 54.05 -2.24
N ALA F 60 17.40 54.99 -2.53
CA ALA F 60 18.41 54.82 -3.55
C ALA F 60 19.71 55.21 -2.92
N ALA F 61 20.83 54.84 -3.52
CA ALA F 61 22.10 55.33 -3.04
C ALA F 61 22.08 56.82 -3.24
N SER F 62 22.53 57.56 -2.25
CA SER F 62 22.40 58.99 -2.38
C SER F 62 23.57 59.68 -1.71
N LYS F 63 24.06 60.71 -2.36
CA LYS F 63 25.12 61.53 -1.82
C LYS F 63 24.49 62.63 -1.00
N PRO F 64 25.01 62.85 0.22
CA PRO F 64 24.46 63.89 1.08
C PRO F 64 24.49 65.25 0.44
N LYS F 65 23.36 65.93 0.49
CA LYS F 65 23.26 67.32 0.09
C LYS F 65 24.20 68.09 1.00
N ALA F 66 24.34 67.63 2.23
CA ALA F 66 25.28 68.21 3.18
C ALA F 66 25.67 67.22 4.26
N VAL F 67 26.88 67.38 4.78
CA VAL F 67 27.30 66.62 5.95
C VAL F 67 27.88 67.55 7.00
N PHE F 68 27.25 67.68 8.16
CA PHE F 68 27.73 68.69 9.09
C PHE F 68 27.36 68.48 10.56
N PHE F 69 28.10 69.15 11.43
CA PHE F 69 27.80 69.17 12.85
C PHE F 69 26.89 70.35 13.16
N THR F 70 25.75 70.03 13.76
CA THR F 70 24.84 71.05 14.27
C THR F 70 24.25 70.46 15.55
N HIS F 71 24.18 71.25 16.62
CA HIS F 71 23.48 70.85 17.84
C HIS F 71 23.87 69.50 18.45
N HIS F 72 25.17 69.28 18.69
CA HIS F 72 25.67 68.09 19.43
C HIS F 72 25.66 66.79 18.66
N THR F 73 25.21 66.83 17.40
CA THR F 73 25.13 65.60 16.62
C THR F 73 25.80 65.72 15.25
N LEU F 74 26.23 64.58 14.71
CA LEU F 74 26.75 64.49 13.35
C LEU F 74 25.61 64.17 12.36
N LYS F 75 25.37 65.05 11.40
CA LYS F 75 24.20 64.96 10.54
C LYS F 75 24.47 64.92 9.03
N ALA F 76 23.76 64.06 8.32
CA ALA F 76 23.81 64.11 6.86
C ALA F 76 22.41 64.31 6.28
N SER F 77 22.21 65.40 5.57
CA SER F 77 20.91 65.70 4.98
C SER F 77 20.88 65.23 3.54
N PHE F 78 19.68 65.03 2.99
CA PHE F 78 19.56 64.57 1.62
C PHE F 78 18.51 65.30 0.78
N GLU F 79 18.69 65.25 -0.54
CA GLU F 79 17.69 65.69 -1.51
C GLU F 79 16.43 64.82 -1.38
N PRO F 80 15.28 65.33 -1.83
CA PRO F 80 14.07 64.54 -1.67
C PRO F 80 13.89 63.35 -2.59
N THR F 81 14.89 62.47 -2.71
CA THR F 81 14.79 61.35 -3.64
C THR F 81 14.42 60.04 -2.93
N ASN F 82 14.64 59.97 -1.62
CA ASN F 82 14.35 58.75 -0.86
C ASN F 82 13.02 58.86 -0.11
N HIS F 83 12.20 57.82 -0.15
CA HIS F 83 10.84 57.89 0.39
C HIS F 83 10.49 56.70 1.26
N ILE F 84 9.54 56.90 2.18
CA ILE F 84 8.86 55.80 2.87
C ILE F 84 7.34 56.03 2.87
N ASN F 85 6.54 55.01 2.57
CA ASN F 85 5.08 55.16 2.62
C ASN F 85 4.43 54.47 3.82
N TYR F 86 3.76 55.25 4.67
CA TYR F 86 3.08 54.70 5.86
C TYR F 86 1.62 55.16 5.87
N ARG F 87 0.71 54.21 5.69
CA ARG F 87 -0.72 54.47 5.56
C ARG F 87 -1.03 55.49 4.48
N GLY F 88 -0.50 55.28 3.28
CA GLY F 88 -0.88 56.14 2.17
C GLY F 88 -0.24 57.51 2.09
N HIS F 89 0.78 57.78 2.90
CA HIS F 89 1.52 59.02 2.74
C HIS F 89 3.00 58.76 2.56
N ASP F 90 3.64 59.44 1.62
CA ASP F 90 5.08 59.29 1.48
C ASP F 90 5.78 60.29 2.37
N TYR F 91 6.71 59.78 3.15
CA TYR F 91 7.53 60.60 4.00
C TYR F 91 8.88 60.54 3.34
N VAL F 92 9.40 61.67 2.90
CA VAL F 92 10.69 61.69 2.25
CA VAL F 92 10.69 61.72 2.25
C VAL F 92 11.81 61.85 3.28
N LEU F 93 12.86 61.04 3.13
CA LEU F 93 13.97 61.07 4.08
C LEU F 93 14.66 62.41 4.01
N ASP F 94 14.80 63.02 5.16
CA ASP F 94 15.36 64.35 5.27
C ASP F 94 16.85 64.26 5.61
N ASN F 95 17.17 63.45 6.60
CA ASN F 95 18.54 63.38 7.10
C ASN F 95 18.81 62.14 7.92
N VAL F 96 20.08 61.89 8.18
CA VAL F 96 20.47 60.85 9.08
CA VAL F 96 20.46 60.84 9.10
C VAL F 96 21.52 61.38 10.05
N HIS F 97 21.28 61.20 11.33
CA HIS F 97 22.17 61.70 12.35
C HIS F 97 22.36 60.65 13.42
N PHE F 98 23.29 60.89 14.34
CA PHE F 98 23.68 59.87 15.32
C PHE F 98 23.54 60.40 16.73
N HIS F 99 23.36 59.46 17.65
CA HIS F 99 23.30 59.74 19.08
C HIS F 99 24.24 58.76 19.76
N ALA F 100 25.04 59.24 20.71
CA ALA F 100 25.96 58.37 21.44
C ALA F 100 25.89 58.58 22.94
N PRO F 101 25.53 57.53 23.69
CA PRO F 101 25.14 56.19 23.21
C PRO F 101 23.75 56.15 22.53
N MET F 102 23.30 54.96 22.12
CA MET F 102 21.95 54.85 21.58
C MET F 102 20.96 55.27 22.64
N GLU F 103 20.00 56.09 22.22
CA GLU F 103 19.05 56.70 23.13
C GLU F 103 17.98 55.73 23.63
N PHE F 104 17.35 54.99 22.74
CA PHE F 104 16.36 54.06 23.24
C PHE F 104 17.05 52.87 23.90
N LEU F 105 16.49 52.44 25.02
CA LEU F 105 16.96 51.25 25.71
C LEU F 105 15.90 50.19 25.46
N ILE F 106 16.29 49.02 24.99
CA ILE F 106 15.32 47.94 24.80
C ILE F 106 15.50 46.98 25.93
N ASN F 107 14.54 47.02 26.85
CA ASN F 107 14.63 46.26 28.08
C ASN F 107 15.91 46.68 28.78
N ASN F 108 16.10 48.01 28.86
CA ASN F 108 17.21 48.62 29.58
C ASN F 108 18.55 48.22 28.99
N LYS F 109 18.54 47.74 27.76
CA LYS F 109 19.78 47.35 27.09
C LYS F 109 20.23 48.50 26.22
N THR F 110 21.52 48.81 26.32
CA THR F 110 22.06 49.97 25.65
C THR F 110 23.07 49.63 24.56
N ARG F 111 23.05 50.42 23.48
CA ARG F 111 24.02 50.31 22.40
C ARG F 111 24.89 51.55 22.35
N PRO F 112 26.19 51.37 22.03
CA PRO F 112 27.16 52.47 21.98
C PRO F 112 26.82 53.60 21.01
N LEU F 113 26.00 53.35 19.99
CA LEU F 113 25.66 54.40 19.03
C LEU F 113 24.40 54.07 18.23
N SER F 114 23.67 55.08 17.75
CA SER F 114 22.55 54.86 16.87
C SER F 114 22.44 55.92 15.82
N ALA F 115 21.57 55.67 14.85
CA ALA F 115 21.26 56.63 13.82
C ALA F 115 19.77 56.83 13.72
N HIS F 116 19.32 58.07 13.58
CA HIS F 116 17.91 58.34 13.41
C HIS F 116 17.63 58.86 12.03
N PHE F 117 16.76 58.14 11.33
CA PHE F 117 16.45 58.46 9.95
C PHE F 117 15.19 59.25 9.91
N VAL F 118 15.33 60.54 9.72
CA VAL F 118 14.22 61.45 9.83
C VAL F 118 13.53 61.64 8.51
N HIS F 119 12.22 61.42 8.52
CA HIS F 119 11.39 61.55 7.32
C HIS F 119 10.33 62.58 7.61
N LYS F 120 9.96 63.35 6.60
CA LYS F 120 8.92 64.36 6.71
C LYS F 120 8.02 64.35 5.50
N ASP F 121 6.70 64.45 5.67
CA ASP F 121 5.87 64.59 4.48
C ASP F 121 5.59 66.06 4.20
N ALA F 122 4.74 66.32 3.20
CA ALA F 122 4.44 67.70 2.82
C ALA F 122 3.77 68.48 3.97
N LYS F 123 2.82 67.85 4.64
CA LYS F 123 2.05 68.46 5.73
C LYS F 123 2.87 68.57 7.02
N GLY F 124 4.08 68.03 6.99
CA GLY F 124 4.94 68.13 8.15
C GLY F 124 4.86 66.97 9.13
N ARG F 125 4.14 65.92 8.77
CA ARG F 125 4.10 64.77 9.66
C ARG F 125 5.44 64.10 9.74
N LEU F 126 5.82 63.70 10.95
CA LEU F 126 7.15 63.19 11.15
C LEU F 126 7.18 61.69 11.34
N LEU F 127 8.13 61.04 10.66
CA LEU F 127 8.39 59.63 10.81
C LEU F 127 9.84 59.48 11.04
N VAL F 128 10.23 58.90 12.15
CA VAL F 128 11.63 58.73 12.43
C VAL F 128 11.92 57.29 12.66
N LEU F 129 13.01 56.88 12.07
CA LEU F 129 13.45 55.54 12.02
C LEU F 129 14.76 55.50 12.78
N ALA F 130 14.89 54.61 13.76
CA ALA F 130 16.10 54.50 14.58
C ALA F 130 16.72 53.12 14.47
N ILE F 131 18.05 53.04 14.36
CA ILE F 131 18.70 51.73 14.32
C ILE F 131 20.03 51.72 15.08
N GLY F 132 20.28 50.63 15.81
CA GLY F 132 21.43 50.55 16.71
C GLY F 132 22.72 50.01 16.14
N PHE F 133 23.84 50.25 16.85
CA PHE F 133 25.15 49.74 16.42
C PHE F 133 25.86 48.83 17.44
N GLU F 134 26.52 47.81 16.92
CA GLU F 134 27.31 46.88 17.72
C GLU F 134 28.79 46.89 17.31
N GLU F 135 29.73 46.80 18.28
CA GLU F 135 31.15 46.78 17.89
C GLU F 135 31.43 45.50 17.15
N GLY F 136 31.92 45.62 15.93
CA GLY F 136 32.35 44.46 15.19
C GLY F 136 33.07 44.90 13.95
N LYS F 137 32.53 44.50 12.81
CA LYS F 137 33.16 44.81 11.55
C LYS F 137 32.97 46.27 11.20
N GLU F 138 33.99 46.84 10.56
CA GLU F 138 33.93 48.21 10.05
C GLU F 138 32.81 48.27 9.02
N ASN F 139 32.07 49.35 9.02
CA ASN F 139 30.97 49.52 8.09
C ASN F 139 31.37 50.44 6.93
N PRO F 140 31.31 49.93 5.68
CA PRO F 140 31.65 50.67 4.47
C PRO F 140 30.72 51.83 4.24
N ASN F 141 29.48 51.69 4.71
CA ASN F 141 28.46 52.71 4.53
C ASN F 141 28.84 53.96 5.33
N LEU F 142 29.56 53.75 6.42
CA LEU F 142 30.00 54.84 7.29
C LEU F 142 31.15 55.73 6.78
N ASP F 143 32.13 55.16 6.10
CA ASP F 143 33.30 55.94 5.72
C ASP F 143 32.99 57.15 4.81
N PRO F 144 31.96 57.08 3.93
CA PRO F 144 31.71 58.27 3.12
C PRO F 144 31.49 59.54 3.92
N ILE F 145 30.82 59.42 5.06
CA ILE F 145 30.57 60.58 5.89
C ILE F 145 31.76 60.99 6.77
N LEU F 146 32.45 60.02 7.38
CA LEU F 146 33.58 60.29 8.26
C LEU F 146 34.64 61.00 7.45
N GLU F 147 34.63 60.67 6.17
CA GLU F 147 35.40 61.35 5.16
C GLU F 147 34.66 62.61 4.73
N GLY F 148 33.34 62.49 4.62
CA GLY F 148 32.53 63.58 4.13
C GLY F 148 32.51 64.81 5.01
N ILE F 149 32.83 64.69 6.30
CA ILE F 149 32.86 65.89 7.14
C ILE F 149 34.11 66.71 6.88
N GLN F 150 35.15 66.04 6.37
CA GLN F 150 36.38 66.72 5.98
C GLN F 150 36.41 66.96 4.49
N LYS F 151 35.34 67.56 3.97
CA LYS F 151 35.24 67.83 2.53
C LYS F 151 34.75 69.25 2.23
N GLU F 157 28.80 59.62 -1.83
CA GLU F 157 27.51 58.94 -1.89
C GLU F 157 27.30 57.92 -0.80
N VAL F 158 26.05 57.79 -0.37
CA VAL F 158 25.70 56.84 0.67
C VAL F 158 24.84 55.71 0.11
N ALA F 159 25.18 54.48 0.44
CA ALA F 159 24.43 53.34 -0.03
C ALA F 159 23.19 53.20 0.83
N LEU F 160 22.23 54.09 0.63
CA LEU F 160 21.06 54.13 1.48
C LEU F 160 20.27 52.84 1.32
N ASP F 161 20.09 52.46 0.07
CA ASP F 161 19.36 51.26 -0.28
C ASP F 161 20.06 50.00 0.23
N ALA F 162 21.34 50.12 0.56
CA ALA F 162 22.11 49.00 1.08
C ALA F 162 22.36 49.20 2.56
N PHE F 163 21.93 50.34 3.06
CA PHE F 163 22.23 50.72 4.44
C PHE F 163 21.51 49.87 5.45
N LEU F 164 20.20 49.77 5.29
CA LEU F 164 19.44 49.03 6.28
C LEU F 164 19.52 47.58 5.85
N PRO F 165 19.41 46.67 6.81
CA PRO F 165 19.30 45.24 6.56
C PRO F 165 18.09 44.94 5.66
N LYS F 166 18.13 43.82 4.96
CA LYS F 166 17.04 43.44 4.07
C LYS F 166 15.70 43.30 4.80
N SER F 167 15.70 42.49 5.85
CA SER F 167 14.53 42.29 6.68
C SER F 167 14.79 42.78 8.09
N ILE F 168 13.86 43.58 8.61
CA ILE F 168 14.01 44.18 9.92
C ILE F 168 12.87 43.88 10.89
N ASN F 169 13.22 43.74 12.15
CA ASN F 169 12.24 43.74 13.22
C ASN F 169 12.19 45.13 13.85
N TYR F 170 11.00 45.66 14.06
CA TYR F 170 10.90 46.99 14.64
C TYR F 170 9.80 47.08 15.69
N TYR F 171 9.91 48.06 16.57
CA TYR F 171 8.86 48.36 17.51
C TYR F 171 8.26 49.65 17.05
N HIS F 172 6.94 49.73 16.98
CA HIS F 172 6.28 50.92 16.41
C HIS F 172 5.30 51.56 17.39
N PHE F 173 5.38 52.87 17.51
CA PHE F 173 4.61 53.65 18.45
C PHE F 173 4.67 55.13 18.08
N ASN F 174 3.80 55.95 18.67
CA ASN F 174 3.85 57.40 18.50
C ASN F 174 4.58 58.05 19.64
N GLY F 175 5.37 59.07 19.32
CA GLY F 175 6.20 59.72 20.29
C GLY F 175 6.51 61.14 19.88
N SER F 176 7.65 61.60 20.37
CA SER F 176 8.14 62.95 20.13
C SER F 176 9.56 62.93 19.62
N LEU F 177 10.06 64.09 19.24
CA LEU F 177 11.49 64.26 18.97
C LEU F 177 12.32 64.14 20.23
N THR F 178 13.54 63.63 20.09
CA THR F 178 14.44 63.42 21.23
C THR F 178 15.27 64.65 21.60
N ALA F 179 15.15 65.70 20.79
CA ALA F 179 15.82 66.96 21.01
C ALA F 179 14.81 68.10 20.91
N PRO F 180 15.07 69.24 21.57
CA PRO F 180 14.14 70.37 21.51
C PRO F 180 13.80 70.74 20.09
N PRO F 181 12.56 71.15 19.82
CA PRO F 181 11.49 71.43 20.79
C PRO F 181 10.74 70.21 21.32
N CYS F 182 11.21 68.99 21.05
CA CYS F 182 10.54 67.77 21.51
C CYS F 182 9.12 67.58 21.00
N THR F 183 8.85 68.01 19.77
CA THR F 183 7.56 67.94 19.10
C THR F 183 6.95 66.53 19.02
N GLU F 184 5.64 66.39 19.27
CA GLU F 184 4.99 65.06 19.20
C GLU F 184 4.21 64.79 17.92
N GLY F 185 3.60 63.61 17.85
CA GLY F 185 2.95 63.15 16.64
C GLY F 185 3.98 62.49 15.73
N VAL F 186 5.12 62.10 16.31
CA VAL F 186 6.16 61.39 15.58
C VAL F 186 6.00 59.86 15.56
N ALA F 187 5.99 59.27 14.37
CA ALA F 187 5.90 57.81 14.26
C ALA F 187 7.28 57.19 14.37
N TRP F 188 7.52 56.48 15.46
CA TRP F 188 8.84 55.93 15.74
C TRP F 188 8.98 54.47 15.36
N PHE F 189 10.06 54.13 14.68
CA PHE F 189 10.36 52.75 14.41
C PHE F 189 11.74 52.45 14.92
N VAL F 190 11.84 51.75 16.04
CA VAL F 190 13.15 51.48 16.57
C VAL F 190 13.49 50.10 16.15
N ILE F 191 14.49 50.00 15.29
CA ILE F 191 14.87 48.73 14.73
C ILE F 191 15.75 48.00 15.72
N GLU F 192 15.37 46.77 16.02
CA GLU F 192 16.02 45.93 17.02
C GLU F 192 17.44 45.53 16.65
N GLU F 193 17.62 45.22 15.38
CA GLU F 193 18.90 44.75 14.87
C GLU F 193 19.97 45.83 14.87
N PRO F 194 21.15 45.50 15.42
CA PRO F 194 22.29 46.41 15.38
C PRO F 194 23.07 46.24 14.09
N LEU F 195 23.53 47.34 13.51
CA LEU F 195 24.48 47.27 12.43
C LEU F 195 25.86 47.05 13.06
N GLU F 196 26.91 46.94 12.24
CA GLU F 196 28.22 46.66 12.81
C GLU F 196 29.14 47.88 12.72
N VAL F 197 29.95 48.05 13.76
CA VAL F 197 30.91 49.13 13.80
C VAL F 197 32.26 48.67 14.36
N SER F 198 33.34 49.14 13.77
CA SER F 198 34.65 48.81 14.30
C SER F 198 34.87 49.58 15.57
N ALA F 199 35.67 49.04 16.47
CA ALA F 199 35.98 49.75 17.70
C ALA F 199 36.65 51.06 17.30
N LYS F 200 37.37 51.01 16.19
CA LYS F 200 38.01 52.17 15.63
C LYS F 200 37.00 53.23 15.21
N GLN F 201 36.01 52.82 14.44
CA GLN F 201 35.00 53.75 13.96
C GLN F 201 34.28 54.41 15.10
N LEU F 202 34.03 53.63 16.14
CA LEU F 202 33.33 54.15 17.31
C LEU F 202 34.07 55.26 18.00
N ALA F 203 35.31 55.02 18.35
CA ALA F 203 36.10 56.04 19.00
C ALA F 203 36.24 57.22 18.03
N GLU F 204 36.28 56.91 16.73
CA GLU F 204 36.46 57.88 15.66
C GLU F 204 35.28 58.83 15.52
N ILE F 205 34.10 58.22 15.49
CA ILE F 205 32.87 58.96 15.30
C ILE F 205 32.50 59.87 16.47
N LYS F 206 32.74 59.43 17.68
CA LYS F 206 32.39 60.29 18.80
C LYS F 206 33.17 61.60 18.81
N LYS F 207 34.46 61.54 18.48
CA LYS F 207 35.26 62.76 18.41
C LYS F 207 34.71 63.62 17.32
N ARG F 208 34.15 62.98 16.29
CA ARG F 208 33.56 63.75 15.20
C ARG F 208 32.44 64.59 15.79
N MET F 209 31.87 64.12 16.89
CA MET F 209 30.79 64.83 17.55
C MET F 209 31.31 65.58 18.76
N LYS F 210 32.59 65.95 18.70
CA LYS F 210 33.23 66.80 19.70
C LYS F 210 33.32 66.09 21.05
N ASN F 211 33.25 64.77 21.00
CA ASN F 211 33.33 63.93 22.20
C ASN F 211 32.34 64.34 23.28
N SER F 212 31.20 64.88 22.85
CA SER F 212 30.10 65.20 23.75
C SER F 212 28.86 64.35 23.47
N PRO F 213 28.46 63.51 24.46
CA PRO F 213 27.27 62.68 24.38
C PRO F 213 26.04 63.51 24.06
N ASN F 214 25.23 62.99 23.16
CA ASN F 214 23.96 63.62 22.90
C ASN F 214 22.80 62.63 22.99
N GLN F 215 22.73 61.92 24.13
CA GLN F 215 21.65 60.97 24.37
C GLN F 215 20.76 61.49 25.48
N ARG F 216 19.53 61.79 25.12
CA ARG F 216 18.55 62.24 26.09
C ARG F 216 18.23 61.10 27.03
N PRO F 217 18.18 61.40 28.34
CA PRO F 217 17.80 60.38 29.31
C PRO F 217 16.38 59.85 29.05
N VAL F 218 16.06 58.68 29.59
CA VAL F 218 14.73 58.09 29.45
C VAL F 218 13.64 58.98 30.04
N GLN F 219 12.57 59.18 29.26
CA GLN F 219 11.48 60.06 29.61
C GLN F 219 10.38 59.29 30.33
N PRO F 220 9.44 60.01 30.95
CA PRO F 220 8.32 59.31 31.56
C PRO F 220 7.59 58.52 30.50
N ASP F 221 7.27 57.26 30.81
CA ASP F 221 6.58 56.45 29.84
C ASP F 221 5.16 56.34 30.36
N TYR F 222 4.21 56.89 29.63
CA TYR F 222 2.82 56.79 30.04
C TYR F 222 2.11 55.62 29.39
N ASN F 223 2.67 54.43 29.58
CA ASN F 223 2.12 53.21 29.01
C ASN F 223 1.92 53.35 27.51
N THR F 224 2.97 53.79 26.84
CA THR F 224 2.96 53.93 25.40
C THR F 224 2.61 52.57 24.81
N VAL F 225 1.64 52.56 23.91
CA VAL F 225 1.27 51.35 23.19
C VAL F 225 2.25 51.11 22.06
N ILE F 226 2.98 50.01 22.16
CA ILE F 226 4.03 49.66 21.19
C ILE F 226 3.76 48.30 20.56
N ILE F 227 3.79 48.22 19.24
CA ILE F 227 3.62 46.94 18.55
C ILE F 227 4.94 46.48 17.93
N LYS F 228 5.21 45.18 17.96
CA LYS F 228 6.37 44.64 17.26
C LYS F 228 5.95 43.96 15.97
N SER F 229 6.61 44.33 14.88
CA SER F 229 6.32 43.77 13.57
C SER F 229 7.58 43.80 12.72
N SER F 230 7.48 43.42 11.45
CA SER F 230 8.66 43.35 10.58
C SER F 230 8.33 43.85 9.19
N ALA F 231 9.36 44.16 8.42
CA ALA F 231 9.21 44.57 7.02
C ALA F 231 10.49 44.39 6.22
N GLU F 232 10.37 44.47 4.89
CA GLU F 232 11.51 44.40 3.96
C GLU F 232 11.86 45.75 3.34
N THR F 233 13.12 46.13 3.54
CA THR F 233 13.65 47.43 3.16
C THR F 233 13.93 47.65 1.68
N ARG F 234 13.91 46.59 0.87
CA ARG F 234 14.17 46.75 -0.56
C ARG F 234 13.54 45.67 -1.44
N THR G 8 -23.56 -76.38 -19.59
CA THR G 8 -22.68 -77.27 -20.33
C THR G 8 -21.54 -77.77 -19.43
N LYS G 9 -20.37 -78.01 -20.00
CA LYS G 9 -19.25 -78.56 -19.24
C LYS G 9 -18.24 -77.52 -18.73
N TRP G 10 -18.27 -76.29 -19.26
CA TRP G 10 -17.21 -75.30 -18.98
C TRP G 10 -17.34 -74.57 -17.67
N ASP G 11 -16.22 -74.38 -16.98
CA ASP G 11 -16.30 -73.72 -15.68
C ASP G 11 -15.10 -72.86 -15.37
N TYR G 12 -15.14 -72.30 -14.17
CA TYR G 12 -14.09 -71.44 -13.67
C TYR G 12 -13.18 -72.23 -12.71
N LYS G 13 -13.38 -73.54 -12.63
CA LYS G 13 -12.62 -74.40 -11.73
C LYS G 13 -11.19 -74.50 -12.29
N ASN G 14 -10.22 -74.93 -11.48
CA ASN G 14 -8.85 -74.94 -11.97
C ASN G 14 -8.48 -76.18 -12.79
N LYS G 15 -9.46 -77.04 -13.08
CA LYS G 15 -9.14 -78.30 -13.77
C LYS G 15 -9.46 -78.39 -15.26
N GLU G 16 -9.96 -79.57 -15.65
CA GLU G 16 -10.13 -79.99 -17.04
C GLU G 16 -11.13 -79.13 -17.80
N ASN G 17 -12.11 -78.57 -17.10
CA ASN G 17 -13.13 -77.77 -17.74
C ASN G 17 -12.92 -76.29 -17.43
N GLY G 18 -11.76 -75.97 -16.89
CA GLY G 18 -11.46 -74.60 -16.50
C GLY G 18 -11.12 -73.70 -17.67
N PRO G 19 -10.92 -72.42 -17.37
CA PRO G 19 -10.69 -71.37 -18.35
C PRO G 19 -9.48 -71.62 -19.24
N HIS G 20 -8.41 -72.19 -18.69
CA HIS G 20 -7.21 -72.46 -19.48
C HIS G 20 -7.48 -73.52 -20.53
N ARG G 21 -8.57 -74.26 -20.37
CA ARG G 21 -8.91 -75.31 -21.34
C ARG G 21 -10.16 -75.06 -22.14
N TRP G 22 -10.75 -73.88 -22.06
CA TRP G 22 -12.01 -73.64 -22.79
C TRP G 22 -11.90 -73.87 -24.29
N ASP G 23 -10.76 -73.51 -24.90
CA ASP G 23 -10.61 -73.70 -26.32
C ASP G 23 -10.64 -75.19 -26.62
N LYS G 24 -10.20 -75.98 -25.65
CA LYS G 24 -10.10 -77.42 -25.81
C LYS G 24 -11.46 -78.13 -25.76
N LEU G 25 -12.43 -77.59 -25.04
CA LEU G 25 -13.70 -78.31 -24.85
C LEU G 25 -14.54 -78.46 -26.11
N HIS G 26 -14.56 -77.43 -26.94
CA HIS G 26 -15.32 -77.43 -28.19
C HIS G 26 -14.62 -76.57 -29.26
N LYS G 27 -14.86 -76.84 -30.54
CA LYS G 27 -14.24 -76.07 -31.61
C LYS G 27 -14.81 -74.66 -31.76
N ASP G 28 -15.99 -74.44 -31.21
CA ASP G 28 -16.53 -73.09 -31.16
C ASP G 28 -15.74 -72.20 -30.23
N PHE G 29 -14.90 -72.80 -29.40
CA PHE G 29 -14.15 -72.06 -28.39
C PHE G 29 -12.68 -71.80 -28.75
N GLU G 30 -12.27 -72.02 -29.99
CA GLU G 30 -10.85 -71.85 -30.25
C GLU G 30 -10.42 -70.41 -30.03
N VAL G 31 -11.31 -69.48 -30.35
CA VAL G 31 -10.97 -68.07 -30.22
C VAL G 31 -10.68 -67.71 -28.77
N CYS G 32 -11.16 -68.51 -27.82
CA CYS G 32 -10.81 -68.27 -26.43
C CYS G 32 -9.31 -68.36 -26.25
N LYS G 33 -8.65 -69.18 -27.05
CA LYS G 33 -7.20 -69.21 -27.00
C LYS G 33 -6.55 -68.46 -28.13
N SER G 34 -7.05 -68.67 -29.34
CA SER G 34 -6.36 -68.17 -30.50
C SER G 34 -6.58 -66.68 -30.73
N GLY G 35 -7.68 -66.16 -30.22
CA GLY G 35 -8.02 -64.76 -30.42
C GLY G 35 -7.05 -63.73 -29.86
N LYS G 36 -6.94 -62.58 -30.53
CA LYS G 36 -6.04 -61.50 -30.13
C LYS G 36 -6.71 -60.26 -29.50
N SER G 37 -8.02 -60.27 -29.32
CA SER G 37 -8.71 -59.20 -28.63
CA SER G 37 -8.67 -59.18 -28.60
C SER G 37 -9.57 -59.76 -27.52
N GLN G 38 -9.00 -60.66 -26.71
CA GLN G 38 -9.77 -61.35 -25.69
C GLN G 38 -9.89 -60.51 -24.43
N SER G 39 -11.07 -60.61 -23.83
CA SER G 39 -11.34 -59.92 -22.58
C SER G 39 -11.49 -60.94 -21.46
N PRO G 40 -11.29 -60.53 -20.20
CA PRO G 40 -10.99 -59.20 -19.72
C PRO G 40 -9.50 -58.95 -19.77
N ILE G 41 -9.12 -57.72 -19.48
CA ILE G 41 -7.72 -57.32 -19.45
C ILE G 41 -7.52 -56.39 -18.27
N ASN G 42 -6.25 -56.06 -18.02
CA ASN G 42 -5.92 -54.98 -17.11
C ASN G 42 -5.81 -53.62 -17.81
N ILE G 43 -6.63 -52.68 -17.38
CA ILE G 43 -6.66 -51.38 -18.01
C ILE G 43 -5.64 -50.43 -17.38
N GLU G 44 -4.52 -50.28 -18.07
CA GLU G 44 -3.39 -49.50 -17.60
C GLU G 44 -3.02 -48.37 -18.53
N HIS G 45 -3.16 -48.62 -19.82
CA HIS G 45 -2.85 -47.60 -20.80
C HIS G 45 -4.07 -47.22 -21.59
N TYR G 46 -4.33 -45.93 -21.63
CA TYR G 46 -5.51 -45.44 -22.28
C TYR G 46 -5.27 -44.04 -22.75
N TYR G 47 -6.17 -43.54 -23.57
CA TYR G 47 -6.02 -42.22 -24.12
C TYR G 47 -7.10 -41.31 -23.59
N HIS G 48 -6.72 -40.12 -23.11
CA HIS G 48 -7.73 -39.14 -22.71
C HIS G 48 -8.21 -38.45 -23.98
N THR G 49 -9.51 -38.19 -24.04
CA THR G 49 -10.12 -37.63 -25.23
C THR G 49 -11.18 -36.60 -24.88
N GLN G 50 -11.54 -35.79 -25.88
CA GLN G 50 -12.62 -34.82 -25.74
C GLN G 50 -13.89 -35.22 -26.51
N ASP G 54 -21.45 -39.83 -28.77
CA ASP G 54 -21.49 -41.07 -29.54
C ASP G 54 -22.31 -42.16 -28.84
N LEU G 55 -22.72 -41.84 -27.63
CA LEU G 55 -23.41 -42.76 -26.72
C LEU G 55 -24.76 -42.20 -26.36
N GLN G 56 -25.82 -42.89 -26.74
CA GLN G 56 -27.13 -42.42 -26.36
C GLN G 56 -27.82 -43.44 -25.50
N PHE G 57 -28.34 -43.01 -24.36
CA PHE G 57 -29.05 -43.93 -23.47
C PHE G 57 -30.55 -43.88 -23.64
N LYS G 58 -31.15 -45.06 -23.62
CA LYS G 58 -32.59 -45.17 -23.65
C LYS G 58 -33.05 -46.16 -22.58
N TYR G 59 -32.85 -45.87 -21.31
CA TYR G 59 -33.29 -46.86 -20.32
C TYR G 59 -34.54 -46.42 -19.58
N ALA G 60 -35.40 -47.37 -19.26
CA ALA G 60 -36.55 -47.12 -18.42
C ALA G 60 -36.64 -48.20 -17.38
N ALA G 61 -37.45 -48.00 -16.36
CA ALA G 61 -37.74 -49.10 -15.45
C ALA G 61 -38.43 -50.20 -16.25
N SER G 62 -38.04 -51.44 -15.99
CA SER G 62 -38.54 -52.56 -16.76
C SER G 62 -38.65 -53.79 -15.88
N LYS G 63 -39.71 -54.57 -16.08
CA LYS G 63 -39.78 -55.85 -15.36
C LYS G 63 -39.07 -56.96 -16.12
N PRO G 64 -38.23 -57.70 -15.38
CA PRO G 64 -37.41 -58.81 -15.85
C PRO G 64 -38.19 -59.92 -16.52
N LYS G 65 -37.65 -60.41 -17.63
CA LYS G 65 -38.16 -61.61 -18.24
C LYS G 65 -38.03 -62.72 -17.23
N ALA G 66 -36.84 -62.81 -16.64
CA ALA G 66 -36.53 -63.83 -15.66
C ALA G 66 -35.35 -63.43 -14.81
N VAL G 67 -35.25 -63.99 -13.62
CA VAL G 67 -34.05 -63.82 -12.84
C VAL G 67 -33.58 -65.19 -12.40
N PHE G 68 -32.43 -65.60 -12.90
CA PHE G 68 -32.05 -66.98 -12.71
C PHE G 68 -30.58 -67.21 -12.82
N PHE G 69 -30.17 -68.32 -12.25
CA PHE G 69 -28.78 -68.73 -12.25
C PHE G 69 -28.55 -69.52 -13.51
N THR G 70 -27.58 -69.06 -14.29
CA THR G 70 -27.23 -69.72 -15.52
C THR G 70 -25.72 -69.59 -15.76
N HIS G 71 -25.10 -70.66 -16.23
CA HIS G 71 -23.70 -70.64 -16.66
C HIS G 71 -22.76 -70.05 -15.63
N HIS G 72 -22.91 -70.49 -14.39
CA HIS G 72 -22.04 -70.15 -13.26
C HIS G 72 -22.30 -68.74 -12.72
N THR G 73 -23.25 -68.03 -13.35
CA THR G 73 -23.60 -66.63 -13.00
C THR G 73 -25.09 -66.41 -12.76
N LEU G 74 -25.40 -65.36 -12.01
CA LEU G 74 -26.77 -64.90 -11.75
C LEU G 74 -27.27 -63.85 -12.75
N LYS G 75 -28.33 -64.15 -13.47
CA LYS G 75 -28.72 -63.31 -14.59
C LYS G 75 -30.15 -62.85 -14.51
N ALA G 76 -30.38 -61.60 -14.86
CA ALA G 76 -31.74 -61.09 -14.95
C ALA G 76 -32.02 -60.66 -16.37
N SER G 77 -33.02 -61.28 -17.00
CA SER G 77 -33.32 -61.04 -18.40
C SER G 77 -34.40 -59.99 -18.59
N PHE G 78 -34.39 -59.33 -19.75
CA PHE G 78 -35.38 -58.28 -20.07
C PHE G 78 -36.01 -58.40 -21.43
N GLU G 79 -37.17 -57.76 -21.54
CA GLU G 79 -37.83 -57.57 -22.83
C GLU G 79 -36.97 -56.69 -23.70
N PRO G 80 -37.16 -56.74 -25.02
CA PRO G 80 -36.36 -55.91 -25.93
C PRO G 80 -36.74 -54.43 -25.94
N THR G 81 -36.85 -53.84 -24.75
CA THR G 81 -37.35 -52.48 -24.60
C THR G 81 -36.32 -51.37 -24.40
N ASN G 82 -35.12 -51.71 -23.94
CA ASN G 82 -34.09 -50.69 -23.64
C ASN G 82 -32.99 -50.57 -24.68
N HIS G 83 -32.52 -49.35 -24.93
CA HIS G 83 -31.58 -49.15 -26.02
C HIS G 83 -30.35 -48.34 -25.67
N ILE G 84 -29.32 -48.55 -26.48
CA ILE G 84 -28.13 -47.74 -26.50
C ILE G 84 -27.79 -47.41 -27.95
N ASN G 85 -27.49 -46.15 -28.23
CA ASN G 85 -27.12 -45.75 -29.58
C ASN G 85 -25.64 -45.40 -29.74
N TYR G 86 -24.91 -46.18 -30.53
CA TYR G 86 -23.50 -45.93 -30.74
C TYR G 86 -23.06 -45.86 -32.21
N ARG G 87 -22.72 -44.67 -32.65
CA ARG G 87 -22.28 -44.42 -34.03
C ARG G 87 -23.22 -44.98 -35.09
N GLY G 88 -24.48 -44.60 -34.98
CA GLY G 88 -25.49 -44.94 -35.96
C GLY G 88 -26.12 -46.31 -35.91
N HIS G 89 -25.84 -47.12 -34.89
CA HIS G 89 -26.58 -48.37 -34.72
C HIS G 89 -27.13 -48.55 -33.30
N ASP G 90 -28.37 -49.01 -33.19
CA ASP G 90 -28.99 -49.19 -31.88
C ASP G 90 -28.86 -50.60 -31.30
N TYR G 91 -28.46 -50.67 -30.04
CA TYR G 91 -28.27 -51.92 -29.32
C TYR G 91 -29.30 -52.07 -28.22
N VAL G 92 -30.08 -53.13 -28.30
CA VAL G 92 -31.11 -53.41 -27.31
C VAL G 92 -30.58 -54.17 -26.11
N LEU G 93 -30.89 -53.70 -24.91
CA LEU G 93 -30.47 -54.39 -23.70
C LEU G 93 -31.17 -55.76 -23.47
N ASP G 94 -30.37 -56.82 -23.32
CA ASP G 94 -30.87 -58.21 -23.13
C ASP G 94 -30.96 -58.61 -21.68
N ASN G 95 -29.87 -58.40 -20.96
CA ASN G 95 -29.80 -58.84 -19.58
C ASN G 95 -28.69 -58.17 -18.80
N VAL G 96 -28.77 -58.31 -17.48
CA VAL G 96 -27.72 -57.86 -16.58
CA VAL G 96 -27.70 -57.87 -16.60
C VAL G 96 -27.27 -59.03 -15.72
N HIS G 97 -25.99 -59.33 -15.73
CA HIS G 97 -25.56 -60.43 -14.89
C HIS G 97 -24.34 -59.97 -14.19
N PHE G 98 -23.89 -60.74 -13.21
CA PHE G 98 -22.85 -60.25 -12.37
C PHE G 98 -21.70 -61.20 -12.35
N HIS G 99 -20.52 -60.66 -12.06
CA HIS G 99 -19.32 -61.44 -11.92
C HIS G 99 -18.71 -61.11 -10.56
N ALA G 100 -18.27 -62.14 -9.85
CA ALA G 100 -17.59 -61.94 -8.59
C ALA G 100 -16.39 -62.86 -8.58
N PRO G 101 -15.17 -62.31 -8.47
CA PRO G 101 -14.90 -60.87 -8.45
C PRO G 101 -15.11 -60.24 -9.81
N MET G 102 -14.87 -58.95 -9.88
CA MET G 102 -14.92 -58.17 -11.11
C MET G 102 -13.89 -58.71 -12.10
N GLU G 103 -14.27 -58.85 -13.36
CA GLU G 103 -13.37 -59.44 -14.35
C GLU G 103 -12.27 -58.50 -14.86
N PHE G 104 -12.65 -57.28 -15.25
CA PHE G 104 -11.71 -56.25 -15.72
C PHE G 104 -10.94 -55.60 -14.56
N LEU G 105 -9.66 -55.35 -14.76
CA LEU G 105 -8.86 -54.61 -13.79
C LEU G 105 -8.55 -53.20 -14.27
N ILE G 106 -8.84 -52.23 -13.43
CA ILE G 106 -8.46 -50.87 -13.74
C ILE G 106 -7.23 -50.63 -12.90
N ASN G 107 -6.07 -50.72 -13.55
CA ASN G 107 -4.79 -50.64 -12.87
C ASN G 107 -4.70 -51.60 -11.70
N ASN G 108 -5.03 -52.85 -11.97
CA ASN G 108 -4.87 -53.91 -11.00
C ASN G 108 -5.74 -53.72 -9.80
N LYS G 109 -6.76 -52.90 -9.93
CA LYS G 109 -7.65 -52.75 -8.83
C LYS G 109 -8.91 -53.50 -9.20
N THR G 110 -9.36 -54.34 -8.28
CA THR G 110 -10.54 -55.16 -8.50
C THR G 110 -11.60 -54.75 -7.50
N ARG G 111 -12.84 -54.85 -7.92
CA ARG G 111 -13.96 -54.59 -7.04
C ARG G 111 -14.67 -55.91 -6.79
N PRO G 112 -15.31 -56.05 -5.63
CA PRO G 112 -15.93 -57.32 -5.22
C PRO G 112 -16.95 -57.89 -6.17
N LEU G 113 -17.52 -57.04 -7.02
CA LEU G 113 -18.58 -57.47 -7.90
C LEU G 113 -18.70 -56.52 -9.10
N SER G 114 -19.21 -57.02 -10.21
CA SER G 114 -19.50 -56.15 -11.33
C SER G 114 -20.79 -56.61 -11.96
N ALA G 115 -21.37 -55.78 -12.81
CA ALA G 115 -22.56 -56.16 -13.55
C ALA G 115 -22.34 -55.86 -15.01
N HIS G 116 -22.79 -56.74 -15.90
CA HIS G 116 -22.66 -56.49 -17.33
C HIS G 116 -24.01 -56.21 -17.94
N PHE G 117 -24.15 -55.08 -18.61
CA PHE G 117 -25.38 -54.76 -19.30
C PHE G 117 -25.17 -55.12 -20.75
N VAL G 118 -25.72 -56.26 -21.15
CA VAL G 118 -25.43 -56.82 -22.46
C VAL G 118 -26.43 -56.35 -23.49
N HIS G 119 -25.93 -55.84 -24.61
CA HIS G 119 -26.75 -55.34 -25.69
C HIS G 119 -26.38 -56.05 -26.98
N LYS G 120 -27.36 -56.29 -27.85
CA LYS G 120 -27.08 -56.93 -29.12
C LYS G 120 -27.86 -56.17 -30.19
N ASP G 121 -27.29 -55.85 -31.35
CA ASP G 121 -28.15 -55.25 -32.38
C ASP G 121 -28.62 -56.36 -33.31
N ALA G 122 -29.26 -55.99 -34.40
CA ALA G 122 -29.89 -56.95 -35.30
C ALA G 122 -28.90 -57.95 -35.90
N LYS G 123 -27.77 -57.46 -36.39
CA LYS G 123 -26.80 -58.33 -37.02
C LYS G 123 -26.09 -59.14 -35.94
N GLY G 124 -26.40 -58.85 -34.68
CA GLY G 124 -25.75 -59.53 -33.59
C GLY G 124 -24.53 -58.79 -33.06
N ARG G 125 -24.34 -57.54 -33.47
CA ARG G 125 -23.22 -56.77 -32.91
C ARG G 125 -23.47 -56.45 -31.44
N LEU G 126 -22.43 -56.64 -30.65
CA LEU G 126 -22.52 -56.63 -29.21
C LEU G 126 -21.96 -55.36 -28.59
N LEU G 127 -22.67 -54.81 -27.64
CA LEU G 127 -22.12 -53.74 -26.82
C LEU G 127 -22.41 -54.13 -25.41
N VAL G 128 -21.39 -54.21 -24.57
CA VAL G 128 -21.63 -54.60 -23.20
C VAL G 128 -21.14 -53.53 -22.24
N LEU G 129 -21.94 -53.28 -21.22
CA LEU G 129 -21.65 -52.25 -20.27
C LEU G 129 -21.20 -52.91 -19.01
N ALA G 130 -20.04 -52.51 -18.51
CA ALA G 130 -19.55 -53.11 -17.30
C ALA G 130 -19.41 -52.02 -16.27
N ILE G 131 -19.84 -52.30 -15.04
CA ILE G 131 -19.70 -51.35 -13.94
C ILE G 131 -19.37 -52.09 -12.66
N GLY G 132 -18.54 -51.49 -11.82
CA GLY G 132 -18.10 -52.12 -10.59
C GLY G 132 -18.94 -51.78 -9.38
N PHE G 133 -18.81 -52.59 -8.34
CA PHE G 133 -19.52 -52.37 -7.09
C PHE G 133 -18.54 -52.24 -5.93
N GLU G 134 -18.79 -51.31 -5.01
CA GLU G 134 -18.01 -51.24 -3.80
C GLU G 134 -18.95 -51.32 -2.60
N GLU G 135 -18.51 -51.98 -1.54
CA GLU G 135 -19.37 -52.15 -0.37
C GLU G 135 -19.72 -50.84 0.36
N GLY G 136 -21.01 -50.56 0.47
CA GLY G 136 -21.47 -49.40 1.23
C GLY G 136 -22.96 -49.39 1.50
N LYS G 137 -23.65 -48.34 1.06
CA LYS G 137 -25.07 -48.17 1.32
C LYS G 137 -25.80 -49.21 0.49
N GLU G 138 -26.94 -49.70 0.97
CA GLU G 138 -27.74 -50.66 0.21
C GLU G 138 -28.14 -50.06 -1.13
N ASN G 139 -28.11 -50.86 -2.18
CA ASN G 139 -28.50 -50.30 -3.45
C ASN G 139 -29.95 -50.68 -3.64
N PRO G 140 -30.83 -49.69 -3.64
CA PRO G 140 -32.27 -49.93 -3.80
C PRO G 140 -32.56 -50.50 -5.18
N ASN G 141 -31.73 -50.10 -6.14
CA ASN G 141 -31.87 -50.53 -7.52
C ASN G 141 -31.60 -52.01 -7.59
N LEU G 142 -30.79 -52.48 -6.66
CA LEU G 142 -30.40 -53.87 -6.58
C LEU G 142 -31.49 -54.77 -6.08
N ASP G 143 -32.29 -54.29 -5.11
CA ASP G 143 -33.20 -55.18 -4.41
C ASP G 143 -34.26 -55.89 -5.27
N PRO G 144 -34.82 -55.22 -6.30
CA PRO G 144 -35.76 -55.97 -7.13
C PRO G 144 -35.12 -57.25 -7.70
N ILE G 145 -33.81 -57.21 -7.97
CA ILE G 145 -33.11 -58.38 -8.49
C ILE G 145 -32.90 -59.41 -7.37
N LEU G 146 -32.49 -58.92 -6.20
CA LEU G 146 -32.32 -59.80 -5.04
C LEU G 146 -33.62 -60.40 -4.54
N GLU G 147 -34.73 -59.70 -4.78
CA GLU G 147 -36.04 -60.19 -4.40
C GLU G 147 -36.56 -61.28 -5.33
N GLY G 148 -36.31 -61.12 -6.63
CA GLY G 148 -36.74 -62.08 -7.61
C GLY G 148 -36.08 -63.43 -7.37
N ILE G 149 -35.08 -63.44 -6.50
CA ILE G 149 -34.31 -64.64 -6.19
C ILE G 149 -35.01 -65.73 -5.38
N GLN G 150 -36.00 -65.38 -4.57
CA GLN G 150 -36.73 -66.44 -3.89
C GLN G 150 -38.13 -66.48 -4.46
N LYS G 151 -38.38 -65.61 -5.41
CA LYS G 151 -39.69 -65.45 -6.01
C LYS G 151 -39.53 -65.63 -7.48
N LYS G 152 -39.71 -66.87 -7.89
CA LYS G 152 -39.66 -67.29 -9.27
C LYS G 152 -40.66 -66.53 -10.16
N GLN G 153 -41.56 -65.78 -9.55
CA GLN G 153 -42.67 -65.21 -10.31
C GLN G 153 -42.57 -63.72 -10.56
N LEU G 160 -34.34 -49.52 -14.22
CA LEU G 160 -33.06 -49.43 -14.93
C LEU G 160 -32.51 -48.03 -15.10
N ASP G 161 -33.37 -47.08 -15.44
CA ASP G 161 -32.96 -45.71 -15.70
C ASP G 161 -32.30 -44.98 -14.53
N ALA G 162 -32.43 -45.52 -13.32
CA ALA G 162 -31.84 -44.91 -12.12
C ALA G 162 -30.63 -45.66 -11.56
N PHE G 163 -30.27 -46.75 -12.21
CA PHE G 163 -29.26 -47.68 -11.72
C PHE G 163 -27.86 -47.04 -11.69
N LEU G 164 -27.48 -46.43 -12.80
CA LEU G 164 -26.16 -45.84 -12.99
C LEU G 164 -26.02 -44.41 -12.48
N PRO G 165 -24.78 -43.97 -12.22
CA PRO G 165 -24.49 -42.55 -11.98
C PRO G 165 -24.92 -41.70 -13.19
N LYS G 166 -25.24 -40.43 -12.98
CA LYS G 166 -25.72 -39.54 -14.04
C LYS G 166 -24.76 -39.35 -15.20
N SER G 167 -23.57 -38.89 -14.88
CA SER G 167 -22.53 -38.71 -15.85
C SER G 167 -21.41 -39.63 -15.45
N ILE G 168 -20.90 -40.36 -16.42
CA ILE G 168 -19.89 -41.37 -16.15
C ILE G 168 -18.61 -41.11 -16.91
N ASN G 169 -17.49 -41.46 -16.30
CA ASN G 169 -16.25 -41.60 -17.03
C ASN G 169 -16.04 -43.08 -17.31
N TYR G 170 -15.67 -43.39 -18.54
CA TYR G 170 -15.56 -44.77 -18.93
C TYR G 170 -14.33 -45.06 -19.76
N TYR G 171 -13.94 -46.33 -19.84
CA TYR G 171 -12.89 -46.75 -20.76
C TYR G 171 -13.56 -47.51 -21.86
N HIS G 172 -13.20 -47.22 -23.10
CA HIS G 172 -13.86 -47.83 -24.24
C HIS G 172 -12.87 -48.43 -25.20
N PHE G 173 -13.15 -49.66 -25.65
CA PHE G 173 -12.23 -50.41 -26.48
C PHE G 173 -12.96 -51.59 -27.09
N ASN G 174 -12.35 -52.27 -28.06
CA ASN G 174 -12.90 -53.53 -28.57
C ASN G 174 -12.24 -54.78 -27.98
N GLY G 175 -13.08 -55.72 -27.56
CA GLY G 175 -12.63 -56.91 -26.89
C GLY G 175 -13.60 -58.02 -27.22
N SER G 176 -13.68 -59.01 -26.33
CA SER G 176 -14.50 -60.17 -26.59
C SER G 176 -15.45 -60.44 -25.46
N LEU G 177 -16.32 -61.41 -25.66
CA LEU G 177 -17.13 -61.94 -24.58
C LEU G 177 -16.16 -62.58 -23.64
N THR G 178 -16.44 -62.48 -22.35
CA THR G 178 -15.52 -62.98 -21.35
C THR G 178 -15.78 -64.44 -21.00
N ALA G 179 -16.82 -65.01 -21.59
CA ALA G 179 -17.19 -66.41 -21.38
C ALA G 179 -17.35 -67.08 -22.73
N PRO G 180 -17.22 -68.43 -22.78
CA PRO G 180 -17.40 -69.13 -24.05
C PRO G 180 -18.74 -68.80 -24.74
N PRO G 181 -18.72 -68.67 -26.08
CA PRO G 181 -17.62 -68.96 -27.00
C PRO G 181 -16.54 -67.86 -27.17
N CYS G 182 -16.54 -66.85 -26.31
CA CYS G 182 -15.53 -65.79 -26.37
C CYS G 182 -15.47 -65.00 -27.67
N THR G 183 -16.63 -64.76 -28.27
CA THR G 183 -16.74 -64.02 -29.51
C THR G 183 -16.07 -62.64 -29.45
N GLU G 184 -15.29 -62.29 -30.46
CA GLU G 184 -14.63 -60.98 -30.47
C GLU G 184 -15.49 -59.99 -31.24
N GLY G 185 -15.05 -58.75 -31.35
CA GLY G 185 -15.87 -57.73 -31.98
C GLY G 185 -16.88 -57.15 -31.01
N VAL G 186 -16.66 -57.39 -29.72
CA VAL G 186 -17.54 -56.84 -28.71
C VAL G 186 -17.07 -55.45 -28.29
N ALA G 187 -17.99 -54.49 -28.32
CA ALA G 187 -17.69 -53.13 -27.90
C ALA G 187 -17.85 -53.02 -26.40
N TRP G 188 -16.74 -52.81 -25.70
CA TRP G 188 -16.78 -52.75 -24.26
C TRP G 188 -16.78 -51.32 -23.74
N PHE G 189 -17.66 -51.04 -22.79
CA PHE G 189 -17.61 -49.77 -22.09
C PHE G 189 -17.51 -50.02 -20.60
N VAL G 190 -16.32 -49.77 -20.08
CA VAL G 190 -16.07 -50.01 -18.68
C VAL G 190 -16.13 -48.71 -17.92
N ILE G 191 -17.11 -48.63 -17.02
CA ILE G 191 -17.38 -47.44 -16.23
C ILE G 191 -16.45 -47.34 -15.04
N GLU G 192 -15.83 -46.18 -14.92
CA GLU G 192 -14.84 -45.90 -13.89
C GLU G 192 -15.43 -45.83 -12.47
N GLU G 193 -16.57 -45.17 -12.33
CA GLU G 193 -17.17 -44.99 -11.01
C GLU G 193 -17.59 -46.33 -10.42
N PRO G 194 -17.25 -46.60 -9.16
CA PRO G 194 -17.83 -47.79 -8.52
C PRO G 194 -19.20 -47.51 -7.89
N LEU G 195 -20.18 -48.37 -8.13
CA LEU G 195 -21.46 -48.29 -7.42
C LEU G 195 -21.40 -48.94 -6.05
N GLU G 196 -22.52 -48.83 -5.34
CA GLU G 196 -22.58 -49.26 -3.95
C GLU G 196 -23.43 -50.50 -3.73
N VAL G 197 -22.95 -51.36 -2.83
CA VAL G 197 -23.66 -52.57 -2.46
C VAL G 197 -23.49 -52.79 -0.94
N SER G 198 -24.52 -53.24 -0.26
CA SER G 198 -24.38 -53.54 1.16
C SER G 198 -23.59 -54.82 1.31
N ALA G 199 -22.95 -55.02 2.44
CA ALA G 199 -22.24 -56.25 2.70
C ALA G 199 -23.21 -57.44 2.70
N LYS G 200 -24.43 -57.20 3.18
CA LYS G 200 -25.46 -58.23 3.17
C LYS G 200 -25.83 -58.55 1.74
N GLN G 201 -26.11 -57.53 0.95
CA GLN G 201 -26.50 -57.75 -0.44
C GLN G 201 -25.40 -58.54 -1.17
N LEU G 202 -24.14 -58.24 -0.86
CA LEU G 202 -23.01 -58.88 -1.49
C LEU G 202 -22.91 -60.36 -1.30
N ALA G 203 -22.83 -60.81 -0.06
CA ALA G 203 -22.71 -62.24 0.22
C ALA G 203 -23.94 -62.94 -0.32
N GLU G 204 -25.05 -62.20 -0.32
CA GLU G 204 -26.30 -62.76 -0.78
C GLU G 204 -26.30 -63.05 -2.28
N ILE G 205 -25.86 -62.12 -3.11
CA ILE G 205 -25.84 -62.42 -4.53
C ILE G 205 -24.74 -63.45 -4.82
N LYS G 206 -23.62 -63.37 -4.11
CA LYS G 206 -22.57 -64.36 -4.34
C LYS G 206 -23.00 -65.76 -3.95
N LYS G 207 -23.82 -65.86 -2.91
CA LYS G 207 -24.35 -67.15 -2.47
C LYS G 207 -25.22 -67.73 -3.55
N ARG G 208 -25.90 -66.85 -4.27
CA ARG G 208 -26.70 -67.21 -5.40
C ARG G 208 -25.89 -67.87 -6.52
N MET G 209 -24.58 -67.58 -6.54
CA MET G 209 -23.62 -68.12 -7.50
C MET G 209 -22.73 -69.26 -6.95
N LYS G 210 -23.26 -70.03 -5.99
CA LYS G 210 -22.57 -71.18 -5.36
C LYS G 210 -21.37 -70.62 -4.58
N ASN G 211 -21.39 -69.31 -4.32
CA ASN G 211 -20.29 -68.64 -3.61
C ASN G 211 -18.98 -69.06 -4.23
N SER G 212 -19.05 -69.35 -5.53
CA SER G 212 -17.89 -69.72 -6.32
C SER G 212 -17.67 -68.64 -7.37
N PRO G 213 -16.47 -68.05 -7.34
CA PRO G 213 -16.08 -66.98 -8.27
C PRO G 213 -16.28 -67.34 -9.73
N ASN G 214 -16.83 -66.39 -10.47
CA ASN G 214 -16.98 -66.54 -11.91
C ASN G 214 -16.28 -65.40 -12.65
N GLN G 215 -14.99 -65.25 -12.38
CA GLN G 215 -14.15 -64.25 -13.00
C GLN G 215 -13.14 -64.90 -13.92
N ARG G 216 -13.25 -64.64 -15.21
CA ARG G 216 -12.22 -65.10 -16.14
C ARG G 216 -10.95 -64.34 -15.83
N PRO G 217 -9.79 -65.01 -15.80
CA PRO G 217 -8.57 -64.23 -15.60
C PRO G 217 -8.30 -63.28 -16.77
N VAL G 218 -7.50 -62.25 -16.52
CA VAL G 218 -7.10 -61.28 -17.52
C VAL G 218 -6.35 -61.96 -18.69
N GLN G 219 -6.72 -61.60 -19.92
CA GLN G 219 -6.15 -62.22 -21.12
C GLN G 219 -4.96 -61.44 -21.67
N PRO G 220 -4.17 -62.07 -22.58
CA PRO G 220 -3.05 -61.35 -23.21
C PRO G 220 -3.54 -60.11 -23.93
N ASP G 221 -2.84 -59.00 -23.71
CA ASP G 221 -3.22 -57.74 -24.32
C ASP G 221 -2.24 -57.34 -25.39
N TYR G 222 -2.70 -57.31 -26.63
CA TYR G 222 -1.83 -56.95 -27.72
C TYR G 222 -1.96 -55.47 -28.06
N ASN G 223 -1.60 -54.62 -27.09
CA ASN G 223 -1.66 -53.17 -27.24
C ASN G 223 -3.07 -52.71 -27.61
N THR G 224 -4.06 -53.17 -26.83
CA THR G 224 -5.44 -52.77 -27.04
C THR G 224 -5.54 -51.27 -26.90
N VAL G 225 -6.08 -50.61 -27.91
CA VAL G 225 -6.29 -49.17 -27.85
C VAL G 225 -7.55 -48.86 -27.04
N ILE G 226 -7.36 -48.17 -25.93
CA ILE G 226 -8.40 -47.83 -24.96
C ILE G 226 -8.56 -46.34 -24.84
N ILE G 227 -9.78 -45.84 -24.93
CA ILE G 227 -9.97 -44.43 -24.70
C ILE G 227 -10.70 -44.21 -23.40
N LYS G 228 -10.34 -43.15 -22.67
CA LYS G 228 -11.10 -42.70 -21.51
C LYS G 228 -11.95 -41.53 -21.89
N SER G 229 -13.24 -41.60 -21.62
CA SER G 229 -14.16 -40.55 -22.03
C SER G 229 -15.35 -40.48 -21.08
N SER G 230 -16.32 -39.63 -21.40
CA SER G 230 -17.47 -39.39 -20.52
C SER G 230 -18.79 -39.24 -21.26
N ALA G 231 -19.88 -39.37 -20.51
CA ALA G 231 -21.21 -39.28 -21.10
C ALA G 231 -22.30 -38.88 -20.11
N GLU G 232 -23.49 -38.64 -20.66
CA GLU G 232 -24.70 -38.34 -19.90
C GLU G 232 -25.50 -39.64 -19.95
N THR G 233 -25.70 -40.29 -18.81
CA THR G 233 -26.29 -41.62 -18.81
C THR G 233 -27.79 -41.66 -19.04
N ARG G 234 -28.43 -40.51 -19.02
CA ARG G 234 -29.86 -40.46 -19.22
C ARG G 234 -30.25 -39.12 -19.84
N TRP H 10 -4.26 -67.00 -53.84
CA TRP H 10 -5.03 -65.80 -53.54
C TRP H 10 -4.60 -64.62 -54.34
N ASP H 11 -5.58 -63.85 -54.77
CA ASP H 11 -5.26 -62.68 -55.55
C ASP H 11 -6.24 -61.57 -55.20
N TYR H 12 -6.08 -60.45 -55.87
CA TYR H 12 -6.93 -59.30 -55.63
C TYR H 12 -8.02 -59.15 -56.71
N LYS H 13 -8.15 -60.14 -57.59
CA LYS H 13 -9.13 -60.02 -58.66
C LYS H 13 -10.56 -60.21 -58.14
N ASN H 14 -11.54 -59.77 -58.94
CA ASN H 14 -12.94 -59.82 -58.53
C ASN H 14 -13.52 -61.19 -58.86
N LYS H 15 -12.64 -62.11 -59.23
CA LYS H 15 -13.04 -63.44 -59.66
C LYS H 15 -12.81 -64.47 -58.54
N GLU H 16 -12.34 -65.65 -58.90
CA GLU H 16 -12.31 -66.78 -57.96
C GLU H 16 -11.36 -66.70 -56.75
N ASN H 17 -10.21 -66.04 -56.87
CA ASN H 17 -9.24 -66.01 -55.77
C ASN H 17 -9.15 -64.68 -55.04
N GLY H 18 -10.13 -63.84 -55.27
CA GLY H 18 -10.12 -62.51 -54.70
C GLY H 18 -10.42 -62.53 -53.22
N PRO H 19 -10.40 -61.35 -52.62
CA PRO H 19 -10.60 -61.12 -51.20
C PRO H 19 -11.93 -61.66 -50.69
N HIS H 20 -12.97 -61.56 -51.50
CA HIS H 20 -14.28 -62.04 -51.08
C HIS H 20 -14.35 -63.56 -50.96
N ARG H 21 -13.37 -64.28 -51.53
CA ARG H 21 -13.35 -65.72 -51.38
C ARG H 21 -12.09 -66.24 -50.66
N TRP H 22 -11.28 -65.35 -50.12
CA TRP H 22 -10.02 -65.73 -49.46
C TRP H 22 -10.10 -66.75 -48.33
N ASP H 23 -11.16 -66.69 -47.53
CA ASP H 23 -11.30 -67.57 -46.37
C ASP H 23 -11.41 -69.04 -46.76
N LYS H 24 -11.95 -69.27 -47.95
CA LYS H 24 -12.14 -70.60 -48.52
C LYS H 24 -10.84 -71.22 -49.04
N LEU H 25 -9.86 -70.41 -49.38
CA LEU H 25 -8.66 -70.93 -50.04
C LEU H 25 -7.89 -71.86 -49.15
N HIS H 26 -7.82 -71.53 -47.88
CA HIS H 26 -7.17 -72.40 -46.91
C HIS H 26 -7.88 -72.21 -45.59
N LYS H 27 -7.79 -73.19 -44.69
CA LYS H 27 -8.43 -73.05 -43.39
C LYS H 27 -7.61 -72.08 -42.48
N ASP H 28 -6.32 -71.87 -42.79
CA ASP H 28 -5.56 -70.80 -42.09
C ASP H 28 -6.01 -69.39 -42.42
N PHE H 29 -6.74 -69.22 -43.49
CA PHE H 29 -7.12 -67.90 -43.93
C PHE H 29 -8.50 -67.55 -43.44
N GLU H 30 -9.06 -68.36 -42.55
CA GLU H 30 -10.44 -68.14 -42.16
C GLU H 30 -10.58 -66.82 -41.38
N VAL H 31 -9.51 -66.34 -40.73
CA VAL H 31 -9.61 -65.09 -40.01
C VAL H 31 -9.98 -63.95 -40.96
N CYS H 32 -9.68 -64.14 -42.24
CA CYS H 32 -10.04 -63.15 -43.25
C CYS H 32 -11.55 -62.93 -43.32
N LYS H 33 -12.32 -63.98 -43.06
CA LYS H 33 -13.77 -63.84 -42.98
C LYS H 33 -14.20 -63.84 -41.52
N SER H 34 -13.58 -64.70 -40.72
CA SER H 34 -14.05 -64.88 -39.36
C SER H 34 -13.62 -63.76 -38.43
N GLY H 35 -12.55 -63.06 -38.80
CA GLY H 35 -11.99 -62.01 -37.95
C GLY H 35 -12.93 -60.84 -37.66
N LYS H 36 -12.82 -60.30 -36.46
CA LYS H 36 -13.62 -59.17 -36.04
C LYS H 36 -12.83 -57.87 -36.00
N SER H 37 -11.56 -57.91 -36.39
CA SER H 37 -10.78 -56.68 -36.47
C SER H 37 -10.00 -56.70 -37.78
N GLN H 38 -10.72 -56.91 -38.87
CA GLN H 38 -10.06 -57.02 -40.16
C GLN H 38 -9.83 -55.64 -40.73
N SER H 39 -8.64 -55.44 -41.29
CA SER H 39 -8.26 -54.19 -41.95
C SER H 39 -8.13 -54.43 -43.45
N PRO H 40 -8.23 -53.35 -44.24
CA PRO H 40 -8.37 -51.94 -43.89
C PRO H 40 -9.82 -51.56 -43.72
N ILE H 41 -10.04 -50.34 -43.26
CA ILE H 41 -11.38 -49.81 -43.09
C ILE H 41 -11.42 -48.38 -43.61
N ASN H 42 -12.61 -47.80 -43.72
CA ASN H 42 -12.69 -46.40 -44.04
C ASN H 42 -12.74 -45.60 -42.74
N ILE H 43 -11.75 -44.74 -42.54
CA ILE H 43 -11.61 -44.07 -41.26
C ILE H 43 -12.48 -42.82 -41.19
N GLU H 44 -13.61 -42.94 -40.48
CA GLU H 44 -14.64 -41.91 -40.41
C GLU H 44 -14.89 -41.37 -39.00
N HIS H 45 -14.79 -42.24 -38.00
CA HIS H 45 -14.96 -41.76 -36.64
C HIS H 45 -13.67 -42.04 -35.91
N TYR H 46 -13.21 -41.05 -35.15
CA TYR H 46 -11.96 -41.22 -34.47
C TYR H 46 -11.99 -40.37 -33.21
N TYR H 47 -11.04 -40.62 -32.32
CA TYR H 47 -10.94 -39.91 -31.06
C TYR H 47 -9.70 -39.03 -30.99
N HIS H 48 -9.85 -37.78 -30.57
CA HIS H 48 -8.69 -36.88 -30.42
C HIS H 48 -7.95 -37.04 -29.09
N THR H 49 -6.64 -36.92 -29.11
CA THR H 49 -5.90 -37.16 -27.88
C THR H 49 -4.74 -36.22 -27.58
N GLN H 50 -4.21 -36.34 -26.36
CA GLN H 50 -3.13 -35.51 -25.86
C GLN H 50 -1.70 -36.04 -25.85
N ASP H 51 -1.42 -37.24 -26.33
CA ASP H 51 -0.06 -37.78 -26.15
C ASP H 51 0.64 -38.36 -27.39
N LYS H 52 1.98 -38.38 -27.33
CA LYS H 52 2.84 -38.86 -28.42
C LYS H 52 2.79 -40.38 -28.56
N ALA H 53 1.90 -41.02 -27.80
CA ALA H 53 1.72 -42.47 -27.86
C ALA H 53 3.06 -43.18 -27.67
N ASP H 54 3.83 -42.74 -26.66
CA ASP H 54 5.12 -43.35 -26.32
C ASP H 54 5.85 -43.91 -27.49
N LEU H 55 6.17 -43.06 -28.45
CA LEU H 55 6.75 -43.53 -29.68
C LEU H 55 8.16 -42.95 -29.86
N GLN H 56 9.14 -43.85 -29.85
CA GLN H 56 10.52 -43.44 -30.10
C GLN H 56 11.03 -44.13 -31.34
N PHE H 57 11.63 -43.37 -32.25
CA PHE H 57 12.15 -43.96 -33.45
C PHE H 57 13.64 -44.20 -33.41
N LYS H 58 14.05 -45.31 -34.00
CA LYS H 58 15.46 -45.59 -34.21
C LYS H 58 15.68 -46.02 -35.66
N TYR H 59 15.51 -45.11 -36.62
CA TYR H 59 15.72 -45.45 -38.04
C TYR H 59 17.03 -44.87 -38.54
N ALA H 60 17.72 -45.61 -39.39
CA ALA H 60 18.95 -45.10 -39.99
C ALA H 60 18.85 -45.33 -41.49
N ALA H 61 19.72 -44.67 -42.25
CA ALA H 61 19.83 -44.97 -43.67
C ALA H 61 20.30 -46.40 -43.81
N SER H 62 19.67 -47.14 -44.70
CA SER H 62 19.94 -48.56 -44.81
C SER H 62 19.81 -49.05 -46.22
N LYS H 63 20.71 -49.95 -46.59
CA LYS H 63 20.61 -50.56 -47.89
C LYS H 63 19.66 -51.74 -47.68
N PRO H 64 18.66 -51.87 -48.57
CA PRO H 64 17.75 -53.01 -48.45
C PRO H 64 18.54 -54.33 -48.55
N LYS H 65 18.24 -55.30 -47.69
CA LYS H 65 18.80 -56.64 -47.86
C LYS H 65 18.41 -57.20 -49.21
N ALA H 66 17.17 -56.93 -49.58
CA ALA H 66 16.63 -57.35 -50.86
C ALA H 66 15.43 -56.48 -51.21
N VAL H 67 15.20 -56.34 -52.52
CA VAL H 67 14.02 -55.66 -53.08
C VAL H 67 13.35 -56.53 -54.13
N PHE H 68 12.12 -56.99 -53.90
CA PHE H 68 11.52 -57.95 -54.83
C PHE H 68 9.99 -58.04 -54.73
N PHE H 69 9.39 -58.60 -55.77
CA PHE H 69 7.96 -58.78 -55.84
C PHE H 69 7.63 -60.12 -55.19
N THR H 70 6.82 -60.05 -54.13
N THR H 70 6.85 -60.09 -54.04
CA THR H 70 6.38 -61.24 -53.40
CA THR H 70 6.40 -61.28 -53.31
C THR H 70 4.96 -61.00 -53.06
C THR H 70 4.98 -61.04 -52.98
N HIS H 71 4.15 -62.03 -53.24
CA HIS H 71 2.80 -61.98 -52.78
C HIS H 71 2.13 -60.75 -53.33
N HIS H 72 2.29 -60.51 -54.63
CA HIS H 72 1.55 -59.48 -55.35
C HIS H 72 2.01 -58.06 -55.06
N THR H 73 3.04 -57.94 -54.22
CA THR H 73 3.52 -56.62 -53.80
C THR H 73 5.01 -56.39 -54.10
N LEU H 74 5.39 -55.11 -54.21
CA LEU H 74 6.79 -54.74 -54.38
C LEU H 74 7.38 -54.52 -52.98
N LYS H 75 8.39 -55.32 -52.63
CA LYS H 75 8.86 -55.43 -51.24
C LYS H 75 10.35 -55.19 -50.99
N ALA H 76 10.69 -54.45 -49.95
CA ALA H 76 12.09 -54.30 -49.57
C ALA H 76 12.34 -54.76 -48.13
N SER H 77 13.17 -55.77 -47.96
CA SER H 77 13.43 -56.26 -46.61
C SER H 77 14.68 -55.61 -46.05
N PHE H 78 14.81 -55.60 -44.72
CA PHE H 78 15.95 -54.96 -44.06
C PHE H 78 16.57 -55.85 -42.99
N GLU H 79 17.83 -55.58 -42.65
CA GLU H 79 18.43 -56.11 -41.43
C GLU H 79 17.71 -55.50 -40.23
N PRO H 80 17.80 -56.16 -39.07
CA PRO H 80 17.08 -55.64 -37.89
C PRO H 80 17.73 -54.39 -37.28
N THR H 81 18.03 -53.39 -38.10
CA THR H 81 18.80 -52.24 -37.67
C THR H 81 17.92 -51.04 -37.32
N ASN H 82 16.73 -51.00 -37.91
CA ASN H 82 15.87 -49.87 -37.68
C ASN H 82 14.76 -50.25 -36.69
N HIS H 83 14.43 -49.35 -35.75
CA HIS H 83 13.54 -49.69 -34.63
C HIS H 83 12.50 -48.64 -34.28
N ILE H 84 11.45 -49.09 -33.62
CA ILE H 84 10.45 -48.23 -33.01
C ILE H 84 10.25 -48.66 -31.57
N ASN H 85 10.20 -47.72 -30.64
CA ASN H 85 9.92 -48.09 -29.25
C ASN H 85 8.50 -47.64 -28.88
N TYR H 86 7.64 -48.61 -28.58
CA TYR H 86 6.24 -48.30 -28.27
C TYR H 86 5.82 -48.89 -26.93
N ARG H 87 5.60 -48.03 -25.93
CA ARG H 87 5.23 -48.48 -24.61
C ARG H 87 6.16 -49.56 -24.09
N GLY H 88 7.44 -49.29 -24.13
CA GLY H 88 8.42 -50.17 -23.52
C GLY H 88 8.78 -51.41 -24.31
N HIS H 89 8.35 -51.49 -25.57
CA HIS H 89 8.75 -52.62 -26.40
C HIS H 89 9.40 -52.16 -27.70
N ASP H 90 10.50 -52.82 -28.08
CA ASP H 90 11.19 -52.47 -29.31
C ASP H 90 10.57 -53.28 -30.42
N TYR H 91 10.18 -52.58 -31.48
CA TYR H 91 9.63 -53.20 -32.67
C TYR H 91 10.58 -52.95 -33.82
N VAL H 92 11.10 -54.02 -34.41
CA VAL H 92 12.11 -53.94 -35.45
C VAL H 92 11.50 -53.76 -36.84
N LEU H 93 11.94 -52.77 -37.62
CA LEU H 93 11.45 -52.64 -38.98
C LEU H 93 12.00 -53.81 -39.79
N ASP H 94 11.11 -54.59 -40.40
CA ASP H 94 11.47 -55.77 -41.19
C ASP H 94 11.54 -55.48 -42.66
N ASN H 95 10.54 -54.76 -43.16
CA ASN H 95 10.44 -54.50 -44.58
C ASN H 95 9.53 -53.30 -44.86
N VAL H 96 9.59 -52.82 -46.09
CA VAL H 96 8.62 -51.82 -46.53
C VAL H 96 7.98 -52.32 -47.81
N HIS H 97 6.66 -52.28 -47.86
CA HIS H 97 5.96 -52.75 -49.05
C HIS H 97 4.88 -51.78 -49.41
N PHE H 98 4.33 -51.94 -50.61
CA PHE H 98 3.43 -50.93 -51.14
C PHE H 98 2.09 -51.44 -51.54
N HIS H 99 1.13 -50.55 -51.47
CA HIS H 99 -0.20 -50.83 -51.91
C HIS H 99 -0.61 -49.70 -52.79
N ALA H 100 -1.14 -50.04 -53.95
CA ALA H 100 -1.67 -49.09 -54.91
C ALA H 100 -3.00 -49.60 -55.43
N PRO H 101 -4.10 -48.86 -55.19
CA PRO H 101 -4.08 -47.62 -54.40
C PRO H 101 -3.82 -47.87 -52.91
N MET H 102 -3.86 -46.80 -52.13
CA MET H 102 -3.76 -46.90 -50.70
C MET H 102 -4.92 -47.73 -50.14
N GLU H 103 -4.65 -48.66 -49.23
CA GLU H 103 -5.73 -49.49 -48.69
C GLU H 103 -6.62 -48.77 -47.68
N PHE H 104 -6.03 -48.06 -46.72
CA PHE H 104 -6.84 -47.35 -45.73
C PHE H 104 -7.40 -46.06 -46.32
N LEU H 105 -8.66 -45.80 -46.06
CA LEU H 105 -9.26 -44.54 -46.50
C LEU H 105 -9.33 -43.64 -45.31
N ILE H 106 -8.83 -42.41 -45.49
CA ILE H 106 -8.88 -41.46 -44.43
C ILE H 106 -9.95 -40.46 -44.74
N ASN H 107 -11.06 -40.58 -44.03
CA ASN H 107 -12.24 -39.76 -44.24
C ASN H 107 -12.69 -39.80 -45.70
N ASN H 108 -12.83 -41.01 -46.24
CA ASN H 108 -13.30 -41.26 -47.60
C ASN H 108 -12.33 -40.78 -48.66
N LYS H 109 -11.08 -40.53 -48.29
CA LYS H 109 -10.10 -40.18 -49.31
C LYS H 109 -9.07 -41.25 -49.61
N THR H 110 -8.84 -41.42 -50.89
CA THR H 110 -7.97 -42.47 -51.40
C THR H 110 -6.73 -41.92 -52.07
N ARG H 111 -5.63 -42.63 -51.93
CA ARG H 111 -4.39 -42.28 -52.61
C ARG H 111 -4.00 -43.37 -53.58
N PRO H 112 -3.43 -42.98 -54.73
CA PRO H 112 -2.94 -43.89 -55.76
C PRO H 112 -1.86 -44.83 -55.22
N LEU H 113 -1.27 -44.52 -54.07
CA LEU H 113 -0.20 -45.35 -53.56
C LEU H 113 -0.05 -45.20 -52.05
N SER H 114 0.44 -46.26 -51.41
CA SER H 114 0.82 -46.26 -50.01
C SER H 114 2.03 -47.16 -49.76
N ALA H 115 2.69 -47.00 -48.62
CA ALA H 115 3.76 -47.91 -48.24
C ALA H 115 3.54 -48.39 -46.82
N HIS H 116 3.80 -49.67 -46.54
CA HIS H 116 3.67 -50.20 -45.18
C HIS H 116 5.02 -50.62 -44.58
N PHE H 117 5.32 -50.13 -43.39
CA PHE H 117 6.52 -50.47 -42.63
C PHE H 117 6.23 -51.52 -41.58
N VAL H 118 6.67 -52.76 -41.79
CA VAL H 118 6.33 -53.86 -40.87
C VAL H 118 7.33 -54.02 -39.72
N HIS H 119 6.84 -53.99 -38.48
CA HIS H 119 7.72 -54.09 -37.30
C HIS H 119 7.28 -55.25 -36.44
N LYS H 120 8.24 -55.92 -35.79
CA LYS H 120 7.90 -57.01 -34.86
C LYS H 120 8.77 -56.98 -33.60
N ASP H 121 8.20 -57.23 -32.42
CA ASP H 121 8.99 -57.35 -31.18
C ASP H 121 9.30 -58.81 -30.84
N ALA H 122 9.77 -59.05 -29.62
CA ALA H 122 10.22 -60.39 -29.21
C ALA H 122 9.16 -61.48 -29.29
N LYS H 123 7.97 -61.25 -28.75
CA LYS H 123 6.92 -62.26 -28.82
C LYS H 123 6.26 -62.30 -30.18
N GLY H 124 6.72 -61.48 -31.12
CA GLY H 124 6.17 -61.53 -32.44
C GLY H 124 5.03 -60.57 -32.65
N ARG H 125 4.80 -59.71 -31.67
CA ARG H 125 3.75 -58.72 -31.77
C ARG H 125 4.11 -57.78 -32.91
N LEU H 126 3.13 -57.45 -33.73
CA LEU H 126 3.35 -56.70 -34.97
C LEU H 126 2.93 -55.24 -34.87
N LEU H 127 3.74 -54.39 -35.48
CA LEU H 127 3.46 -52.96 -35.58
C LEU H 127 3.53 -52.51 -37.02
N VAL H 128 2.45 -51.91 -37.53
CA VAL H 128 2.44 -51.46 -38.92
C VAL H 128 2.13 -49.99 -39.06
N LEU H 129 2.89 -49.36 -39.93
CA LEU H 129 2.84 -47.94 -40.19
C LEU H 129 2.29 -47.73 -41.58
N ALA H 130 1.25 -46.91 -41.70
CA ALA H 130 0.66 -46.67 -43.00
C ALA H 130 0.78 -45.21 -43.38
N ILE H 131 1.23 -44.98 -44.61
CA ILE H 131 1.40 -43.65 -45.17
C ILE H 131 1.04 -43.63 -46.66
N GLY H 132 0.31 -42.60 -47.08
CA GLY H 132 -0.14 -42.51 -48.46
C GLY H 132 0.75 -41.64 -49.32
N PHE H 133 0.68 -41.81 -50.64
CA PHE H 133 1.49 -40.99 -51.52
C PHE H 133 0.61 -40.18 -52.41
N GLU H 134 1.04 -38.94 -52.63
CA GLU H 134 0.31 -38.04 -53.51
C GLU H 134 1.27 -37.64 -54.64
N GLU H 135 0.78 -37.59 -55.87
CA GLU H 135 1.64 -37.28 -57.02
C GLU H 135 2.12 -35.81 -56.99
N GLY H 136 3.43 -35.61 -57.01
CA GLY H 136 4.01 -34.28 -57.03
C GLY H 136 5.49 -34.37 -57.34
N LYS H 137 6.34 -33.94 -56.41
CA LYS H 137 7.78 -33.96 -56.65
C LYS H 137 8.23 -35.40 -56.72
N GLU H 138 9.22 -35.68 -57.56
CA GLU H 138 9.76 -37.02 -57.58
C GLU H 138 10.34 -37.27 -56.23
N ASN H 139 10.11 -38.46 -55.71
CA ASN H 139 10.60 -38.81 -54.40
C ASN H 139 11.91 -39.56 -54.50
N PRO H 140 13.01 -38.93 -54.07
CA PRO H 140 14.37 -39.48 -54.01
C PRO H 140 14.50 -40.62 -53.00
N ASN H 141 13.65 -40.62 -51.97
CA ASN H 141 13.65 -41.70 -51.00
C ASN H 141 13.17 -42.99 -51.63
N LEU H 142 12.35 -42.84 -52.65
CA LEU H 142 11.85 -43.97 -53.40
C LEU H 142 12.97 -44.56 -54.28
N ASP H 143 13.86 -43.72 -54.79
CA ASP H 143 14.84 -44.13 -55.80
C ASP H 143 15.87 -45.25 -55.49
N PRO H 144 16.39 -45.38 -54.25
CA PRO H 144 17.35 -46.47 -54.06
C PRO H 144 16.75 -47.81 -54.41
N ILE H 145 15.47 -47.92 -54.11
CA ILE H 145 14.71 -49.14 -54.32
C ILE H 145 14.39 -49.45 -55.76
N LEU H 146 13.91 -48.46 -56.50
CA LEU H 146 13.58 -48.68 -57.90
C LEU H 146 14.84 -49.07 -58.66
N GLU H 147 15.98 -48.61 -58.18
CA GLU H 147 17.27 -49.01 -58.73
C GLU H 147 17.66 -50.39 -58.21
N GLY H 148 17.40 -50.64 -56.92
CA GLY H 148 17.80 -51.89 -56.29
C GLY H 148 17.11 -53.12 -56.81
N ILE H 149 15.93 -52.96 -57.39
CA ILE H 149 15.22 -54.10 -57.96
C ILE H 149 15.97 -54.56 -59.21
N GLN H 150 16.86 -53.73 -59.74
CA GLN H 150 17.58 -54.15 -60.93
C GLN H 150 18.91 -54.87 -60.71
N LYS H 151 19.35 -55.01 -59.46
CA LYS H 151 20.62 -55.70 -59.20
C LYS H 151 20.87 -55.96 -57.74
N LYS H 152 21.20 -57.20 -57.46
CA LYS H 152 21.53 -57.64 -56.13
C LYS H 152 23.01 -57.42 -55.87
N PHE H 155 22.29 -52.95 -53.66
CA PHE H 155 21.18 -52.01 -53.48
C PHE H 155 21.68 -50.72 -52.86
N LYS H 156 21.25 -49.57 -53.36
CA LYS H 156 21.66 -48.32 -52.73
C LYS H 156 20.85 -48.10 -51.46
N GLU H 157 21.51 -47.57 -50.44
CA GLU H 157 20.88 -47.40 -49.15
C GLU H 157 19.75 -46.36 -49.22
N VAL H 158 18.78 -46.55 -48.34
CA VAL H 158 17.55 -45.76 -48.25
C VAL H 158 17.48 -44.80 -47.09
N ALA H 159 17.08 -43.56 -47.35
CA ALA H 159 17.00 -42.57 -46.27
C ALA H 159 15.76 -42.78 -45.38
N LEU H 160 15.80 -43.81 -44.55
CA LEU H 160 14.65 -44.12 -43.70
C LEU H 160 14.45 -42.99 -42.73
N ASP H 161 15.56 -42.54 -42.14
CA ASP H 161 15.52 -41.45 -41.19
C ASP H 161 15.06 -40.18 -41.88
N ALA H 162 15.03 -40.17 -43.22
CA ALA H 162 14.51 -39.01 -43.93
C ALA H 162 13.19 -39.27 -44.68
N PHE H 163 12.70 -40.52 -44.65
CA PHE H 163 11.56 -40.94 -45.45
C PHE H 163 10.23 -40.29 -45.01
N LEU H 164 9.94 -40.40 -43.72
CA LEU H 164 8.70 -39.90 -43.17
C LEU H 164 8.82 -38.41 -42.86
N PRO H 165 7.71 -37.70 -42.83
CA PRO H 165 7.77 -36.31 -42.37
C PRO H 165 8.32 -36.24 -40.97
N LYS H 166 8.97 -35.14 -40.60
CA LYS H 166 9.49 -34.93 -39.25
C LYS H 166 8.32 -34.91 -38.30
N SER H 167 7.26 -34.24 -38.74
CA SER H 167 6.03 -34.16 -37.99
C SER H 167 4.93 -34.92 -38.71
N ILE H 168 4.27 -35.82 -37.98
CA ILE H 168 3.20 -36.62 -38.55
C ILE H 168 1.93 -36.56 -37.73
N ASN H 169 0.78 -36.56 -38.41
CA ASN H 169 -0.51 -36.86 -37.80
C ASN H 169 -0.90 -38.27 -38.11
N TYR H 170 -1.28 -39.04 -37.11
CA TYR H 170 -1.60 -40.41 -37.38
C TYR H 170 -2.85 -40.88 -36.68
N TYR H 171 -3.41 -41.94 -37.24
CA TYR H 171 -4.52 -42.62 -36.64
C TYR H 171 -4.00 -43.96 -36.13
N HIS H 172 -4.40 -44.32 -34.92
CA HIS H 172 -3.87 -45.49 -34.25
C HIS H 172 -5.01 -46.43 -33.78
N PHE H 173 -4.86 -47.72 -34.02
CA PHE H 173 -5.91 -48.67 -33.67
C PHE H 173 -5.40 -50.09 -33.74
N ASN H 174 -6.22 -51.03 -33.29
CA ASN H 174 -5.89 -52.45 -33.40
C ASN H 174 -6.57 -53.04 -34.62
N GLY H 175 -5.82 -53.79 -35.41
CA GLY H 175 -6.35 -54.35 -36.65
C GLY H 175 -5.67 -55.64 -37.06
N SER H 176 -5.75 -55.94 -38.35
CA SER H 176 -5.20 -57.17 -38.90
C SER H 176 -4.33 -56.88 -40.10
N LEU H 177 -3.69 -57.93 -40.63
CA LEU H 177 -3.00 -57.85 -41.90
C LEU H 177 -4.04 -57.61 -42.98
N THR H 178 -3.71 -56.85 -43.99
CA THR H 178 -4.65 -56.60 -45.07
C THR H 178 -4.52 -57.65 -46.17
N ALA H 179 -3.58 -58.57 -45.98
CA ALA H 179 -3.34 -59.66 -46.91
C ALA H 179 -3.35 -61.01 -46.19
N PRO H 180 -3.65 -62.11 -46.91
CA PRO H 180 -3.58 -63.42 -46.24
C PRO H 180 -2.22 -63.70 -45.59
N PRO H 181 -2.23 -64.31 -44.38
CA PRO H 181 -3.35 -64.94 -43.70
C PRO H 181 -4.30 -64.02 -42.91
N CYS H 182 -4.19 -62.70 -43.06
CA CYS H 182 -5.05 -61.76 -42.37
C CYS H 182 -5.00 -61.85 -40.83
N THR H 183 -3.84 -62.20 -40.29
CA THR H 183 -3.61 -62.31 -38.84
C THR H 183 -4.01 -61.05 -38.09
N GLU H 184 -4.64 -61.23 -36.93
CA GLU H 184 -5.04 -60.11 -36.12
C GLU H 184 -4.07 -59.81 -34.96
N GLY H 185 -4.41 -58.82 -34.13
CA GLY H 185 -3.54 -58.39 -33.06
C GLY H 185 -2.51 -57.38 -33.52
N VAL H 186 -2.76 -56.77 -34.67
CA VAL H 186 -1.84 -55.78 -35.21
C VAL H 186 -2.12 -54.37 -34.72
N ALA H 187 -1.04 -53.70 -34.26
CA ALA H 187 -1.07 -52.31 -33.85
C ALA H 187 -0.88 -51.40 -35.08
N TRP H 188 -1.92 -50.68 -35.46
CA TRP H 188 -1.90 -49.88 -36.67
C TRP H 188 -1.66 -48.40 -36.38
N PHE H 189 -0.79 -47.75 -37.18
CA PHE H 189 -0.58 -46.30 -37.15
C PHE H 189 -0.82 -45.71 -38.54
N VAL H 190 -1.93 -45.01 -38.76
CA VAL H 190 -2.15 -44.47 -40.10
C VAL H 190 -1.94 -42.98 -40.21
N ILE H 191 -0.88 -42.60 -40.92
CA ILE H 191 -0.47 -41.19 -41.05
C ILE H 191 -1.26 -40.40 -42.11
N GLU H 192 -1.81 -39.24 -41.71
CA GLU H 192 -2.67 -38.45 -42.60
C GLU H 192 -1.93 -37.75 -43.72
N GLU H 193 -0.81 -37.14 -43.37
CA GLU H 193 -0.03 -36.39 -44.33
C GLU H 193 0.64 -37.33 -45.31
N PRO H 194 0.52 -37.01 -46.60
CA PRO H 194 1.16 -37.71 -47.72
C PRO H 194 2.58 -37.26 -48.08
N LEU H 195 3.41 -38.24 -48.41
CA LEU H 195 4.66 -37.98 -49.09
C LEU H 195 4.35 -37.76 -50.57
N GLU H 196 5.36 -37.47 -51.36
CA GLU H 196 5.12 -37.25 -52.76
C GLU H 196 5.73 -38.35 -53.59
N VAL H 197 5.12 -38.58 -54.74
CA VAL H 197 5.66 -39.54 -55.67
C VAL H 197 5.58 -38.89 -57.03
N SER H 198 6.59 -39.11 -57.85
CA SER H 198 6.52 -38.60 -59.19
C SER H 198 5.50 -39.44 -59.95
N ALA H 199 4.92 -38.87 -61.01
CA ALA H 199 4.06 -39.67 -61.85
C ALA H 199 4.94 -40.76 -62.42
N LYS H 200 6.20 -40.39 -62.63
CA LYS H 200 7.21 -41.29 -63.15
C LYS H 200 7.46 -42.45 -62.22
N GLN H 201 7.77 -42.17 -60.95
CA GLN H 201 8.00 -43.23 -59.99
C GLN H 201 6.75 -44.08 -59.81
N LEU H 202 5.58 -43.44 -59.84
CA LEU H 202 4.28 -44.14 -59.70
C LEU H 202 4.02 -45.18 -60.79
N ALA H 203 4.08 -44.76 -62.06
CA ALA H 203 3.86 -45.67 -63.18
C ALA H 203 4.93 -46.75 -63.17
N GLU H 204 6.11 -46.36 -62.70
CA GLU H 204 7.28 -47.21 -62.55
C GLU H 204 7.11 -48.19 -61.41
N ILE H 205 6.57 -47.71 -60.30
CA ILE H 205 6.29 -48.59 -59.15
C ILE H 205 5.16 -49.57 -59.44
N LYS H 206 4.11 -49.07 -60.10
CA LYS H 206 2.99 -49.93 -60.45
C LYS H 206 3.34 -51.03 -61.45
N LYS H 207 4.24 -50.77 -62.39
CA LYS H 207 4.67 -51.79 -63.35
C LYS H 207 5.43 -52.94 -62.68
N ARG H 208 6.25 -52.64 -61.67
CA ARG H 208 6.97 -53.68 -60.95
C ARG H 208 6.03 -54.66 -60.26
N MET H 209 4.81 -54.20 -60.01
CA MET H 209 3.79 -55.02 -59.38
C MET H 209 2.82 -55.59 -60.40
N LYS H 210 3.30 -55.72 -61.64
CA LYS H 210 2.58 -56.41 -62.70
C LYS H 210 1.30 -55.71 -63.15
N ASN H 211 1.23 -54.41 -62.86
CA ASN H 211 0.08 -53.56 -63.20
C ASN H 211 -1.27 -54.13 -62.71
N SER H 212 -1.18 -54.87 -61.62
CA SER H 212 -2.34 -55.39 -60.92
C SER H 212 -2.39 -54.76 -59.55
N PRO H 213 -3.52 -54.12 -59.22
CA PRO H 213 -3.79 -53.53 -57.91
C PRO H 213 -3.67 -54.55 -56.79
N ASN H 214 -3.09 -54.16 -55.65
CA ASN H 214 -3.10 -55.07 -54.50
C ASN H 214 -3.70 -54.37 -53.28
N GLN H 215 -4.94 -53.90 -53.45
CA GLN H 215 -5.65 -53.21 -52.40
C GLN H 215 -6.81 -54.04 -51.89
N ARG H 216 -6.73 -54.48 -50.64
CA ARG H 216 -7.86 -55.18 -50.06
C ARG H 216 -8.99 -54.19 -49.93
N PRO H 217 -10.20 -54.61 -50.28
CA PRO H 217 -11.34 -53.71 -50.07
C PRO H 217 -11.55 -53.39 -48.59
N VAL H 218 -12.25 -52.30 -48.34
CA VAL H 218 -12.55 -51.90 -46.99
C VAL H 218 -13.32 -53.02 -46.28
N GLN H 219 -12.82 -53.38 -45.10
CA GLN H 219 -13.38 -54.49 -44.35
C GLN H 219 -14.46 -54.05 -43.40
N PRO H 220 -15.27 -55.02 -42.89
CA PRO H 220 -16.30 -54.69 -41.92
C PRO H 220 -15.67 -54.06 -40.70
N ASP H 221 -16.30 -52.99 -40.21
CA ASP H 221 -15.77 -52.28 -39.08
C ASP H 221 -16.61 -52.54 -37.87
N TYR H 222 -16.00 -53.20 -36.89
CA TYR H 222 -16.68 -53.49 -35.65
C TYR H 222 -16.39 -52.42 -34.58
N ASN H 223 -16.74 -51.18 -34.92
CA ASN H 223 -16.59 -50.06 -34.01
C ASN H 223 -15.17 -49.94 -33.50
N THR H 224 -14.23 -49.97 -34.42
CA THR H 224 -12.82 -49.86 -34.11
C THR H 224 -12.51 -48.56 -33.38
N VAL H 225 -11.84 -48.68 -32.26
CA VAL H 225 -11.39 -47.53 -31.51
C VAL H 225 -10.09 -47.06 -32.15
N ILE H 226 -10.11 -45.84 -32.68
CA ILE H 226 -8.95 -45.25 -33.33
C ILE H 226 -8.65 -43.91 -32.68
N ILE H 227 -7.40 -43.65 -32.32
CA ILE H 227 -7.05 -42.31 -31.81
C ILE H 227 -6.16 -41.54 -32.79
N LYS H 228 -6.39 -40.24 -32.84
CA LYS H 228 -5.54 -39.33 -33.62
C LYS H 228 -4.57 -38.58 -32.71
N SER H 229 -3.28 -38.61 -33.07
CA SER H 229 -2.23 -38.00 -32.25
C SER H 229 -1.10 -37.47 -33.13
N SER H 230 0.00 -37.00 -32.52
CA SER H 230 1.14 -36.47 -33.28
C SER H 230 2.46 -36.92 -32.68
N ALA H 231 3.52 -36.87 -33.49
CA ALA H 231 4.83 -37.32 -33.01
C ALA H 231 5.99 -36.76 -33.83
N GLU H 232 7.19 -36.95 -33.31
CA GLU H 232 8.38 -36.52 -34.00
C GLU H 232 9.16 -37.74 -34.53
N THR H 233 9.23 -37.86 -35.84
CA THR H 233 9.85 -39.01 -36.52
C THR H 233 11.35 -38.97 -36.61
N ARG H 234 11.94 -37.86 -36.17
CA ARG H 234 13.35 -37.60 -36.43
C ARG H 234 14.02 -36.92 -35.25
ZN ZN I . 15.88 19.50 0.73
CL CL J . 12.31 24.91 2.03
N1 EZL K . 14.86 17.88 1.31
C2 EZL K . 16.35 13.43 1.58
C3 EZL K . 17.63 13.68 2.14
C4 EZL K . 18.60 12.68 2.11
C5 EZL K . 18.32 11.45 1.54
C8 EZL K . 19.56 9.49 1.16
O1 EZL K . 16.29 18.19 3.39
O2 EZL K . 14.37 17.11 3.69
S1 EZL K . 15.43 17.26 2.72
C1 EZL K . 16.24 15.72 2.42
N2 EZL K . 15.46 14.74 1.76
S2 EZL K . 17.63 15.11 2.69
C6 EZL K . 17.05 11.20 0.98
C7 EZL K . 16.06 12.19 1.01
O3 EZL K . 19.54 10.78 1.72
C9 EZL K . 19.61 8.46 2.27
C1 GOL L . 17.14 15.45 -0.89
O1 GOL L . 16.76 16.37 -1.89
C2 GOL L . 18.52 14.98 -1.25
O2 GOL L . 18.95 15.90 -2.20
C3 GOL L . 19.52 15.08 -0.11
O3 GOL L . 20.75 14.60 -0.59
ZN ZN M . -7.14 6.92 26.64
CL CL N . -3.78 10.59 30.44
N1 EZL O . -6.33 6.86 24.88
C2 EZL O . -8.08 4.84 21.00
C3 EZL O . -9.14 5.75 20.77
C4 EZL O . -10.19 5.42 19.92
C5 EZL O . -10.20 4.17 19.29
C8 EZL O . -11.66 3.10 17.79
O1 EZL O . -7.04 9.01 23.72
O2 EZL O . -5.23 8.01 22.90
S1 EZL O . -6.51 7.69 23.48
C1 EZL O . -7.53 6.79 22.35
N2 EZL O . -7.05 5.49 21.99
S2 EZL O . -8.86 7.02 21.61
C6 EZL O . -9.14 3.26 19.50
C7 EZL O . -8.08 3.61 20.35
O3 EZL O . -11.39 4.25 18.54
C9 EZL O . -12.97 3.29 17.04
C1 GOL P . -10.45 2.54 23.65
O1 GOL P . -11.16 3.62 23.07
C2 GOL P . -9.15 3.07 24.21
O2 GOL P . -9.44 4.25 24.92
C3 GOL P . -8.51 2.06 25.16
O3 GOL P . -7.21 2.47 25.53
ZN ZN Q . 18.55 -16.29 -11.39
CL CL R . 19.28 -23.03 -10.57
N1 EZL S . 17.24 -15.40 -10.21
C2 EZL S . 15.68 -10.97 -9.88
C3 EZL S . 15.49 -10.73 -11.27
C4 EZL S . 15.34 -9.43 -11.73
C5 EZL S . 15.38 -8.36 -10.83
C8 EZL S . 15.21 -6.02 -11.05
O1 EZL S . 15.67 -15.50 -12.21
O2 EZL S . 14.70 -15.54 -10.20
S1 EZL S . 15.82 -14.95 -10.89
C1 EZL S . 15.70 -13.18 -10.93
N2 EZL S . 15.82 -12.53 -9.66
S2 EZL S . 15.48 -12.09 -11.99
C6 EZL S . 15.58 -8.60 -9.46
C7 EZL S . 15.73 -9.91 -8.99
O3 EZL S . 15.19 -7.27 -11.69
C9 EZL S . 14.98 -4.92 -12.07
C1 GOL T . 19.03 -11.07 -12.56
O1 GOL T . 19.41 -9.91 -13.26
C2 GOL T . 19.73 -11.08 -11.24
O2 GOL T . 19.48 -9.82 -10.71
C3 GOL T . 19.01 -12.04 -10.35
O3 GOL T . 19.99 -12.80 -9.70
ZN ZN U . -14.28 -21.22 2.74
ZN ZN V . -15.87 60.66 30.46
CL CL W . -16.94 56.60 25.23
N1 EZL X . -14.25 61.85 30.07
C2 EZL X . -11.94 64.67 33.06
C3 EZL X . -11.88 63.77 34.16
C4 EZL X . -11.57 64.24 35.43
C5 EZL X . -11.34 65.60 35.63
C8 EZL X . -10.72 66.91 37.50
O1 EZL X . -12.91 60.02 31.23
O2 EZL X . -11.78 61.31 29.82
S1 EZL X . -12.85 61.39 30.78
C1 EZL X . -12.44 62.48 32.11
N2 EZL X . -12.29 63.85 31.75
S2 EZL X . -12.18 62.35 33.63
C6 EZL X . -11.40 66.50 34.55
C7 EZL X . -11.70 66.03 33.26
O3 EZL X . -11.08 65.64 37.02
C9 EZL X . -9.27 66.87 37.95
C1 GOL Y . -16.43 65.42 34.32
O1 GOL Y . -16.34 66.30 33.23
C2 GOL Y . -16.59 64.06 33.68
O2 GOL Y . -16.52 64.28 32.30
C3 GOL Y . -15.42 63.21 34.13
O3 GOL Y . -15.29 63.29 35.54
ZN ZN Z . 18.00 61.64 16.66
N1 EZL AA . 16.65 63.00 17.12
C2 EZL AA . 14.49 67.11 15.98
C3 EZL AA . 14.49 66.83 14.58
C4 EZL AA . 14.29 67.85 13.67
C5 EZL AA . 14.11 69.17 14.12
C8 EZL AA . 13.81 71.24 13.06
O1 EZL AA . 14.93 62.06 15.50
O2 EZL AA . 14.15 62.76 17.46
S1 EZL AA . 15.14 63.09 16.49
C1 EZL AA . 14.87 64.71 15.81
N2 EZL AA . 14.73 65.75 16.76
S2 EZL AA . 14.72 65.31 14.40
C6 EZL AA . 14.11 69.44 15.50
C7 EZL AA . 14.30 68.41 16.42
O3 EZL AA . 13.95 69.86 12.91
C9 EZL AA . 13.69 71.89 11.69
ZN ZN BA . -20.34 -61.04 -18.01
CL CL CA . -16.19 -56.32 -14.99
N1 EZL DA . -19.61 -61.80 -19.66
C2 EZL DA . -21.45 -64.59 -22.93
C3 EZL DA . -22.63 -63.86 -23.24
C4 EZL DA . -23.65 -64.46 -23.96
C5 EZL DA . -23.53 -65.79 -24.37
C8 EZL DA . -24.95 -67.31 -25.49
O1 EZL DA . -20.90 -59.97 -20.87
O2 EZL DA . -19.06 -60.67 -21.87
S1 EZL DA . -20.15 -61.17 -21.08
C1 EZL DA . -21.09 -62.38 -21.97
N2 EZL DA . -20.47 -63.65 -22.11
S2 EZL DA . -22.46 -62.44 -22.67
C6 EZL DA . -22.37 -66.52 -24.06
C7 EZL DA . -21.33 -65.91 -23.34
O3 EZL DA . -24.75 -65.98 -25.03
C9 EZL DA . -26.29 -67.40 -26.19
ZN ZN EA . 0.62 -54.12 -46.68
CL CL FA . -2.77 -48.44 -46.63
N1 EZL GA . -0.36 -55.76 -45.88
C2 EZL GA . 1.35 -59.87 -44.56
C3 EZL GA . 2.52 -59.47 -43.83
C4 EZL GA . 3.47 -60.41 -43.50
C5 EZL GA . 3.29 -61.75 -43.87
C8 EZL GA . 4.64 -63.69 -43.72
O1 EZL GA . 1.10 -54.82 -44.03
O2 EZL GA . -0.79 -55.79 -43.37
S1 EZL GA . 0.25 -55.92 -44.36
C1 EZL GA . 1.10 -57.46 -44.20
N2 EZL GA . 0.45 -58.59 -44.79
S2 EZL GA . 2.42 -57.96 -43.58
C6 EZL GA . 2.14 -62.14 -44.58
C7 EZL GA . 1.18 -61.20 -44.92
O3 EZL GA . 4.45 -62.34 -43.35
C9 EZL GA . 5.95 -64.19 -43.17
C1 GOL HA . 3.53 -58.75 -48.10
O1 GOL HA . 2.31 -58.29 -47.56
C2 GOL HA . 4.24 -59.68 -47.13
O2 GOL HA . 4.49 -60.91 -47.77
C3 GOL HA . 5.57 -59.05 -46.70
O3 GOL HA . 6.37 -59.93 -45.94
#